data_6TZJ
#
_entry.id   6TZJ
#
_cell.length_a   88.477
_cell.length_b   80.616
_cell.length_c   105.105
_cell.angle_alpha   90.000
_cell.angle_beta   113.460
_cell.angle_gamma   90.000
#
_symmetry.space_group_name_H-M   'P 1 21 1'
#
loop_
_entity.id
_entity.type
_entity.pdbx_description
1 polymer Beta-lactamase
2 non-polymer '[4-[[(4-methylphenyl)sulfonylamino]methyl]-1,2,3-triazol-1-yl]methyl-phosphonooxy-borinic acid'
3 non-polymer GLYCINE
4 water water
#
_entity_poly.entity_id   1
_entity_poly.type   'polypeptide(L)'
_entity_poly.pdbx_seq_one_letter_code
;MDNTPKDQEIKKLVDQNFKPLLEKYDVPGMAVGVIQNNKKYEMYYGLQSVQDKKAVNSNTIFELGSVSKLFTATAGGYAK
NKGKISFDDTPGKYWKELKNTPIDQVNLLQLATYTSGNLALQFPDEVQTDQQVLTFFKDWKPKNPIGEYRQYSNPSIGLF
GKVVALSMNKPFDQVLEKTIFPALGLKHSYVNVPKTQMQNYAFGYNQENQPIRVNPGPLDAPAYGVKSTLPDMLSFIHAN
LNPQKYPTDIQRAINETHQGRYQVNTMYQALGWEEFSYPATLQTLLDSNSEQIVMKPNKVTAISKEPSVKMYHKTGSTSG
FGTYVVFIPKENIGLVMLTNKRIPNEERIKAAYVVLNAIKK
;
_entity_poly.pdbx_strand_id   A,B,C,D
#
loop_
_chem_comp.id
_chem_comp.type
_chem_comp.name
_chem_comp.formula
PKV non-polymer '[4-[[(4-methylphenyl)sulfonylamino]methyl]-1,2,3-triazol-1-yl]methyl-phosphonooxy-borinic acid' 'C11 H16 B N4 O7 P S'
#
# COMPACT_ATOMS: atom_id res chain seq x y z
N LYS A 6 -2.12 36.51 -9.95
CA LYS A 6 -3.18 36.57 -11.00
C LYS A 6 -4.33 35.62 -10.65
N ASP A 7 -4.03 34.57 -9.88
CA ASP A 7 -5.07 33.62 -9.49
C ASP A 7 -5.96 34.27 -8.46
N GLN A 8 -5.45 35.34 -7.83
CA GLN A 8 -6.25 36.16 -6.92
C GLN A 8 -7.46 36.75 -7.66
N GLU A 9 -7.44 36.71 -9.00
CA GLU A 9 -8.54 37.28 -9.77
C GLU A 9 -9.70 36.29 -9.96
N ILE A 10 -9.51 34.98 -9.78
CA ILE A 10 -10.56 34.00 -10.09
C ILE A 10 -11.80 34.27 -9.24
N LYS A 11 -11.58 34.55 -7.94
CA LYS A 11 -12.71 34.78 -7.05
C LYS A 11 -13.47 36.02 -7.51
N LYS A 12 -12.72 37.07 -7.85
CA LYS A 12 -13.32 38.34 -8.25
C LYS A 12 -14.12 38.15 -9.54
N LEU A 13 -13.57 37.42 -10.53
CA LEU A 13 -14.29 37.18 -11.78
C LEU A 13 -15.61 36.41 -11.53
N VAL A 14 -15.55 35.40 -10.66
CA VAL A 14 -16.75 34.59 -10.40
C VAL A 14 -17.79 35.44 -9.67
N ASP A 15 -17.32 36.25 -8.71
CA ASP A 15 -18.22 37.20 -8.07
C ASP A 15 -18.83 38.15 -9.08
N GLN A 16 -18.04 38.65 -10.05
CA GLN A 16 -18.59 39.64 -10.96
C GLN A 16 -19.65 39.04 -11.88
N ASN A 17 -19.47 37.78 -12.26
CA ASN A 17 -20.24 37.20 -13.36
C ASN A 17 -21.33 36.21 -12.90
N PHE A 18 -21.10 35.53 -11.76
CA PHE A 18 -22.09 34.54 -11.34
C PHE A 18 -22.95 35.08 -10.22
N LYS A 19 -22.32 35.81 -9.29
CA LYS A 19 -23.00 36.22 -8.08
C LYS A 19 -24.25 37.05 -8.39
N PRO A 20 -24.25 37.93 -9.41
CA PRO A 20 -25.45 38.73 -9.67
C PRO A 20 -26.65 37.90 -10.12
N LEU A 21 -26.41 36.64 -10.53
CA LEU A 21 -27.49 35.83 -11.05
C LEU A 21 -28.40 35.41 -9.90
N LEU A 22 -27.83 35.31 -8.69
CA LEU A 22 -28.62 34.95 -7.52
C LEU A 22 -29.76 35.95 -7.32
N GLU A 23 -29.41 37.25 -7.27
CA GLU A 23 -30.41 38.30 -7.09
C GLU A 23 -31.37 38.35 -8.29
N LYS A 24 -30.80 38.26 -9.50
CA LYS A 24 -31.56 38.43 -10.73
C LYS A 24 -32.63 37.36 -10.87
N TYR A 25 -32.31 36.10 -10.50
CA TYR A 25 -33.24 34.99 -10.67
C TYR A 25 -33.80 34.46 -9.35
N ASP A 26 -33.53 35.15 -8.23
CA ASP A 26 -33.96 34.73 -6.90
C ASP A 26 -33.55 33.28 -6.61
N VAL A 27 -32.24 33.01 -6.75
CA VAL A 27 -31.71 31.65 -6.57
C VAL A 27 -31.19 31.56 -5.15
N PRO A 28 -31.65 30.58 -4.34
CA PRO A 28 -31.19 30.48 -2.95
C PRO A 28 -29.71 30.18 -2.79
N GLY A 29 -29.19 29.25 -3.59
CA GLY A 29 -27.83 28.75 -3.40
C GLY A 29 -27.13 28.41 -4.73
N MET A 30 -25.82 28.59 -4.74
CA MET A 30 -25.01 28.31 -5.92
C MET A 30 -23.59 27.90 -5.51
N ALA A 31 -23.01 26.96 -6.27
CA ALA A 31 -21.61 26.59 -6.10
C ALA A 31 -20.96 26.68 -7.48
N VAL A 32 -19.88 27.44 -7.55
CA VAL A 32 -19.14 27.62 -8.80
C VAL A 32 -17.70 27.21 -8.54
N GLY A 33 -17.20 26.32 -9.38
CA GLY A 33 -15.82 25.87 -9.22
C GLY A 33 -15.04 26.09 -10.52
N VAL A 34 -13.77 26.43 -10.35
CA VAL A 34 -12.89 26.57 -11.50
C VAL A 34 -11.70 25.69 -11.19
N ILE A 35 -11.22 25.05 -12.24
CA ILE A 35 -9.97 24.33 -12.13
C ILE A 35 -9.03 24.93 -13.17
N GLN A 36 -7.80 25.27 -12.73
CA GLN A 36 -6.84 25.81 -13.66
C GLN A 36 -5.48 25.24 -13.27
N ASN A 37 -4.86 24.52 -14.22
CA ASN A 37 -3.50 24.05 -14.08
C ASN A 37 -3.40 23.19 -12.84
N ASN A 38 -4.45 22.38 -12.63
CA ASN A 38 -4.47 21.41 -11.56
C ASN A 38 -4.70 22.05 -10.19
N LYS A 39 -5.16 23.32 -10.15
CA LYS A 39 -5.55 23.94 -8.89
C LYS A 39 -7.06 24.20 -8.92
N LYS A 40 -7.75 23.82 -7.84
CA LYS A 40 -9.19 23.95 -7.72
C LYS A 40 -9.53 25.20 -6.93
N TYR A 41 -10.57 25.91 -7.40
CA TYR A 41 -11.11 27.08 -6.72
C TYR A 41 -12.60 26.84 -6.55
N GLU A 42 -13.07 26.91 -5.29
CA GLU A 42 -14.48 26.65 -4.98
C GLU A 42 -15.11 27.91 -4.40
N MET A 43 -16.20 28.35 -5.04
CA MET A 43 -16.90 29.54 -4.57
C MET A 43 -18.33 29.15 -4.21
N TYR A 44 -18.73 29.41 -2.96
CA TYR A 44 -20.07 29.06 -2.48
C TYR A 44 -20.87 30.32 -2.15
N TYR A 45 -22.16 30.28 -2.51
CA TYR A 45 -23.10 31.38 -2.34
C TYR A 45 -24.41 30.87 -1.76
N GLY A 46 -24.96 31.60 -0.79
CA GLY A 46 -26.33 31.35 -0.40
C GLY A 46 -26.54 30.02 0.33
N LEU A 47 -27.75 29.48 0.19
CA LEU A 47 -28.28 28.46 1.09
C LEU A 47 -28.64 27.22 0.27
N GLN A 48 -28.30 26.06 0.85
CA GLN A 48 -28.75 24.80 0.29
C GLN A 48 -30.21 24.53 0.69
N SER A 49 -30.65 25.13 1.82
CA SER A 49 -32.02 25.04 2.33
C SER A 49 -32.43 26.40 2.90
N VAL A 50 -33.45 27.01 2.29
CA VAL A 50 -33.95 28.32 2.72
C VAL A 50 -34.53 28.17 4.14
N GLN A 51 -35.39 27.16 4.33
CA GLN A 51 -36.15 26.98 5.57
C GLN A 51 -35.20 26.64 6.74
N ASP A 52 -34.12 25.92 6.45
CA ASP A 52 -33.16 25.50 7.48
C ASP A 52 -32.04 26.54 7.67
N LYS A 53 -31.99 27.57 6.82
CA LYS A 53 -30.87 28.50 6.81
C LYS A 53 -29.54 27.76 6.79
N LYS A 54 -29.48 26.69 5.99
CA LYS A 54 -28.24 25.93 5.88
C LYS A 54 -27.44 26.40 4.66
N ALA A 55 -26.16 26.71 4.87
CA ALA A 55 -25.29 27.32 3.88
C ALA A 55 -24.86 26.30 2.81
N VAL A 56 -24.66 26.77 1.57
CA VAL A 56 -24.02 25.94 0.56
C VAL A 56 -22.55 25.81 0.94
N ASN A 57 -22.02 24.59 0.87
CA ASN A 57 -20.63 24.35 1.15
C ASN A 57 -20.14 23.13 0.38
N SER A 58 -18.90 22.69 0.67
CA SER A 58 -18.28 21.60 -0.08
C SER A 58 -18.97 20.25 0.12
N ASN A 59 -19.86 20.10 1.13
CA ASN A 59 -20.62 18.88 1.32
C ASN A 59 -21.98 18.95 0.64
N THR A 60 -22.40 20.13 0.14
CA THR A 60 -23.73 20.23 -0.44
C THR A 60 -23.88 19.35 -1.69
N ILE A 61 -24.92 18.50 -1.69
CA ILE A 61 -25.26 17.64 -2.82
C ILE A 61 -26.35 18.30 -3.69
N PHE A 62 -26.06 18.45 -4.99
CA PHE A 62 -27.00 19.00 -5.97
C PHE A 62 -27.39 17.95 -7.00
N GLU A 63 -28.58 18.09 -7.57
CA GLU A 63 -29.01 17.30 -8.71
C GLU A 63 -28.35 17.82 -9.98
N LEU A 64 -27.73 16.91 -10.74
CA LEU A 64 -27.00 17.31 -11.95
C LEU A 64 -27.88 17.35 -13.21
N GLY A 65 -29.08 16.82 -13.10
CA GLY A 65 -29.95 16.68 -14.28
C GLY A 65 -29.20 16.02 -15.44
N SER A 66 -29.31 16.65 -16.64
CA SER A 66 -28.73 16.07 -17.86
C SER A 66 -27.22 15.91 -17.80
N VAL A 67 -26.55 16.63 -16.90
CA VAL A 67 -25.11 16.37 -16.77
C VAL A 67 -24.84 14.91 -16.35
N SER A 68 -25.83 14.23 -15.76
CA SER A 68 -25.83 12.80 -15.50
C SER A 68 -25.47 11.99 -16.77
N LYS A 69 -25.83 12.51 -17.95
CA LYS A 69 -25.57 11.79 -19.21
C LYS A 69 -24.07 11.63 -19.42
N LEU A 70 -23.25 12.49 -18.82
CA LEU A 70 -21.79 12.41 -19.01
C LEU A 70 -21.26 11.17 -18.28
N PHE A 71 -21.91 10.81 -17.16
CA PHE A 71 -21.52 9.62 -16.43
C PHE A 71 -21.96 8.38 -17.20
N THR A 72 -23.16 8.46 -17.77
CA THR A 72 -23.64 7.35 -18.58
C THR A 72 -22.68 7.12 -19.76
N ALA A 73 -22.29 8.21 -20.42
CA ALA A 73 -21.37 8.11 -21.55
C ALA A 73 -20.03 7.51 -21.09
N THR A 74 -19.54 7.92 -19.93
CA THR A 74 -18.28 7.40 -19.39
C THR A 74 -18.41 5.91 -19.10
N ALA A 75 -19.55 5.52 -18.54
CA ALA A 75 -19.83 4.11 -18.25
C ALA A 75 -19.85 3.30 -19.55
N GLY A 76 -20.44 3.86 -20.61
CA GLY A 76 -20.44 3.25 -21.92
C GLY A 76 -19.02 3.10 -22.48
N GLY A 77 -18.20 4.15 -22.32
CA GLY A 77 -16.82 4.13 -22.78
C GLY A 77 -16.01 3.06 -22.04
N TYR A 78 -16.32 2.90 -20.76
CA TYR A 78 -15.62 1.95 -19.93
C TYR A 78 -15.98 0.53 -20.39
N ALA A 79 -17.28 0.28 -20.58
CA ALA A 79 -17.73 -1.04 -20.99
C ALA A 79 -17.20 -1.40 -22.38
N LYS A 80 -17.11 -0.39 -23.26
CA LYS A 80 -16.60 -0.62 -24.61
C LYS A 80 -15.13 -1.01 -24.53
N ASN A 81 -14.38 -0.31 -23.69
CA ASN A 81 -12.94 -0.53 -23.67
C ASN A 81 -12.60 -1.81 -22.92
N LYS A 82 -13.54 -2.33 -22.14
CA LYS A 82 -13.38 -3.63 -21.48
C LYS A 82 -13.86 -4.78 -22.38
N GLY A 83 -14.41 -4.48 -23.56
CA GLY A 83 -14.90 -5.49 -24.48
C GLY A 83 -16.29 -6.00 -24.12
N LYS A 84 -17.03 -5.29 -23.25
CA LYS A 84 -18.34 -5.75 -22.80
C LYS A 84 -19.41 -5.39 -23.82
N ILE A 85 -19.20 -4.31 -24.57
CA ILE A 85 -20.08 -3.93 -25.66
C ILE A 85 -19.22 -3.46 -26.83
N SER A 86 -19.84 -3.41 -28.01
CA SER A 86 -19.36 -2.67 -29.15
C SER A 86 -20.40 -1.60 -29.51
N PHE A 87 -19.95 -0.44 -29.98
CA PHE A 87 -20.87 0.61 -30.36
C PHE A 87 -21.68 0.25 -31.61
N ASP A 88 -21.26 -0.82 -32.31
CA ASP A 88 -21.96 -1.32 -33.49
C ASP A 88 -23.07 -2.31 -33.12
N ASP A 89 -23.10 -2.77 -31.87
CA ASP A 89 -24.13 -3.70 -31.44
C ASP A 89 -25.47 -2.99 -31.39
N THR A 90 -26.52 -3.81 -31.35
CA THR A 90 -27.88 -3.34 -31.18
C THR A 90 -28.39 -3.76 -29.79
N PRO A 91 -29.43 -3.10 -29.25
CA PRO A 91 -29.85 -3.32 -27.87
C PRO A 91 -30.26 -4.76 -27.54
N GLY A 92 -30.84 -5.42 -28.56
CA GLY A 92 -31.41 -6.76 -28.46
C GLY A 92 -30.34 -7.81 -28.16
N LYS A 93 -29.08 -7.49 -28.49
CA LYS A 93 -27.98 -8.36 -28.10
C LYS A 93 -27.88 -8.44 -26.58
N TYR A 94 -28.40 -7.45 -25.85
CA TYR A 94 -28.22 -7.37 -24.41
C TYR A 94 -29.55 -7.49 -23.68
N TRP A 95 -30.57 -6.78 -24.21
CA TRP A 95 -31.90 -6.90 -23.65
C TRP A 95 -32.69 -7.83 -24.57
N LYS A 96 -32.71 -9.12 -24.22
CA LYS A 96 -33.13 -10.23 -25.09
C LYS A 96 -34.54 -9.98 -25.63
N GLU A 97 -35.44 -9.44 -24.79
CA GLU A 97 -36.81 -9.15 -25.17
C GLU A 97 -36.89 -8.16 -26.34
N LEU A 98 -35.79 -7.46 -26.68
CA LEU A 98 -35.85 -6.54 -27.81
C LEU A 98 -35.26 -7.12 -29.10
N LYS A 99 -34.58 -8.28 -29.00
CA LYS A 99 -34.05 -8.99 -30.17
C LYS A 99 -35.14 -9.05 -31.24
N ASN A 100 -34.78 -8.65 -32.46
CA ASN A 100 -35.59 -8.87 -33.67
C ASN A 100 -36.80 -7.95 -33.69
N THR A 101 -36.78 -6.90 -32.86
CA THR A 101 -37.77 -5.84 -32.90
C THR A 101 -37.19 -4.69 -33.73
N PRO A 102 -38.01 -3.71 -34.17
CA PRO A 102 -37.49 -2.61 -34.97
C PRO A 102 -36.39 -1.78 -34.28
N ILE A 103 -36.46 -1.60 -32.96
CA ILE A 103 -35.44 -0.84 -32.23
C ILE A 103 -34.11 -1.60 -32.26
N ASP A 104 -34.16 -2.91 -32.54
CA ASP A 104 -32.95 -3.71 -32.63
C ASP A 104 -32.19 -3.45 -33.93
N GLN A 105 -32.68 -2.50 -34.76
CA GLN A 105 -31.94 -2.02 -35.93
C GLN A 105 -31.15 -0.75 -35.62
N VAL A 106 -31.33 -0.21 -34.41
CA VAL A 106 -30.54 0.95 -34.01
C VAL A 106 -29.33 0.45 -33.22
N ASN A 107 -28.15 1.03 -33.50
CA ASN A 107 -26.93 0.63 -32.78
C ASN A 107 -26.76 1.47 -31.51
N LEU A 108 -25.82 1.05 -30.63
CA LEU A 108 -25.70 1.64 -29.31
C LEU A 108 -25.21 3.07 -29.41
N LEU A 109 -24.32 3.36 -30.39
CA LEU A 109 -23.86 4.72 -30.60
C LEU A 109 -25.03 5.63 -30.99
N GLN A 110 -25.88 5.16 -31.89
CA GLN A 110 -27.03 5.96 -32.30
C GLN A 110 -27.99 6.21 -31.13
N LEU A 111 -28.17 5.23 -30.24
CA LEU A 111 -28.96 5.49 -29.04
C LEU A 111 -28.29 6.55 -28.14
N ALA A 112 -26.99 6.38 -27.89
CA ALA A 112 -26.24 7.27 -27.02
C ALA A 112 -26.22 8.69 -27.57
N THR A 113 -26.30 8.86 -28.91
CA THR A 113 -26.16 10.17 -29.53
C THR A 113 -27.45 10.63 -30.21
N TYR A 114 -28.58 10.02 -29.84
CA TYR A 114 -29.92 10.57 -30.06
C TYR A 114 -30.37 10.50 -31.52
N THR A 115 -29.90 9.48 -32.27
CA THR A 115 -30.14 9.44 -33.71
C THR A 115 -30.95 8.24 -34.18
N SER A 116 -31.78 7.69 -33.30
CA SER A 116 -32.69 6.59 -33.64
C SER A 116 -33.68 7.02 -34.72
N GLY A 117 -33.98 8.33 -34.78
CA GLY A 117 -34.92 8.88 -35.73
C GLY A 117 -36.38 8.85 -35.27
N ASN A 118 -36.68 8.30 -34.07
CA ASN A 118 -38.03 8.41 -33.55
C ASN A 118 -38.10 8.33 -32.02
N LEU A 119 -37.30 9.14 -31.31
CA LEU A 119 -37.40 9.19 -29.86
C LEU A 119 -37.35 10.66 -29.44
N ALA A 120 -38.34 11.07 -28.63
CA ALA A 120 -38.51 12.48 -28.28
C ALA A 120 -37.76 12.77 -26.97
N LEU A 121 -37.87 14.00 -26.46
CA LEU A 121 -37.17 14.35 -25.24
C LEU A 121 -37.54 13.43 -24.07
N GLN A 122 -38.84 13.17 -23.90
CA GLN A 122 -39.32 12.42 -22.74
C GLN A 122 -40.06 11.17 -23.19
N PHE A 123 -40.10 10.15 -22.31
CA PHE A 123 -41.08 9.10 -22.52
C PHE A 123 -42.48 9.72 -22.39
N PRO A 124 -43.56 9.07 -22.85
CA PRO A 124 -44.93 9.48 -22.44
C PRO A 124 -45.18 9.40 -20.94
N ASP A 125 -46.01 10.31 -20.39
CA ASP A 125 -46.22 10.40 -18.94
C ASP A 125 -46.70 9.08 -18.38
N GLU A 126 -47.50 8.36 -19.18
CA GLU A 126 -48.10 7.08 -18.84
C GLU A 126 -47.07 5.96 -18.70
N VAL A 127 -45.86 6.14 -19.28
CA VAL A 127 -44.82 5.12 -19.18
C VAL A 127 -44.08 5.33 -17.87
N GLN A 128 -44.17 4.33 -16.98
CA GLN A 128 -43.63 4.48 -15.64
C GLN A 128 -42.91 3.21 -15.18
N THR A 129 -43.57 2.06 -15.35
CA THR A 129 -43.07 0.82 -14.75
C THR A 129 -42.06 0.19 -15.70
N ASP A 130 -41.32 -0.81 -15.18
CA ASP A 130 -40.38 -1.58 -15.97
C ASP A 130 -41.11 -2.17 -17.19
N GLN A 131 -42.33 -2.67 -16.92
CA GLN A 131 -43.11 -3.38 -17.92
C GLN A 131 -43.53 -2.40 -19.02
N GLN A 132 -43.92 -1.20 -18.63
CA GLN A 132 -44.36 -0.19 -19.60
C GLN A 132 -43.18 0.26 -20.48
N VAL A 133 -41.99 0.29 -19.87
CA VAL A 133 -40.78 0.70 -20.58
C VAL A 133 -40.46 -0.34 -21.65
N LEU A 134 -40.43 -1.62 -21.23
CA LEU A 134 -40.17 -2.69 -22.18
C LEU A 134 -41.15 -2.59 -23.36
N THR A 135 -42.43 -2.44 -23.04
CA THR A 135 -43.50 -2.43 -24.02
C THR A 135 -43.31 -1.26 -24.98
N PHE A 136 -42.97 -0.10 -24.42
CA PHE A 136 -42.70 1.10 -25.22
C PHE A 136 -41.66 0.79 -26.29
N PHE A 137 -40.58 0.11 -25.91
CA PHE A 137 -39.47 -0.15 -26.81
C PHE A 137 -39.79 -1.28 -27.81
N LYS A 138 -40.61 -2.24 -27.37
CA LYS A 138 -41.03 -3.34 -28.24
C LYS A 138 -41.97 -2.85 -29.33
N ASP A 139 -42.81 -1.86 -28.98
CA ASP A 139 -43.81 -1.29 -29.89
C ASP A 139 -43.17 -0.24 -30.79
N TRP A 140 -41.88 0.04 -30.57
CA TRP A 140 -41.26 1.17 -31.25
C TRP A 140 -41.14 0.83 -32.72
N LYS A 141 -41.37 1.84 -33.56
CA LYS A 141 -41.19 1.73 -35.00
C LYS A 141 -40.41 2.96 -35.49
N PRO A 142 -39.56 2.81 -36.52
CA PRO A 142 -38.79 3.95 -37.01
C PRO A 142 -39.63 5.04 -37.66
N LYS A 143 -39.07 6.26 -37.74
CA LYS A 143 -39.70 7.35 -38.44
C LYS A 143 -38.72 7.95 -39.44
N ASN A 144 -37.77 8.76 -38.96
CA ASN A 144 -36.72 9.27 -39.83
C ASN A 144 -35.72 8.13 -40.09
N PRO A 145 -34.91 8.20 -41.17
CA PRO A 145 -33.85 7.20 -41.41
C PRO A 145 -32.88 7.15 -40.23
N ILE A 146 -32.60 5.93 -39.78
CA ILE A 146 -31.81 5.69 -38.58
C ILE A 146 -30.42 6.25 -38.79
N GLY A 147 -29.98 7.09 -37.84
CA GLY A 147 -28.63 7.61 -37.89
C GLY A 147 -28.59 9.02 -38.46
N GLU A 148 -29.67 9.45 -39.11
CA GLU A 148 -29.60 10.67 -39.90
C GLU A 148 -30.04 11.94 -39.14
N TYR A 149 -30.99 11.81 -38.22
CA TYR A 149 -31.55 12.93 -37.46
C TYR A 149 -31.27 12.83 -35.96
N ARG A 150 -30.83 13.96 -35.40
CA ARG A 150 -30.63 14.09 -33.96
C ARG A 150 -31.90 14.69 -33.34
N GLN A 151 -32.46 13.95 -32.37
CA GLN A 151 -33.43 14.58 -31.51
C GLN A 151 -33.08 14.25 -30.06
N TYR A 152 -32.73 15.29 -29.32
CA TYR A 152 -32.24 15.10 -27.96
C TYR A 152 -33.29 14.34 -27.17
N SER A 153 -32.87 13.31 -26.43
CA SER A 153 -33.83 12.34 -25.94
C SER A 153 -33.36 11.63 -24.68
N ASN A 154 -34.19 11.69 -23.62
CA ASN A 154 -33.94 10.94 -22.40
C ASN A 154 -34.10 9.45 -22.62
N PRO A 155 -35.20 8.99 -23.27
CA PRO A 155 -35.33 7.58 -23.52
C PRO A 155 -34.16 6.96 -24.29
N SER A 156 -33.66 7.69 -25.29
CA SER A 156 -32.61 7.19 -26.19
C SER A 156 -31.34 6.84 -25.39
N ILE A 157 -30.85 7.82 -24.62
CA ILE A 157 -29.63 7.54 -23.85
C ILE A 157 -29.96 6.70 -22.62
N GLY A 158 -31.21 6.76 -22.13
CA GLY A 158 -31.62 5.87 -21.05
C GLY A 158 -31.54 4.40 -21.49
N LEU A 159 -31.95 4.11 -22.74
CA LEU A 159 -31.84 2.72 -23.20
C LEU A 159 -30.36 2.32 -23.32
N PHE A 160 -29.56 3.25 -23.86
CA PHE A 160 -28.11 3.09 -23.92
C PHE A 160 -27.59 2.69 -22.53
N GLY A 161 -27.95 3.49 -21.50
CA GLY A 161 -27.45 3.19 -20.17
C GLY A 161 -27.89 1.82 -19.66
N LYS A 162 -29.16 1.46 -19.94
CA LYS A 162 -29.68 0.18 -19.47
C LYS A 162 -28.90 -0.98 -20.11
N VAL A 163 -28.53 -0.82 -21.38
CA VAL A 163 -27.82 -1.87 -22.13
C VAL A 163 -26.39 -1.96 -21.59
N VAL A 164 -25.77 -0.80 -21.31
CA VAL A 164 -24.43 -0.78 -20.69
C VAL A 164 -24.45 -1.60 -19.39
N ALA A 165 -25.49 -1.38 -18.58
CA ALA A 165 -25.59 -2.04 -17.29
C ALA A 165 -25.73 -3.55 -17.51
N LEU A 166 -26.62 -3.94 -18.44
CA LEU A 166 -26.80 -5.36 -18.73
C LEU A 166 -25.48 -5.99 -19.13
N SER A 167 -24.70 -5.28 -19.95
CA SER A 167 -23.44 -5.81 -20.44
C SER A 167 -22.45 -6.02 -19.29
N MET A 168 -22.63 -5.29 -18.19
CA MET A 168 -21.72 -5.40 -17.06
C MET A 168 -22.34 -6.24 -15.94
N ASN A 169 -23.51 -6.84 -16.22
CA ASN A 169 -24.23 -7.72 -15.31
C ASN A 169 -24.50 -7.06 -13.96
N LYS A 170 -24.87 -5.77 -13.95
CA LYS A 170 -25.17 -5.08 -12.71
C LYS A 170 -26.20 -3.99 -12.99
N PRO A 171 -27.06 -3.60 -12.03
CA PRO A 171 -28.04 -2.56 -12.33
C PRO A 171 -27.25 -1.26 -12.51
N PHE A 172 -27.82 -0.33 -13.28
CA PHE A 172 -27.08 0.85 -13.70
C PHE A 172 -26.59 1.64 -12.49
N ASP A 173 -27.39 1.69 -11.41
CA ASP A 173 -27.00 2.48 -10.25
C ASP A 173 -25.66 1.96 -9.67
N GLN A 174 -25.49 0.64 -9.70
CA GLN A 174 -24.32 -0.02 -9.14
C GLN A 174 -23.13 0.13 -10.09
N VAL A 175 -23.39 0.15 -11.40
CA VAL A 175 -22.31 0.45 -12.34
C VAL A 175 -21.65 1.78 -11.95
N LEU A 176 -22.46 2.81 -11.70
CA LEU A 176 -21.89 4.11 -11.35
C LEU A 176 -21.30 4.09 -9.94
N GLU A 177 -22.07 3.61 -8.95
CA GLU A 177 -21.67 3.79 -7.55
C GLU A 177 -20.52 2.83 -7.19
N LYS A 178 -20.47 1.65 -7.81
CA LYS A 178 -19.46 0.68 -7.39
C LYS A 178 -18.28 0.65 -8.35
N THR A 179 -18.46 1.11 -9.60
CA THR A 179 -17.39 0.99 -10.58
C THR A 179 -16.87 2.33 -11.06
N ILE A 180 -17.75 3.17 -11.63
CA ILE A 180 -17.33 4.36 -12.33
C ILE A 180 -16.94 5.48 -11.33
N PHE A 181 -17.81 5.79 -10.36
CA PHE A 181 -17.46 6.85 -9.44
C PHE A 181 -16.16 6.55 -8.68
N PRO A 182 -15.94 5.34 -8.12
CA PRO A 182 -14.67 5.08 -7.44
C PRO A 182 -13.47 5.18 -8.38
N ALA A 183 -13.61 4.73 -9.63
CA ALA A 183 -12.49 4.83 -10.57
C ALA A 183 -12.11 6.29 -10.81
N LEU A 184 -13.09 7.21 -10.77
CA LEU A 184 -12.86 8.64 -10.93
C LEU A 184 -12.44 9.31 -9.62
N GLY A 185 -12.50 8.59 -8.50
CA GLY A 185 -12.10 9.16 -7.22
C GLY A 185 -13.18 10.07 -6.63
N LEU A 186 -14.45 9.85 -7.00
CA LEU A 186 -15.53 10.68 -6.49
C LEU A 186 -16.01 10.05 -5.17
N LYS A 187 -16.20 10.90 -4.17
CA LYS A 187 -16.51 10.40 -2.83
C LYS A 187 -17.95 10.69 -2.45
N HIS A 188 -18.58 11.70 -3.08
CA HIS A 188 -19.93 12.05 -2.67
C HIS A 188 -20.82 12.23 -3.91
N SER A 189 -20.72 11.27 -4.83
CA SER A 189 -21.58 11.28 -6.00
C SER A 189 -22.49 10.05 -5.94
N TYR A 190 -23.77 10.23 -6.29
CA TYR A 190 -24.76 9.19 -6.04
C TYR A 190 -25.83 9.17 -7.11
N VAL A 191 -26.33 7.95 -7.40
CA VAL A 191 -27.64 7.80 -8.02
C VAL A 191 -28.71 7.84 -6.91
N ASN A 192 -28.46 7.14 -5.80
CA ASN A 192 -29.35 7.12 -4.63
C ASN A 192 -28.60 7.69 -3.44
N VAL A 193 -29.03 8.86 -2.97
CA VAL A 193 -28.33 9.49 -1.87
C VAL A 193 -28.66 8.71 -0.60
N PRO A 194 -27.64 8.17 0.13
CA PRO A 194 -27.91 7.34 1.30
C PRO A 194 -28.42 8.18 2.48
N LYS A 195 -29.10 7.52 3.44
CA LYS A 195 -29.61 8.17 4.64
C LYS A 195 -28.55 9.06 5.30
N THR A 196 -27.31 8.59 5.37
CA THR A 196 -26.24 9.27 6.09
C THR A 196 -25.79 10.58 5.42
N GLN A 197 -26.26 10.81 4.18
CA GLN A 197 -25.95 12.02 3.43
C GLN A 197 -27.19 12.87 3.21
N MET A 198 -28.38 12.44 3.67
CA MET A 198 -29.59 13.19 3.34
C MET A 198 -29.54 14.62 3.85
N GLN A 199 -28.87 14.85 5.00
CA GLN A 199 -28.68 16.19 5.55
C GLN A 199 -27.89 17.10 4.59
N ASN A 200 -27.13 16.50 3.66
CA ASN A 200 -26.30 17.29 2.76
C ASN A 200 -27.00 17.59 1.43
N TYR A 201 -28.15 16.95 1.19
CA TYR A 201 -28.84 17.03 -0.08
C TYR A 201 -29.61 18.36 -0.06
N ALA A 202 -29.24 19.30 -0.92
CA ALA A 202 -29.94 20.56 -1.08
C ALA A 202 -31.41 20.28 -1.40
N PHE A 203 -32.28 21.21 -0.99
CA PHE A 203 -33.55 21.31 -1.68
C PHE A 203 -33.31 22.02 -3.01
N GLY A 204 -34.02 21.58 -4.06
CA GLY A 204 -34.16 22.40 -5.25
C GLY A 204 -35.35 23.35 -5.04
N TYR A 205 -35.44 24.36 -5.87
CA TYR A 205 -36.54 25.31 -5.75
C TYR A 205 -37.11 25.57 -7.11
N ASN A 206 -38.44 25.44 -7.22
CA ASN A 206 -39.05 25.55 -8.53
C ASN A 206 -39.26 27.03 -8.87
N GLN A 207 -40.01 27.28 -9.95
CA GLN A 207 -40.16 28.65 -10.44
C GLN A 207 -41.12 29.44 -9.54
N GLU A 208 -41.76 28.77 -8.58
CA GLU A 208 -42.58 29.43 -7.57
C GLU A 208 -41.85 29.43 -6.22
N ASN A 209 -40.56 29.12 -6.24
CA ASN A 209 -39.71 29.16 -5.05
C ASN A 209 -40.14 28.14 -3.98
N GLN A 210 -40.80 27.07 -4.42
N GLN A 210 -40.80 27.06 -4.41
CA GLN A 210 -41.17 25.96 -3.54
CA GLN A 210 -41.15 25.97 -3.52
C GLN A 210 -40.03 24.93 -3.56
C GLN A 210 -40.02 24.93 -3.56
N PRO A 211 -39.67 24.34 -2.39
CA PRO A 211 -38.63 23.32 -2.32
C PRO A 211 -39.12 22.02 -2.98
N ILE A 212 -38.22 21.37 -3.73
CA ILE A 212 -38.63 20.28 -4.60
C ILE A 212 -37.38 19.43 -4.78
N ARG A 213 -37.61 18.14 -5.04
CA ARG A 213 -36.50 17.30 -5.47
C ARG A 213 -37.01 16.48 -6.65
N VAL A 214 -36.09 15.86 -7.40
CA VAL A 214 -36.43 15.12 -8.60
C VAL A 214 -37.30 13.91 -8.24
N ASN A 215 -38.30 13.63 -9.08
CA ASN A 215 -39.18 12.48 -8.86
C ASN A 215 -38.60 11.27 -9.60
N PRO A 216 -38.72 10.04 -9.06
CA PRO A 216 -38.42 8.82 -9.83
C PRO A 216 -39.16 8.81 -11.16
N GLY A 217 -38.50 8.31 -12.21
CA GLY A 217 -39.13 8.19 -13.52
C GLY A 217 -38.49 7.03 -14.30
N PRO A 218 -39.05 6.65 -15.46
CA PRO A 218 -38.53 5.52 -16.25
C PRO A 218 -37.13 5.86 -16.80
N LEU A 219 -36.18 4.93 -16.56
CA LEU A 219 -34.75 5.06 -16.87
C LEU A 219 -34.21 6.46 -16.50
N ASP A 220 -34.55 6.90 -15.30
CA ASP A 220 -34.16 8.21 -14.83
C ASP A 220 -32.65 8.31 -14.59
N ALA A 221 -32.06 7.28 -13.97
CA ALA A 221 -30.68 7.32 -13.54
C ALA A 221 -29.74 7.68 -14.70
N PRO A 222 -29.75 6.95 -15.84
CA PRO A 222 -28.86 7.30 -16.94
C PRO A 222 -29.11 8.62 -17.66
N ALA A 223 -30.33 9.14 -17.57
CA ALA A 223 -30.70 10.34 -18.30
C ALA A 223 -30.49 11.59 -17.46
N TYR A 224 -30.84 11.55 -16.16
CA TYR A 224 -30.82 12.79 -15.38
C TYR A 224 -30.80 12.51 -13.88
N GLY A 225 -30.33 11.34 -13.45
CA GLY A 225 -30.52 10.96 -12.04
C GLY A 225 -29.31 10.98 -11.09
N VAL A 226 -28.19 11.60 -11.48
CA VAL A 226 -27.04 11.63 -10.60
C VAL A 226 -27.08 12.92 -9.77
N LYS A 227 -26.58 12.81 -8.54
CA LYS A 227 -26.41 13.92 -7.60
C LYS A 227 -24.94 13.96 -7.18
N SER A 228 -24.39 15.18 -6.98
CA SER A 228 -22.96 15.28 -6.66
C SER A 228 -22.66 16.61 -5.96
N THR A 229 -21.42 16.76 -5.49
CA THR A 229 -20.94 17.95 -4.78
C THR A 229 -20.03 18.74 -5.72
N LEU A 230 -19.72 20.01 -5.37
CA LEU A 230 -18.84 20.78 -6.23
C LEU A 230 -17.45 20.15 -6.29
N PRO A 231 -16.87 19.69 -5.17
CA PRO A 231 -15.53 19.10 -5.22
C PRO A 231 -15.48 17.86 -6.13
N ASP A 232 -16.50 17.01 -6.04
CA ASP A 232 -16.57 15.85 -6.93
C ASP A 232 -16.67 16.26 -8.40
N MET A 233 -17.54 17.22 -8.71
CA MET A 233 -17.60 17.64 -10.11
C MET A 233 -16.28 18.27 -10.58
N LEU A 234 -15.55 19.01 -9.71
CA LEU A 234 -14.24 19.49 -10.12
C LEU A 234 -13.27 18.35 -10.39
N SER A 235 -13.33 17.29 -9.57
CA SER A 235 -12.53 16.10 -9.81
C SER A 235 -12.88 15.47 -11.13
N PHE A 236 -14.16 15.47 -11.49
CA PHE A 236 -14.61 14.90 -12.77
C PHE A 236 -14.05 15.74 -13.92
N ILE A 237 -14.10 17.07 -13.78
CA ILE A 237 -13.53 17.91 -14.83
C ILE A 237 -12.02 17.66 -14.90
N HIS A 238 -11.39 17.50 -13.72
CA HIS A 238 -9.94 17.29 -13.69
C HIS A 238 -9.58 16.02 -14.48
N ALA A 239 -10.35 14.96 -14.30
CA ALA A 239 -10.17 13.69 -15.02
C ALA A 239 -10.33 13.89 -16.52
N ASN A 240 -11.27 14.75 -16.92
CA ASN A 240 -11.48 15.07 -18.33
C ASN A 240 -10.32 15.87 -18.92
N LEU A 241 -9.73 16.77 -18.10
CA LEU A 241 -8.65 17.61 -18.56
C LEU A 241 -7.32 16.83 -18.53
N ASN A 242 -7.19 15.89 -17.58
CA ASN A 242 -5.88 15.34 -17.27
C ASN A 242 -6.02 13.85 -17.00
N PRO A 243 -6.47 13.03 -17.98
CA PRO A 243 -6.78 11.63 -17.74
C PRO A 243 -5.56 10.76 -17.39
N GLN A 244 -4.35 11.29 -17.61
CA GLN A 244 -3.11 10.54 -17.48
C GLN A 244 -2.94 9.99 -16.07
N LYS A 245 -3.45 10.69 -15.05
CA LYS A 245 -3.27 10.26 -13.68
C LYS A 245 -4.16 9.07 -13.33
N TYR A 246 -5.14 8.77 -14.19
CA TYR A 246 -6.22 7.86 -13.82
C TYR A 246 -5.90 6.46 -14.32
N PRO A 247 -6.58 5.41 -13.77
CA PRO A 247 -6.38 4.04 -14.23
C PRO A 247 -6.64 3.96 -15.73
N THR A 248 -5.88 3.10 -16.39
CA THR A 248 -5.94 2.94 -17.84
C THR A 248 -7.39 2.77 -18.32
N ASP A 249 -8.18 1.96 -17.61
CA ASP A 249 -9.53 1.63 -18.02
C ASP A 249 -10.43 2.87 -18.07
N ILE A 250 -10.31 3.72 -17.05
CA ILE A 250 -11.17 4.91 -16.97
C ILE A 250 -10.60 5.96 -17.92
N GLN A 251 -9.27 5.93 -18.11
CA GLN A 251 -8.62 6.80 -19.07
C GLN A 251 -9.18 6.58 -20.48
N ARG A 252 -9.29 5.31 -20.89
CA ARG A 252 -9.84 5.00 -22.20
C ARG A 252 -11.33 5.40 -22.26
N ALA A 253 -12.04 5.19 -21.17
CA ALA A 253 -13.45 5.55 -21.08
C ALA A 253 -13.62 7.06 -21.30
N ILE A 254 -12.82 7.87 -20.59
CA ILE A 254 -12.84 9.31 -20.74
C ILE A 254 -12.54 9.73 -22.16
N ASN A 255 -11.44 9.21 -22.74
CA ASN A 255 -11.08 9.49 -24.13
C ASN A 255 -12.23 9.18 -25.09
N GLU A 256 -12.92 8.07 -24.85
CA GLU A 256 -14.04 7.65 -25.67
C GLU A 256 -15.12 8.74 -25.68
N THR A 257 -15.31 9.46 -24.56
CA THR A 257 -16.38 10.44 -24.50
C THR A 257 -16.04 11.71 -25.22
N HIS A 258 -14.75 11.90 -25.53
CA HIS A 258 -14.30 13.13 -26.16
C HIS A 258 -14.36 13.07 -27.71
N GLN A 259 -14.65 11.88 -28.25
CA GLN A 259 -14.55 11.68 -29.70
C GLN A 259 -15.85 12.21 -30.33
N GLY A 260 -15.75 13.25 -31.17
CA GLY A 260 -16.92 13.74 -31.87
C GLY A 260 -17.44 12.66 -32.81
N ARG A 261 -18.76 12.55 -32.95
CA ARG A 261 -19.36 11.44 -33.69
C ARG A 261 -20.00 11.97 -34.98
N TYR A 262 -20.58 13.17 -34.89
CA TYR A 262 -21.20 13.81 -36.03
C TYR A 262 -21.30 15.30 -35.71
N GLN A 263 -21.73 16.10 -36.69
CA GLN A 263 -21.83 17.53 -36.49
C GLN A 263 -23.24 18.01 -36.78
N VAL A 264 -23.65 19.07 -36.06
CA VAL A 264 -24.81 19.86 -36.46
C VAL A 264 -24.32 21.31 -36.51
N ASN A 265 -23.90 21.74 -37.72
CA ASN A 265 -23.13 22.96 -37.91
C ASN A 265 -21.98 23.06 -36.91
N THR A 266 -21.94 24.14 -36.12
CA THR A 266 -20.81 24.37 -35.24
C THR A 266 -20.85 23.53 -33.95
N MET A 267 -21.90 22.72 -33.74
CA MET A 267 -21.91 21.80 -32.58
C MET A 267 -21.57 20.37 -32.99
N TYR A 268 -20.55 19.77 -32.36
CA TYR A 268 -20.22 18.39 -32.63
C TYR A 268 -20.79 17.59 -31.45
N GLN A 269 -21.39 16.45 -31.77
CA GLN A 269 -21.94 15.61 -30.74
C GLN A 269 -20.89 14.54 -30.43
N ALA A 270 -20.34 14.60 -29.22
CA ALA A 270 -19.53 13.52 -28.69
C ALA A 270 -20.43 12.61 -27.84
N LEU A 271 -19.84 11.72 -27.04
CA LEU A 271 -20.63 10.87 -26.16
C LEU A 271 -20.95 11.63 -24.88
N GLY A 272 -22.23 12.00 -24.71
CA GLY A 272 -22.61 12.84 -23.59
C GLY A 272 -22.26 14.29 -23.83
N TRP A 273 -20.95 14.57 -23.97
CA TRP A 273 -20.46 15.92 -24.13
C TRP A 273 -20.87 16.51 -25.48
N GLU A 274 -21.18 17.80 -25.48
CA GLU A 274 -21.11 18.60 -26.71
C GLU A 274 -19.68 19.10 -26.90
N GLU A 275 -19.24 19.14 -28.16
CA GLU A 275 -17.87 19.53 -28.51
C GLU A 275 -17.90 20.70 -29.49
N PHE A 276 -16.92 21.60 -29.36
CA PHE A 276 -16.79 22.76 -30.24
C PHE A 276 -15.34 23.01 -30.56
N SER A 277 -15.13 23.67 -31.70
CA SER A 277 -13.82 24.20 -32.00
C SER A 277 -13.50 25.31 -30.98
N TYR A 278 -12.27 25.30 -30.48
CA TYR A 278 -11.83 26.35 -29.56
C TYR A 278 -10.83 27.24 -30.28
N PRO A 279 -10.91 28.58 -30.13
CA PRO A 279 -11.94 29.22 -29.28
C PRO A 279 -13.28 29.25 -29.99
N ALA A 280 -14.34 29.21 -29.20
CA ALA A 280 -15.71 29.24 -29.70
C ALA A 280 -16.28 30.63 -29.45
N THR A 281 -17.07 31.12 -30.40
CA THR A 281 -17.76 32.38 -30.17
C THR A 281 -18.85 32.16 -29.11
N LEU A 282 -19.24 33.24 -28.44
CA LEU A 282 -20.32 33.13 -27.46
C LEU A 282 -21.57 32.56 -28.13
N GLN A 283 -21.88 33.02 -29.35
CA GLN A 283 -23.11 32.63 -30.03
C GLN A 283 -23.07 31.13 -30.38
N THR A 284 -21.89 30.59 -30.72
CA THR A 284 -21.76 29.15 -30.95
C THR A 284 -22.22 28.41 -29.68
N LEU A 285 -21.72 28.84 -28.51
CA LEU A 285 -21.96 28.09 -27.29
C LEU A 285 -23.43 28.23 -26.89
N LEU A 286 -23.98 29.44 -27.09
CA LEU A 286 -25.38 29.67 -26.72
C LEU A 286 -26.30 28.88 -27.63
N ASP A 287 -26.05 28.93 -28.94
CA ASP A 287 -26.94 28.30 -29.90
C ASP A 287 -26.92 26.77 -29.77
N SER A 288 -25.90 26.18 -29.14
CA SER A 288 -25.93 24.75 -28.92
C SER A 288 -27.14 24.35 -28.07
N ASN A 289 -27.68 25.29 -27.29
CA ASN A 289 -28.81 24.98 -26.44
C ASN A 289 -30.06 25.76 -26.87
N SER A 290 -30.11 26.13 -28.17
CA SER A 290 -31.28 26.77 -28.73
C SER A 290 -32.47 25.80 -28.76
N GLU A 291 -33.69 26.35 -28.83
CA GLU A 291 -34.92 25.60 -29.00
C GLU A 291 -34.79 24.60 -30.16
N GLN A 292 -34.23 25.10 -31.28
CA GLN A 292 -34.11 24.32 -32.49
C GLN A 292 -33.28 23.05 -32.25
N ILE A 293 -32.16 23.20 -31.51
CA ILE A 293 -31.23 22.08 -31.33
C ILE A 293 -31.76 21.14 -30.25
N VAL A 294 -32.29 21.72 -29.15
CA VAL A 294 -32.67 20.91 -28.00
C VAL A 294 -34.01 20.21 -28.20
N MET A 295 -34.96 20.91 -28.88
CA MET A 295 -36.36 20.50 -28.84
C MET A 295 -36.85 19.90 -30.17
N LYS A 296 -36.12 20.12 -31.28
CA LYS A 296 -36.59 19.72 -32.61
C LYS A 296 -35.62 18.72 -33.24
N PRO A 297 -36.07 17.86 -34.17
CA PRO A 297 -35.16 17.00 -34.93
C PRO A 297 -34.31 17.84 -35.88
N ASN A 298 -33.01 17.49 -35.98
CA ASN A 298 -32.11 18.14 -36.91
C ASN A 298 -31.34 17.07 -37.68
N LYS A 299 -31.28 17.23 -39.01
CA LYS A 299 -30.51 16.28 -39.78
C LYS A 299 -29.03 16.59 -39.54
N VAL A 300 -28.24 15.54 -39.26
CA VAL A 300 -26.84 15.69 -38.90
C VAL A 300 -25.99 15.53 -40.15
N THR A 301 -24.73 15.92 -40.05
CA THR A 301 -23.76 15.63 -41.08
C THR A 301 -22.57 14.92 -40.45
N ALA A 302 -21.77 14.30 -41.33
CA ALA A 302 -20.48 13.79 -40.92
C ALA A 302 -19.65 14.98 -40.48
N ILE A 303 -18.72 14.71 -39.54
CA ILE A 303 -17.74 15.74 -39.21
C ILE A 303 -16.94 16.02 -40.47
N SER A 304 -16.95 17.28 -40.88
CA SER A 304 -16.14 17.73 -42.00
C SER A 304 -14.86 18.37 -41.45
N LYS A 305 -14.99 19.48 -40.72
CA LYS A 305 -13.85 20.09 -40.06
C LYS A 305 -13.63 19.40 -38.72
N GLU A 306 -12.49 18.73 -38.57
CA GLU A 306 -12.17 18.07 -37.32
C GLU A 306 -11.40 19.11 -36.50
N PRO A 307 -11.96 19.64 -35.38
CA PRO A 307 -11.32 20.77 -34.69
C PRO A 307 -9.97 20.33 -34.13
N SER A 308 -8.95 21.17 -34.30
CA SER A 308 -7.61 20.89 -33.82
C SER A 308 -7.59 21.05 -32.30
N VAL A 309 -8.19 22.16 -31.86
CA VAL A 309 -8.25 22.44 -30.44
C VAL A 309 -9.75 22.50 -30.13
N LYS A 310 -10.14 21.76 -29.11
CA LYS A 310 -11.54 21.52 -28.82
C LYS A 310 -11.88 22.07 -27.44
N MET A 311 -13.17 22.33 -27.23
CA MET A 311 -13.70 22.54 -25.88
C MET A 311 -15.01 21.79 -25.80
N TYR A 312 -15.44 21.47 -24.57
CA TYR A 312 -16.64 20.67 -24.41
C TYR A 312 -17.54 21.28 -23.34
N HIS A 313 -18.85 21.12 -23.50
CA HIS A 313 -19.71 21.54 -22.38
C HIS A 313 -20.95 20.66 -22.30
N LYS A 314 -21.70 20.85 -21.20
CA LYS A 314 -23.00 20.22 -21.07
C LYS A 314 -23.80 20.99 -20.03
N THR A 315 -25.05 21.32 -20.36
CA THR A 315 -25.99 21.85 -19.40
C THR A 315 -26.78 20.71 -18.78
N GLY A 316 -27.41 20.99 -17.62
CA GLY A 316 -28.34 20.06 -17.03
C GLY A 316 -29.38 20.80 -16.19
N SER A 317 -30.60 20.29 -16.20
CA SER A 317 -31.69 20.86 -15.39
C SER A 317 -32.55 19.76 -14.85
N THR A 318 -32.99 19.94 -13.60
CA THR A 318 -34.15 19.25 -13.07
C THR A 318 -35.12 20.35 -12.65
N SER A 319 -36.28 19.94 -12.10
N SER A 319 -36.29 19.97 -12.11
CA SER A 319 -37.32 20.90 -11.77
CA SER A 319 -37.29 20.99 -11.84
C SER A 319 -36.75 22.01 -10.88
C SER A 319 -36.71 22.05 -10.90
N GLY A 320 -35.93 21.63 -9.90
CA GLY A 320 -35.38 22.57 -8.92
C GLY A 320 -33.88 22.87 -9.00
N PHE A 321 -33.17 22.41 -10.05
CA PHE A 321 -31.71 22.56 -10.08
C PHE A 321 -31.18 22.88 -11.49
N GLY A 322 -30.13 23.75 -11.56
CA GLY A 322 -29.46 24.06 -12.82
C GLY A 322 -27.98 23.68 -12.71
N THR A 323 -27.41 23.10 -13.78
CA THR A 323 -26.02 22.68 -13.79
C THR A 323 -25.41 23.13 -15.13
N TYR A 324 -24.11 23.46 -15.11
CA TYR A 324 -23.35 23.68 -16.33
C TYR A 324 -21.90 23.29 -16.06
N VAL A 325 -21.31 22.54 -17.02
CA VAL A 325 -19.93 22.09 -16.90
C VAL A 325 -19.25 22.35 -18.24
N VAL A 326 -18.00 22.83 -18.23
CA VAL A 326 -17.31 23.21 -19.47
C VAL A 326 -15.82 23.01 -19.23
N PHE A 327 -15.10 22.47 -20.23
CA PHE A 327 -13.65 22.39 -20.04
C PHE A 327 -12.93 22.58 -21.39
N ILE A 328 -11.66 23.01 -21.31
CA ILE A 328 -10.88 23.32 -22.50
C ILE A 328 -9.48 22.73 -22.30
N PRO A 329 -9.20 21.50 -22.80
CA PRO A 329 -7.93 20.80 -22.56
C PRO A 329 -6.66 21.60 -22.81
N LYS A 330 -6.62 22.34 -23.94
CA LYS A 330 -5.43 23.06 -24.34
C LYS A 330 -5.08 24.16 -23.35
N GLU A 331 -6.09 24.75 -22.68
CA GLU A 331 -5.88 25.85 -21.75
C GLU A 331 -5.79 25.30 -20.33
N ASN A 332 -5.96 23.99 -20.20
CA ASN A 332 -5.98 23.30 -18.92
C ASN A 332 -6.95 23.98 -17.93
N ILE A 333 -8.17 24.32 -18.39
CA ILE A 333 -9.11 25.03 -17.51
C ILE A 333 -10.51 24.44 -17.68
N GLY A 334 -11.30 24.54 -16.62
CA GLY A 334 -12.71 24.16 -16.70
C GLY A 334 -13.50 24.81 -15.57
N LEU A 335 -14.83 24.71 -15.67
CA LEU A 335 -15.72 25.40 -14.73
C LEU A 335 -16.96 24.53 -14.54
N VAL A 336 -17.47 24.55 -13.31
CA VAL A 336 -18.68 23.87 -12.94
C VAL A 336 -19.55 24.91 -12.25
N MET A 337 -20.83 24.95 -12.63
CA MET A 337 -21.81 25.75 -11.89
C MET A 337 -22.96 24.83 -11.46
N LEU A 338 -23.31 24.86 -10.16
CA LEU A 338 -24.44 24.13 -9.60
C LEU A 338 -25.34 25.13 -8.86
N THR A 339 -26.63 25.15 -9.20
CA THR A 339 -27.58 25.98 -8.50
C THR A 339 -28.76 25.12 -8.06
N ASN A 340 -29.44 25.55 -7.00
CA ASN A 340 -30.64 24.90 -6.53
C ASN A 340 -31.85 25.74 -6.92
N LYS A 341 -31.73 26.42 -8.06
CA LYS A 341 -32.91 26.86 -8.81
C LYS A 341 -32.48 26.98 -10.27
N ARG A 342 -33.36 26.64 -11.22
CA ARG A 342 -32.99 26.80 -12.63
C ARG A 342 -32.88 28.27 -12.98
N ILE A 343 -31.84 28.58 -13.77
CA ILE A 343 -31.72 29.89 -14.42
C ILE A 343 -31.54 29.58 -15.91
N PRO A 344 -31.83 30.52 -16.84
CA PRO A 344 -31.75 30.20 -18.26
C PRO A 344 -30.34 29.69 -18.60
N ASN A 345 -30.30 28.73 -19.53
CA ASN A 345 -29.03 28.20 -20.03
C ASN A 345 -28.11 29.31 -20.50
N GLU A 346 -28.68 30.32 -21.17
CA GLU A 346 -27.85 31.35 -21.78
C GLU A 346 -27.03 32.06 -20.71
N GLU A 347 -27.63 32.29 -19.52
CA GLU A 347 -26.93 32.98 -18.43
C GLU A 347 -25.76 32.14 -17.92
N ARG A 348 -26.01 30.84 -17.82
CA ARG A 348 -24.97 29.92 -17.34
C ARG A 348 -23.79 29.96 -18.30
N ILE A 349 -24.10 29.86 -19.59
CA ILE A 349 -23.09 29.74 -20.63
C ILE A 349 -22.32 31.05 -20.75
N LYS A 350 -23.04 32.18 -20.75
CA LYS A 350 -22.39 33.47 -20.85
C LYS A 350 -21.48 33.74 -19.66
N ALA A 351 -21.97 33.49 -18.44
CA ALA A 351 -21.13 33.76 -17.28
C ALA A 351 -19.84 32.96 -17.38
N ALA A 352 -19.96 31.68 -17.75
CA ALA A 352 -18.77 30.81 -17.85
C ALA A 352 -17.81 31.31 -18.92
N TYR A 353 -18.38 31.77 -20.05
CA TYR A 353 -17.62 32.35 -21.15
C TYR A 353 -16.75 33.51 -20.68
N VAL A 354 -17.37 34.49 -20.00
CA VAL A 354 -16.64 35.66 -19.52
C VAL A 354 -15.53 35.25 -18.56
N VAL A 355 -15.84 34.36 -17.62
CA VAL A 355 -14.83 33.96 -16.64
C VAL A 355 -13.66 33.24 -17.32
N LEU A 356 -13.94 32.19 -18.10
CA LEU A 356 -12.86 31.40 -18.69
C LEU A 356 -12.04 32.24 -19.67
N ASN A 357 -12.66 33.21 -20.35
CA ASN A 357 -11.90 34.05 -21.28
C ASN A 357 -10.98 34.99 -20.51
N ALA A 358 -11.42 35.43 -19.34
CA ALA A 358 -10.68 36.45 -18.58
C ALA A 358 -9.47 35.83 -17.88
N ILE A 359 -9.54 34.52 -17.63
CA ILE A 359 -8.44 33.79 -17.00
C ILE A 359 -7.44 33.31 -18.05
N LYS A 360 -7.87 33.11 -19.30
CA LYS A 360 -7.15 32.40 -20.35
C LYS A 360 -5.72 32.95 -20.51
N ASN B 3 43.38 40.94 -4.64
CA ASN B 3 42.91 41.99 -3.70
C ASN B 3 41.73 41.45 -2.89
N THR B 4 40.83 40.67 -3.50
CA THR B 4 39.76 39.96 -2.76
C THR B 4 39.95 38.47 -2.99
N PRO B 5 40.04 37.62 -1.93
CA PRO B 5 40.31 36.19 -2.13
C PRO B 5 39.20 35.56 -2.95
N LYS B 6 39.56 34.50 -3.67
CA LYS B 6 38.65 33.87 -4.63
C LYS B 6 37.38 33.40 -3.94
N ASP B 7 37.50 32.74 -2.79
CA ASP B 7 36.32 32.29 -2.08
C ASP B 7 35.33 33.43 -1.82
N GLN B 8 35.82 34.63 -1.52
CA GLN B 8 34.94 35.73 -1.18
C GLN B 8 34.28 36.26 -2.45
N GLU B 9 35.03 36.24 -3.56
CA GLU B 9 34.49 36.73 -4.83
C GLU B 9 33.31 35.85 -5.25
N ILE B 10 33.48 34.54 -5.05
CA ILE B 10 32.42 33.61 -5.43
C ILE B 10 31.22 33.77 -4.49
N LYS B 11 31.51 33.92 -3.19
CA LYS B 11 30.44 34.12 -2.22
C LYS B 11 29.65 35.37 -2.59
N LYS B 12 30.34 36.43 -3.00
CA LYS B 12 29.64 37.66 -3.35
C LYS B 12 28.73 37.43 -4.56
N LEU B 13 29.22 36.74 -5.59
CA LEU B 13 28.43 36.43 -6.79
C LEU B 13 27.20 35.60 -6.43
N VAL B 14 27.39 34.60 -5.55
CA VAL B 14 26.27 33.78 -5.12
C VAL B 14 25.28 34.62 -4.30
N ASP B 15 25.79 35.50 -3.46
CA ASP B 15 24.91 36.39 -2.68
C ASP B 15 24.14 37.32 -3.62
N GLN B 16 24.80 37.78 -4.70
CA GLN B 16 24.15 38.69 -5.64
C GLN B 16 23.04 38.05 -6.46
N ASN B 17 23.16 36.74 -6.70
CA ASN B 17 22.36 36.07 -7.73
C ASN B 17 21.44 35.00 -7.16
N PHE B 18 21.88 34.26 -6.14
CA PHE B 18 21.06 33.22 -5.54
C PHE B 18 20.31 33.68 -4.28
N LYS B 19 21.02 34.41 -3.41
CA LYS B 19 20.48 34.82 -2.11
C LYS B 19 19.14 35.54 -2.26
N PRO B 20 18.94 36.46 -3.22
CA PRO B 20 17.66 37.16 -3.33
C PRO B 20 16.49 36.26 -3.70
N LEU B 21 16.74 35.06 -4.26
CA LEU B 21 15.66 34.12 -4.57
C LEU B 21 14.97 33.63 -3.30
N LEU B 22 15.69 33.62 -2.16
CA LEU B 22 15.14 33.10 -0.91
C LEU B 22 13.97 33.98 -0.47
N GLU B 23 14.19 35.31 -0.44
CA GLU B 23 13.15 36.26 -0.09
C GLU B 23 12.06 36.27 -1.17
N LYS B 24 12.48 36.26 -2.46
CA LYS B 24 11.52 36.41 -3.54
C LYS B 24 10.51 35.27 -3.58
N TYR B 25 11.00 34.04 -3.34
CA TYR B 25 10.16 32.86 -3.45
C TYR B 25 9.84 32.24 -2.06
N ASP B 26 10.25 32.89 -0.97
CA ASP B 26 9.97 32.44 0.40
C ASP B 26 10.52 31.02 0.58
N VAL B 27 11.81 30.84 0.25
CA VAL B 27 12.46 29.53 0.28
C VAL B 27 13.16 29.41 1.64
N PRO B 28 12.84 28.37 2.43
CA PRO B 28 13.43 28.25 3.78
C PRO B 28 14.94 28.05 3.77
N GLY B 29 15.42 27.16 2.90
CA GLY B 29 16.82 26.75 2.94
C GLY B 29 17.43 26.50 1.53
N MET B 30 18.75 26.76 1.40
CA MET B 30 19.37 26.61 0.08
C MET B 30 20.85 26.28 0.28
N ALA B 31 21.38 25.37 -0.55
CA ALA B 31 22.82 25.15 -0.58
C ALA B 31 23.29 25.37 -2.02
N VAL B 32 24.31 26.19 -2.19
CA VAL B 32 24.89 26.47 -3.50
C VAL B 32 26.39 26.16 -3.43
N GLY B 33 26.86 25.37 -4.40
CA GLY B 33 28.26 24.99 -4.45
C GLY B 33 28.80 25.27 -5.83
N VAL B 34 30.08 25.64 -5.86
CA VAL B 34 30.81 25.83 -7.11
C VAL B 34 32.09 25.01 -6.99
N ILE B 35 32.45 24.38 -8.12
CA ILE B 35 33.75 23.77 -8.20
C ILE B 35 34.49 24.41 -9.37
N GLN B 36 35.73 24.87 -9.11
CA GLN B 36 36.55 25.45 -10.16
C GLN B 36 37.95 24.87 -10.00
N ASN B 37 38.46 24.23 -11.07
CA ASN B 37 39.84 23.79 -11.06
C ASN B 37 40.12 23.00 -9.79
N ASN B 38 39.21 22.08 -9.48
CA ASN B 38 39.38 21.15 -8.35
C ASN B 38 39.33 21.84 -6.97
N LYS B 39 38.89 23.11 -6.91
CA LYS B 39 38.61 23.71 -5.62
C LYS B 39 37.11 23.86 -5.45
N LYS B 40 36.63 23.51 -4.24
CA LYS B 40 35.20 23.48 -3.95
C LYS B 40 34.86 24.69 -3.07
N TYR B 41 33.69 25.30 -3.34
CA TYR B 41 33.21 26.43 -2.56
C TYR B 41 31.77 26.12 -2.21
N GLU B 42 31.47 26.12 -0.90
CA GLU B 42 30.15 25.73 -0.43
C GLU B 42 29.51 26.92 0.31
N MET B 43 28.26 27.21 -0.05
CA MET B 43 27.49 28.30 0.53
C MET B 43 26.13 27.75 0.97
N TYR B 44 25.80 27.99 2.25
CA TYR B 44 24.57 27.53 2.85
C TYR B 44 23.76 28.70 3.37
N TYR B 45 22.44 28.60 3.17
CA TYR B 45 21.52 29.66 3.56
C TYR B 45 20.31 29.04 4.26
N GLY B 46 19.83 29.71 5.31
CA GLY B 46 18.51 29.35 5.81
C GLY B 46 18.43 28.03 6.55
N LEU B 47 17.26 27.40 6.49
CA LEU B 47 16.92 26.32 7.40
C LEU B 47 16.56 25.05 6.63
N GLN B 48 17.09 23.93 7.10
CA GLN B 48 16.70 22.61 6.63
C GLN B 48 15.35 22.19 7.23
N SER B 49 15.05 22.67 8.44
CA SER B 49 13.74 22.48 9.09
C SER B 49 13.36 23.79 9.76
N VAL B 50 12.23 24.39 9.31
CA VAL B 50 11.75 25.63 9.90
C VAL B 50 11.38 25.37 11.37
N GLN B 51 10.61 24.30 11.59
CA GLN B 51 10.01 24.05 12.91
C GLN B 51 11.09 23.68 13.94
N ASP B 52 12.15 23.01 13.49
CA ASP B 52 13.27 22.62 14.35
C ASP B 52 14.34 23.71 14.47
N LYS B 53 14.21 24.77 13.67
CA LYS B 53 15.20 25.82 13.61
C LYS B 53 16.58 25.23 13.30
N LYS B 54 16.63 24.23 12.39
CA LYS B 54 17.91 23.59 12.09
C LYS B 54 18.46 24.20 10.79
N ALA B 55 19.68 24.76 10.86
CA ALA B 55 20.34 25.44 9.74
C ALA B 55 20.73 24.43 8.66
N VAL B 56 20.66 24.87 7.40
CA VAL B 56 21.24 24.09 6.31
C VAL B 56 22.75 24.13 6.47
N ASN B 57 23.38 22.95 6.30
CA ASN B 57 24.81 22.84 6.44
C ASN B 57 25.32 21.76 5.48
N SER B 58 26.61 21.45 5.59
CA SER B 58 27.26 20.44 4.77
C SER B 58 26.71 19.02 4.96
N ASN B 59 26.02 18.72 6.08
CA ASN B 59 25.39 17.43 6.33
C ASN B 59 23.94 17.35 5.86
N THR B 60 23.34 18.49 5.46
CA THR B 60 21.95 18.50 5.07
C THR B 60 21.70 17.63 3.81
N ILE B 61 20.72 16.73 3.93
CA ILE B 61 20.32 15.83 2.86
C ILE B 61 19.08 16.38 2.17
N PHE B 62 19.21 16.59 0.84
CA PHE B 62 18.12 17.11 0.01
C PHE B 62 17.65 16.05 -0.96
N GLU B 63 16.36 16.10 -1.35
CA GLU B 63 15.86 15.29 -2.44
C GLU B 63 16.32 15.92 -3.74
N LEU B 64 16.92 15.09 -4.61
CA LEU B 64 17.44 15.54 -5.89
C LEU B 64 16.38 15.56 -6.99
N GLY B 65 15.25 14.89 -6.75
CA GLY B 65 14.24 14.73 -7.80
C GLY B 65 14.88 14.16 -9.07
N SER B 66 14.56 14.74 -10.23
CA SER B 66 15.00 14.24 -11.52
C SER B 66 16.53 14.23 -11.68
N VAL B 67 17.25 14.99 -10.84
CA VAL B 67 18.71 14.86 -10.92
C VAL B 67 19.14 13.41 -10.62
N SER B 68 18.26 12.65 -9.96
CA SER B 68 18.43 11.22 -9.73
C SER B 68 18.72 10.46 -11.04
N LYS B 69 18.14 10.96 -12.14
CA LYS B 69 18.28 10.33 -13.45
C LYS B 69 19.74 10.29 -13.90
N LEU B 70 20.56 11.19 -13.36
CA LEU B 70 21.99 11.21 -13.74
C LEU B 70 22.69 9.98 -13.16
N PHE B 71 22.28 9.61 -11.94
CA PHE B 71 22.82 8.41 -11.30
C PHE B 71 22.37 7.16 -12.02
N THR B 72 21.09 7.13 -12.42
CA THR B 72 20.57 6.00 -13.18
C THR B 72 21.36 5.86 -14.49
N ALA B 73 21.64 6.99 -15.14
CA ALA B 73 22.36 7.03 -16.40
C ALA B 73 23.78 6.50 -16.17
N THR B 74 24.38 6.91 -15.05
CA THR B 74 25.74 6.51 -14.73
C THR B 74 25.77 4.98 -14.51
N ALA B 75 24.74 4.49 -13.79
CA ALA B 75 24.62 3.04 -13.55
C ALA B 75 24.49 2.27 -14.86
N GLY B 76 23.63 2.77 -15.77
CA GLY B 76 23.54 2.19 -17.12
C GLY B 76 24.87 2.19 -17.87
N GLY B 77 25.58 3.32 -17.83
CA GLY B 77 26.87 3.44 -18.50
C GLY B 77 27.88 2.45 -17.92
N TYR B 78 27.77 2.21 -16.61
CA TYR B 78 28.68 1.29 -15.92
C TYR B 78 28.39 -0.13 -16.40
N ALA B 79 27.09 -0.50 -16.40
CA ALA B 79 26.67 -1.83 -16.84
C ALA B 79 27.04 -2.08 -18.31
N LYS B 80 26.87 -1.07 -19.14
CA LYS B 80 27.14 -1.23 -20.56
C LYS B 80 28.63 -1.44 -20.74
N ASN B 81 29.45 -0.63 -20.04
CA ASN B 81 30.89 -0.71 -20.30
C ASN B 81 31.50 -1.96 -19.67
N LYS B 82 30.78 -2.58 -18.72
CA LYS B 82 31.19 -3.87 -18.13
C LYS B 82 30.64 -5.03 -18.95
N GLY B 83 29.92 -4.74 -20.03
CA GLY B 83 29.35 -5.76 -20.90
C GLY B 83 28.13 -6.48 -20.33
N LYS B 84 27.47 -5.87 -19.32
CA LYS B 84 26.32 -6.50 -18.66
C LYS B 84 25.04 -6.23 -19.45
N ILE B 85 25.04 -5.12 -20.22
CA ILE B 85 23.94 -4.80 -21.14
C ILE B 85 24.53 -4.23 -22.41
N SER B 86 23.71 -4.24 -23.46
CA SER B 86 23.92 -3.43 -24.64
C SER B 86 22.72 -2.50 -24.76
N PHE B 87 22.96 -1.25 -25.22
CA PHE B 87 21.86 -0.30 -25.36
C PHE B 87 20.90 -0.70 -26.48
N ASP B 88 21.30 -1.66 -27.32
CA ASP B 88 20.46 -2.17 -28.42
C ASP B 88 19.61 -3.34 -27.95
N ASP B 89 19.78 -3.80 -26.70
CA ASP B 89 18.95 -4.84 -26.11
C ASP B 89 17.56 -4.28 -25.85
N THR B 90 16.60 -5.19 -25.67
CA THR B 90 15.26 -4.81 -25.25
C THR B 90 15.02 -5.31 -23.82
N PRO B 91 14.01 -4.78 -23.09
CA PRO B 91 13.82 -5.09 -21.67
C PRO B 91 13.55 -6.55 -21.35
N GLY B 92 12.89 -7.23 -22.29
CA GLY B 92 12.52 -8.63 -22.20
C GLY B 92 13.72 -9.55 -22.02
N LYS B 93 14.89 -9.11 -22.47
CA LYS B 93 16.10 -9.90 -22.32
C LYS B 93 16.50 -10.05 -20.85
N TYR B 94 16.06 -9.13 -20.00
CA TYR B 94 16.48 -9.09 -18.60
C TYR B 94 15.28 -9.32 -17.69
N TRP B 95 14.16 -8.66 -18.00
CA TRP B 95 12.94 -8.88 -17.25
C TRP B 95 12.08 -9.86 -18.06
N LYS B 96 12.20 -11.15 -17.72
CA LYS B 96 11.80 -12.22 -18.64
C LYS B 96 10.29 -12.22 -18.92
N GLU B 97 9.50 -11.77 -17.94
CA GLU B 97 8.05 -11.67 -18.12
C GLU B 97 7.68 -10.61 -19.16
N LEU B 98 8.63 -9.80 -19.66
CA LEU B 98 8.33 -8.83 -20.72
C LEU B 98 8.75 -9.34 -22.11
N LYS B 99 9.37 -10.52 -22.15
CA LYS B 99 9.82 -11.11 -23.41
C LYS B 99 8.62 -11.26 -24.32
N ASN B 100 8.77 -10.78 -25.56
CA ASN B 100 7.80 -10.90 -26.65
C ASN B 100 6.50 -10.13 -26.36
N THR B 101 6.55 -9.11 -25.48
CA THR B 101 5.46 -8.16 -25.35
C THR B 101 5.79 -6.94 -26.21
N PRO B 102 4.80 -6.08 -26.56
CA PRO B 102 5.08 -4.86 -27.33
C PRO B 102 6.24 -4.00 -26.83
N ILE B 103 6.40 -3.89 -25.51
CA ILE B 103 7.42 -3.00 -24.95
C ILE B 103 8.78 -3.61 -25.24
N ASP B 104 8.79 -4.91 -25.52
CA ASP B 104 10.03 -5.60 -25.85
C ASP B 104 10.53 -5.22 -27.24
N GLN B 105 9.80 -4.35 -27.95
CA GLN B 105 10.24 -3.81 -29.24
C GLN B 105 11.02 -2.50 -29.04
N VAL B 106 11.04 -1.98 -27.81
CA VAL B 106 11.76 -0.73 -27.51
C VAL B 106 13.10 -1.10 -26.90
N ASN B 107 14.20 -0.45 -27.33
CA ASN B 107 15.54 -0.79 -26.83
C ASN B 107 15.91 0.05 -25.60
N LEU B 108 17.01 -0.31 -24.93
CA LEU B 108 17.32 0.31 -23.65
C LEU B 108 17.63 1.79 -23.82
N LEU B 109 18.29 2.17 -24.92
CA LEU B 109 18.63 3.57 -25.13
C LEU B 109 17.36 4.38 -25.28
N GLN B 110 16.40 3.83 -26.03
CA GLN B 110 15.14 4.51 -26.26
C GLN B 110 14.38 4.69 -24.95
N LEU B 111 14.44 3.69 -24.06
CA LEU B 111 13.82 3.88 -22.76
C LEU B 111 14.56 4.95 -21.95
N ALA B 112 15.89 4.89 -21.94
CA ALA B 112 16.68 5.84 -21.15
C ALA B 112 16.51 7.28 -21.64
N THR B 113 16.21 7.47 -22.93
CA THR B 113 16.15 8.80 -23.53
C THR B 113 14.72 9.18 -23.95
N TYR B 114 13.73 8.42 -23.46
CA TYR B 114 12.31 8.85 -23.45
C TYR B 114 11.66 8.77 -24.84
N THR B 115 12.02 7.78 -25.68
CA THR B 115 11.51 7.76 -27.06
C THR B 115 10.71 6.50 -27.42
N SER B 116 10.08 5.87 -26.41
CA SER B 116 9.26 4.68 -26.63
C SER B 116 8.06 5.01 -27.51
N GLY B 117 7.67 6.29 -27.50
CA GLY B 117 6.54 6.75 -28.31
C GLY B 117 5.20 6.59 -27.61
N ASN B 118 5.19 6.06 -26.37
CA ASN B 118 3.93 6.02 -25.63
C ASN B 118 4.14 5.85 -24.13
N LEU B 119 4.95 6.73 -23.51
CA LEU B 119 5.10 6.75 -22.07
C LEU B 119 5.10 8.21 -21.60
N ALA B 120 4.16 8.50 -20.69
CA ALA B 120 3.86 9.86 -20.24
C ALA B 120 4.79 10.19 -19.06
N LEU B 121 4.69 11.42 -18.53
CA LEU B 121 5.55 11.84 -17.43
C LEU B 121 5.46 10.87 -16.24
N GLN B 122 4.24 10.47 -15.84
CA GLN B 122 4.05 9.65 -14.64
C GLN B 122 3.35 8.34 -15.01
N PHE B 123 3.53 7.30 -14.18
CA PHE B 123 2.62 6.17 -14.22
C PHE B 123 1.25 6.63 -13.70
N PRO B 124 0.17 5.89 -13.99
CA PRO B 124 -1.12 6.15 -13.32
C PRO B 124 -0.97 5.97 -11.81
N ASP B 125 -1.72 6.77 -11.05
CA ASP B 125 -1.71 6.71 -9.59
C ASP B 125 -1.87 5.29 -9.06
N GLU B 126 -2.71 4.49 -9.72
CA GLU B 126 -3.07 3.16 -9.25
C GLU B 126 -1.86 2.23 -9.28
N VAL B 127 -0.84 2.56 -10.08
CA VAL B 127 0.30 1.65 -10.23
C VAL B 127 1.25 1.91 -9.07
N GLN B 128 1.39 0.93 -8.16
CA GLN B 128 2.18 1.12 -6.95
C GLN B 128 3.13 -0.05 -6.71
N THR B 129 2.58 -1.28 -6.69
CA THR B 129 3.36 -2.47 -6.37
C THR B 129 4.16 -2.93 -7.59
N ASP B 130 5.14 -3.80 -7.33
CA ASP B 130 5.94 -4.43 -8.36
C ASP B 130 5.02 -5.15 -9.35
N GLN B 131 4.00 -5.84 -8.83
CA GLN B 131 3.11 -6.58 -9.71
C GLN B 131 2.35 -5.64 -10.64
N GLN B 132 1.90 -4.51 -10.11
CA GLN B 132 1.15 -3.55 -10.91
C GLN B 132 2.05 -2.91 -11.99
N VAL B 133 3.33 -2.72 -11.66
CA VAL B 133 4.32 -2.21 -12.59
C VAL B 133 4.47 -3.19 -13.75
N LEU B 134 4.63 -4.47 -13.41
CA LEU B 134 4.83 -5.47 -14.45
C LEU B 134 3.61 -5.49 -15.34
N THR B 135 2.43 -5.55 -14.73
CA THR B 135 1.15 -5.53 -15.45
C THR B 135 1.10 -4.32 -16.39
N PHE B 136 1.50 -3.15 -15.89
CA PHE B 136 1.40 -1.92 -16.70
C PHE B 136 2.25 -2.09 -17.96
N PHE B 137 3.46 -2.66 -17.81
CA PHE B 137 4.35 -2.82 -18.97
C PHE B 137 3.94 -3.98 -19.90
N LYS B 138 3.38 -5.05 -19.34
CA LYS B 138 2.88 -6.16 -20.16
C LYS B 138 1.72 -5.70 -21.05
N ASP B 139 0.92 -4.75 -20.55
CA ASP B 139 -0.30 -4.30 -21.20
C ASP B 139 0.00 -3.16 -22.16
N TRP B 140 1.23 -2.65 -22.11
CA TRP B 140 1.63 -1.51 -22.93
C TRP B 140 1.57 -1.88 -24.39
N LYS B 141 1.14 -0.91 -25.20
CA LYS B 141 1.11 -1.00 -26.65
C LYS B 141 1.70 0.30 -27.20
N PRO B 142 2.38 0.27 -28.38
CA PRO B 142 2.97 1.47 -28.96
C PRO B 142 1.90 2.45 -29.42
N LYS B 143 2.34 3.71 -29.66
CA LYS B 143 1.49 4.74 -30.25
C LYS B 143 2.27 5.42 -31.37
N ASN B 144 3.24 6.29 -31.03
CA ASN B 144 4.08 6.96 -32.01
C ASN B 144 5.17 6.00 -32.50
N PRO B 145 5.74 6.19 -33.71
CA PRO B 145 6.91 5.41 -34.14
C PRO B 145 8.02 5.41 -33.08
N ILE B 146 8.46 4.20 -32.74
CA ILE B 146 9.47 3.99 -31.70
C ILE B 146 10.76 4.68 -32.10
N GLY B 147 11.33 5.48 -31.18
CA GLY B 147 12.62 6.12 -31.37
C GLY B 147 12.53 7.53 -31.97
N GLU B 148 11.31 7.98 -32.34
CA GLU B 148 11.19 9.24 -33.08
C GLU B 148 10.68 10.44 -32.26
N TYR B 149 9.93 10.18 -31.17
CA TYR B 149 9.35 11.24 -30.36
C TYR B 149 9.84 11.17 -28.94
N ARG B 150 10.38 12.29 -28.46
CA ARG B 150 10.79 12.36 -27.06
C ARG B 150 9.63 12.86 -26.19
N GLN B 151 9.28 12.07 -25.17
CA GLN B 151 8.32 12.56 -24.20
C GLN B 151 8.92 12.24 -22.84
N TYR B 152 9.29 13.29 -22.11
CA TYR B 152 10.02 13.16 -20.86
C TYR B 152 9.17 12.29 -19.91
N SER B 153 9.78 11.24 -19.30
CA SER B 153 8.93 10.21 -18.69
C SER B 153 9.66 9.47 -17.56
N ASN B 154 9.03 9.45 -16.37
CA ASN B 154 9.56 8.70 -15.24
C ASN B 154 9.46 7.20 -15.46
N PRO B 155 8.33 6.63 -15.93
CA PRO B 155 8.24 5.20 -16.21
C PRO B 155 9.31 4.72 -17.21
N SER B 156 9.61 5.55 -18.24
CA SER B 156 10.56 5.15 -19.27
C SER B 156 11.95 4.91 -18.68
N ILE B 157 12.50 5.93 -18.01
CA ILE B 157 13.84 5.80 -17.45
C ILE B 157 13.79 4.91 -16.21
N GLY B 158 12.64 4.86 -15.55
CA GLY B 158 12.42 3.90 -14.46
C GLY B 158 12.61 2.45 -14.95
N LEU B 159 11.99 2.08 -16.06
CA LEU B 159 12.15 0.73 -16.62
C LEU B 159 13.61 0.49 -17.02
N PHE B 160 14.23 1.52 -17.62
CA PHE B 160 15.67 1.45 -17.88
C PHE B 160 16.44 1.07 -16.62
N GLY B 161 16.20 1.84 -15.53
CA GLY B 161 16.92 1.59 -14.28
C GLY B 161 16.68 0.18 -13.74
N LYS B 162 15.43 -0.28 -13.84
CA LYS B 162 15.06 -1.62 -13.37
C LYS B 162 15.85 -2.69 -14.14
N VAL B 163 15.97 -2.54 -15.47
CA VAL B 163 16.70 -3.47 -16.32
C VAL B 163 18.20 -3.44 -16.00
N VAL B 164 18.75 -2.23 -15.77
CA VAL B 164 20.17 -2.12 -15.41
C VAL B 164 20.42 -2.94 -14.14
N ALA B 165 19.55 -2.78 -13.15
CA ALA B 165 19.69 -3.52 -11.88
C ALA B 165 19.63 -5.03 -12.12
N LEU B 166 18.66 -5.49 -12.93
CA LEU B 166 18.57 -6.93 -13.22
C LEU B 166 19.86 -7.44 -13.86
N SER B 167 20.45 -6.63 -14.76
CA SER B 167 21.66 -7.04 -15.45
C SER B 167 22.82 -7.18 -14.48
N MET B 168 22.75 -6.47 -13.34
CA MET B 168 23.83 -6.44 -12.37
C MET B 168 23.49 -7.33 -11.16
N ASN B 169 22.36 -8.04 -11.26
CA ASN B 169 21.89 -9.02 -10.27
C ASN B 169 21.76 -8.45 -8.86
N LYS B 170 21.31 -7.20 -8.75
CA LYS B 170 21.12 -6.54 -7.47
C LYS B 170 19.93 -5.59 -7.61
N PRO B 171 19.11 -5.36 -6.56
CA PRO B 171 18.01 -4.39 -6.68
C PRO B 171 18.65 -3.02 -6.93
N PHE B 172 17.91 -2.13 -7.59
CA PHE B 172 18.40 -0.81 -8.00
C PHE B 172 18.99 -0.02 -6.82
N ASP B 173 18.35 -0.03 -5.64
CA ASP B 173 18.87 0.69 -4.48
C ASP B 173 20.31 0.24 -4.16
N GLN B 174 20.58 -1.04 -4.35
CA GLN B 174 21.88 -1.59 -4.01
C GLN B 174 22.90 -1.26 -5.10
N VAL B 175 22.44 -1.19 -6.34
CA VAL B 175 23.33 -0.81 -7.44
C VAL B 175 23.93 0.55 -7.11
N LEU B 176 23.10 1.51 -6.69
CA LEU B 176 23.62 2.83 -6.35
C LEU B 176 24.41 2.78 -5.04
N GLU B 177 23.79 2.20 -3.97
CA GLU B 177 24.37 2.36 -2.64
C GLU B 177 25.63 1.50 -2.45
N LYS B 178 25.68 0.34 -3.13
CA LYS B 178 26.82 -0.55 -2.97
C LYS B 178 27.85 -0.46 -4.10
N THR B 179 27.46 -0.03 -5.31
CA THR B 179 28.41 -0.02 -6.42
C THR B 179 28.75 1.39 -6.89
N ILE B 180 27.71 2.14 -7.35
CA ILE B 180 27.92 3.40 -8.03
C ILE B 180 28.34 4.53 -7.09
N PHE B 181 27.64 4.75 -5.96
CA PHE B 181 27.99 5.82 -5.04
C PHE B 181 29.43 5.61 -4.55
N PRO B 182 29.81 4.40 -4.08
CA PRO B 182 31.18 4.17 -3.61
C PRO B 182 32.22 4.42 -4.70
N ALA B 183 31.94 3.98 -5.95
CA ALA B 183 32.88 4.17 -7.07
C ALA B 183 33.09 5.66 -7.37
N LEU B 184 32.08 6.52 -7.06
CA LEU B 184 32.22 7.94 -7.29
C LEU B 184 32.73 8.65 -6.03
N GLY B 185 32.93 7.89 -4.94
CA GLY B 185 33.41 8.42 -3.67
C GLY B 185 32.37 9.22 -2.87
N LEU B 186 31.08 8.94 -3.09
CA LEU B 186 30.01 9.64 -2.38
C LEU B 186 29.67 8.86 -1.13
N LYS B 187 29.72 9.56 0.00
CA LYS B 187 29.56 8.94 1.31
C LYS B 187 28.22 9.29 1.94
N HIS B 188 27.53 10.31 1.43
CA HIS B 188 26.29 10.76 2.05
C HIS B 188 25.18 10.89 1.02
N SER B 189 25.12 9.94 0.09
CA SER B 189 24.07 9.89 -0.93
C SER B 189 23.31 8.59 -0.76
N TYR B 190 21.98 8.64 -0.91
CA TYR B 190 21.11 7.54 -0.54
C TYR B 190 19.93 7.43 -1.48
N VAL B 191 19.48 6.17 -1.69
CA VAL B 191 18.14 5.89 -2.17
C VAL B 191 17.19 5.84 -0.97
N ASN B 192 17.61 5.13 0.08
CA ASN B 192 16.88 5.06 1.34
C ASN B 192 17.72 5.66 2.46
N VAL B 193 17.25 6.78 3.04
CA VAL B 193 18.01 7.45 4.07
C VAL B 193 17.89 6.59 5.34
N PRO B 194 19.00 6.10 5.91
CA PRO B 194 18.92 5.25 7.11
C PRO B 194 18.47 6.06 8.33
N LYS B 195 17.82 5.36 9.28
CA LYS B 195 17.40 5.94 10.55
C LYS B 195 18.51 6.80 11.16
N THR B 196 19.75 6.33 11.10
CA THR B 196 20.88 7.04 11.68
C THR B 196 21.16 8.39 11.02
N GLN B 197 20.49 8.68 9.89
CA GLN B 197 20.77 9.89 9.14
C GLN B 197 19.52 10.78 9.03
N MET B 198 18.39 10.30 9.58
CA MET B 198 17.11 10.98 9.38
C MET B 198 17.16 12.39 9.94
N GLN B 199 18.01 12.64 10.95
CA GLN B 199 18.11 13.98 11.53
C GLN B 199 18.69 14.99 10.55
N ASN B 200 19.36 14.49 9.50
CA ASN B 200 20.01 15.35 8.52
C ASN B 200 19.13 15.61 7.31
N TYR B 201 18.04 14.84 7.19
CA TYR B 201 17.15 14.88 6.04
C TYR B 201 16.25 16.11 6.17
N ALA B 202 16.46 17.10 5.30
CA ALA B 202 15.67 18.33 5.37
C ALA B 202 14.19 17.96 5.22
N PHE B 203 13.30 18.81 5.75
CA PHE B 203 11.96 18.81 5.21
C PHE B 203 12.01 19.52 3.85
N GLY B 204 11.16 19.06 2.93
CA GLY B 204 10.80 19.90 1.80
C GLY B 204 9.64 20.81 2.21
N TYR B 205 9.37 21.85 1.41
CA TYR B 205 8.28 22.78 1.67
C TYR B 205 7.53 22.97 0.37
N ASN B 206 6.21 22.83 0.45
CA ASN B 206 5.39 23.02 -0.73
C ASN B 206 5.14 24.51 -0.98
N GLN B 207 4.24 24.79 -1.93
CA GLN B 207 4.05 26.15 -2.38
C GLN B 207 3.31 26.99 -1.34
N GLU B 208 2.79 26.34 -0.28
CA GLU B 208 2.21 27.05 0.86
C GLU B 208 3.18 26.98 2.06
N ASN B 209 4.44 26.64 1.80
CA ASN B 209 5.48 26.52 2.83
C ASN B 209 5.09 25.52 3.92
N GLN B 210 4.37 24.46 3.56
CA GLN B 210 4.04 23.39 4.48
C GLN B 210 5.08 22.31 4.28
N PRO B 211 5.63 21.73 5.38
CA PRO B 211 6.66 20.70 5.31
C PRO B 211 6.12 19.41 4.71
N ILE B 212 6.90 18.81 3.77
CA ILE B 212 6.48 17.66 2.96
C ILE B 212 7.75 16.85 2.62
N ARG B 213 7.61 15.55 2.36
CA ARG B 213 8.69 14.75 1.78
C ARG B 213 8.13 13.90 0.65
N VAL B 214 8.99 13.37 -0.23
CA VAL B 214 8.58 12.67 -1.42
C VAL B 214 7.82 11.41 -0.99
N ASN B 215 6.74 11.11 -1.73
CA ASN B 215 5.97 9.90 -1.54
C ASN B 215 6.68 8.72 -2.21
N PRO B 216 6.67 7.52 -1.58
CA PRO B 216 7.06 6.29 -2.27
C PRO B 216 6.23 6.16 -3.56
N GLY B 217 6.87 5.64 -4.62
CA GLY B 217 6.16 5.47 -5.88
C GLY B 217 6.75 4.35 -6.72
N PRO B 218 6.03 3.90 -7.78
CA PRO B 218 6.56 2.88 -8.68
C PRO B 218 7.81 3.35 -9.44
N LEU B 219 8.85 2.51 -9.38
CA LEU B 219 10.19 2.79 -9.90
C LEU B 219 10.62 4.20 -9.56
N ASP B 220 10.38 4.59 -8.31
CA ASP B 220 10.75 5.93 -7.86
C ASP B 220 12.27 6.14 -7.82
N ALA B 221 13.01 5.18 -7.31
CA ALA B 221 14.44 5.36 -7.12
C ALA B 221 15.14 5.80 -8.42
N PRO B 222 15.04 5.07 -9.55
CA PRO B 222 15.76 5.48 -10.77
C PRO B 222 15.29 6.78 -11.40
N ALA B 223 14.02 7.14 -11.15
CA ALA B 223 13.48 8.32 -11.83
C ALA B 223 13.67 9.61 -10.99
N TYR B 224 13.49 9.52 -9.66
CA TYR B 224 13.54 10.77 -8.88
C TYR B 224 13.79 10.48 -7.39
N GLY B 225 14.38 9.33 -7.05
CA GLY B 225 14.40 8.94 -5.63
C GLY B 225 15.73 9.04 -4.91
N VAL B 226 16.73 9.76 -5.45
CA VAL B 226 18.01 9.91 -4.76
C VAL B 226 18.03 11.17 -3.88
N LYS B 227 18.69 11.07 -2.71
CA LYS B 227 18.90 12.18 -1.79
C LYS B 227 20.39 12.29 -1.53
N SER B 228 20.87 13.52 -1.38
CA SER B 228 22.31 13.76 -1.28
C SER B 228 22.59 15.10 -0.60
N THR B 229 23.85 15.37 -0.30
CA THR B 229 24.32 16.58 0.35
C THR B 229 25.05 17.44 -0.69
N LEU B 230 25.39 18.70 -0.32
CA LEU B 230 26.06 19.57 -1.29
C LEU B 230 27.47 19.04 -1.55
N PRO B 231 28.25 18.66 -0.52
CA PRO B 231 29.60 18.13 -0.76
C PRO B 231 29.61 16.92 -1.69
N ASP B 232 28.67 15.99 -1.51
CA ASP B 232 28.56 14.83 -2.41
C ASP B 232 28.24 15.27 -3.84
N MET B 233 27.31 16.21 -4.00
CA MET B 233 27.01 16.64 -5.35
C MET B 233 28.16 17.38 -6.02
N LEU B 234 28.95 18.15 -5.27
CA LEU B 234 30.16 18.73 -5.81
C LEU B 234 31.15 17.65 -6.24
N SER B 235 31.27 16.58 -5.44
CA SER B 235 32.13 15.46 -5.82
C SER B 235 31.63 14.80 -7.11
N PHE B 236 30.30 14.67 -7.25
CA PHE B 236 29.74 14.12 -8.48
C PHE B 236 30.04 15.03 -9.69
N ILE B 237 29.92 16.34 -9.52
CA ILE B 237 30.31 17.28 -10.58
C ILE B 237 31.82 17.13 -10.88
N HIS B 238 32.63 16.95 -9.83
CA HIS B 238 34.07 16.78 -10.02
C HIS B 238 34.34 15.58 -10.95
N ALA B 239 33.65 14.47 -10.69
CA ALA B 239 33.78 13.23 -11.44
C ALA B 239 33.39 13.47 -12.90
N ASN B 240 32.35 14.29 -13.13
CA ASN B 240 31.92 14.61 -14.47
C ASN B 240 32.90 15.51 -15.21
N LEU B 241 33.56 16.41 -14.47
CA LEU B 241 34.56 17.31 -15.01
C LEU B 241 35.87 16.57 -15.27
N ASN B 242 36.16 15.54 -14.47
CA ASN B 242 37.49 14.92 -14.53
C ASN B 242 37.41 13.40 -14.54
N PRO B 243 36.65 12.77 -15.48
CA PRO B 243 36.46 11.34 -15.43
C PRO B 243 37.76 10.53 -15.54
N GLN B 244 38.79 11.13 -16.16
CA GLN B 244 40.08 10.49 -16.34
C GLN B 244 40.73 10.20 -14.98
N LYS B 245 40.24 10.83 -13.90
CA LYS B 245 40.86 10.64 -12.60
C LYS B 245 40.23 9.47 -11.84
N TYR B 246 39.30 8.75 -12.48
CA TYR B 246 38.60 7.65 -11.85
C TYR B 246 39.02 6.33 -12.49
N PRO B 247 38.86 5.19 -11.79
CA PRO B 247 39.16 3.88 -12.40
C PRO B 247 38.32 3.67 -13.66
N THR B 248 38.86 2.84 -14.56
CA THR B 248 38.31 2.59 -15.90
C THR B 248 36.79 2.39 -15.93
N ASP B 249 36.24 1.55 -15.05
CA ASP B 249 34.82 1.18 -15.21
C ASP B 249 33.89 2.37 -14.97
N ILE B 250 34.15 3.18 -13.95
CA ILE B 250 33.29 4.34 -13.65
C ILE B 250 33.66 5.51 -14.56
N GLN B 251 34.94 5.63 -14.96
CA GLN B 251 35.34 6.60 -15.97
C GLN B 251 34.54 6.38 -17.27
N ARG B 252 34.49 5.14 -17.75
CA ARG B 252 33.76 4.87 -18.99
C ARG B 252 32.28 5.15 -18.77
N ALA B 253 31.78 4.81 -17.57
CA ALA B 253 30.37 5.07 -17.23
C ALA B 253 30.03 6.57 -17.32
N ILE B 254 30.89 7.40 -16.70
CA ILE B 254 30.65 8.84 -16.72
C ILE B 254 30.69 9.35 -18.16
N ASN B 255 31.73 9.00 -18.91
CA ASN B 255 31.85 9.41 -20.31
C ASN B 255 30.64 8.97 -21.14
N GLU B 256 30.12 7.77 -20.87
CA GLU B 256 28.93 7.28 -21.56
C GLU B 256 27.77 8.26 -21.39
N THR B 257 27.66 8.90 -20.21
CA THR B 257 26.50 9.77 -19.93
C THR B 257 26.64 11.11 -20.64
N HIS B 258 27.83 11.40 -21.16
CA HIS B 258 28.07 12.68 -21.83
C HIS B 258 27.74 12.62 -23.33
N GLN B 259 27.48 11.42 -23.87
CA GLN B 259 27.39 11.28 -25.31
C GLN B 259 25.98 11.69 -25.76
N GLY B 260 25.88 12.74 -26.56
CA GLY B 260 24.59 13.11 -27.13
C GLY B 260 24.05 12.00 -28.03
N ARG B 261 22.74 11.82 -28.03
CA ARG B 261 22.12 10.71 -28.74
C ARG B 261 21.24 11.24 -29.87
N TYR B 262 20.65 12.42 -29.66
CA TYR B 262 19.79 13.05 -30.65
C TYR B 262 19.61 14.50 -30.21
N GLN B 263 18.98 15.31 -31.06
CA GLN B 263 18.71 16.69 -30.76
C GLN B 263 17.23 16.99 -30.75
N VAL B 264 16.88 17.97 -29.94
CA VAL B 264 15.62 18.69 -30.05
C VAL B 264 15.99 20.18 -30.10
N ASN B 265 16.12 20.69 -31.34
CA ASN B 265 16.67 22.00 -31.59
C ASN B 265 18.08 22.07 -30.99
N THR B 266 18.30 23.03 -30.09
CA THR B 266 19.63 23.30 -29.55
C THR B 266 19.94 22.38 -28.36
N MET B 267 18.96 21.61 -27.91
CA MET B 267 19.23 20.68 -26.78
C MET B 267 19.61 19.31 -27.32
N TYR B 268 20.77 18.80 -26.89
CA TYR B 268 21.17 17.44 -27.23
C TYR B 268 20.83 16.56 -26.03
N GLN B 269 20.11 15.45 -26.28
CA GLN B 269 19.79 14.57 -25.17
C GLN B 269 20.93 13.56 -25.06
N ALA B 270 21.66 13.65 -23.95
CA ALA B 270 22.59 12.59 -23.58
C ALA B 270 21.88 11.63 -22.63
N LEU B 271 22.65 10.78 -21.93
CA LEU B 271 22.03 9.87 -20.99
C LEU B 271 21.88 10.60 -19.65
N GLY B 272 20.63 10.93 -19.30
CA GLY B 272 20.35 11.75 -18.15
C GLY B 272 20.59 13.24 -18.39
N TRP B 273 21.86 13.56 -18.67
CA TRP B 273 22.28 14.93 -18.88
C TRP B 273 21.61 15.49 -20.13
N GLU B 274 21.29 16.79 -20.04
CA GLU B 274 21.09 17.56 -21.28
C GLU B 274 22.39 18.24 -21.64
N GLU B 275 22.67 18.33 -22.94
CA GLU B 275 23.94 18.80 -23.46
C GLU B 275 23.68 19.96 -24.43
N PHE B 276 24.59 20.92 -24.49
CA PHE B 276 24.47 22.07 -25.38
C PHE B 276 25.86 22.44 -25.90
N SER B 277 25.89 23.05 -27.09
CA SER B 277 27.11 23.61 -27.61
C SER B 277 27.55 24.77 -26.70
N TYR B 278 28.83 24.74 -26.30
CA TYR B 278 29.39 25.82 -25.50
C TYR B 278 30.26 26.76 -26.34
N PRO B 279 30.18 28.11 -26.22
CA PRO B 279 29.32 28.77 -25.23
C PRO B 279 27.83 28.71 -25.60
N ALA B 280 26.98 28.53 -24.57
CA ALA B 280 25.53 28.49 -24.76
C ALA B 280 24.96 29.81 -24.31
N THR B 281 23.97 30.35 -25.05
CA THR B 281 23.26 31.52 -24.54
C THR B 281 22.32 31.08 -23.41
N LEU B 282 21.93 32.08 -22.59
CA LEU B 282 20.95 31.88 -21.53
C LEU B 282 19.64 31.36 -22.09
N GLN B 283 19.18 31.95 -23.21
CA GLN B 283 17.92 31.50 -23.80
C GLN B 283 17.97 30.04 -24.26
N THR B 284 19.11 29.58 -24.79
CA THR B 284 19.23 28.16 -25.14
C THR B 284 18.93 27.28 -23.90
N LEU B 285 19.58 27.63 -22.79
CA LEU B 285 19.47 26.84 -21.56
C LEU B 285 18.04 26.91 -21.02
N LEU B 286 17.40 28.09 -21.12
CA LEU B 286 16.01 28.26 -20.68
C LEU B 286 15.05 27.42 -21.54
N ASP B 287 15.27 27.44 -22.84
CA ASP B 287 14.42 26.77 -23.82
C ASP B 287 14.36 25.26 -23.55
N SER B 288 15.47 24.73 -23.02
CA SER B 288 15.57 23.30 -22.72
C SER B 288 14.49 22.83 -21.74
N ASN B 289 13.99 23.72 -20.90
CA ASN B 289 13.08 23.33 -19.84
C ASN B 289 11.73 24.03 -20.01
N SER B 290 11.42 24.42 -21.25
CA SER B 290 10.10 24.97 -21.56
C SER B 290 8.99 23.94 -21.37
N GLU B 291 7.75 24.43 -21.16
CA GLU B 291 6.61 23.51 -21.08
C GLU B 291 6.56 22.57 -22.29
N GLN B 292 6.85 23.09 -23.50
CA GLN B 292 6.75 22.30 -24.73
C GLN B 292 7.73 21.12 -24.71
N ILE B 293 8.96 21.36 -24.21
CA ILE B 293 9.99 20.31 -24.19
C ILE B 293 9.72 19.33 -23.05
N VAL B 294 9.37 19.87 -21.88
CA VAL B 294 9.23 19.02 -20.69
C VAL B 294 7.93 18.20 -20.72
N MET B 295 6.83 18.80 -21.19
CA MET B 295 5.53 18.19 -20.92
C MET B 295 4.89 17.55 -22.16
N LYS B 296 5.35 17.88 -23.36
CA LYS B 296 4.70 17.38 -24.56
C LYS B 296 5.67 16.50 -25.34
N PRO B 297 5.16 15.68 -26.28
CA PRO B 297 6.03 14.91 -27.18
C PRO B 297 6.67 15.82 -28.22
N ASN B 298 7.97 15.63 -28.48
CA ASN B 298 8.64 16.40 -29.53
C ASN B 298 9.42 15.46 -30.44
N LYS B 299 9.24 15.63 -31.75
CA LYS B 299 9.98 14.82 -32.71
C LYS B 299 11.47 15.12 -32.59
N VAL B 300 12.29 14.06 -32.56
CA VAL B 300 13.72 14.25 -32.39
C VAL B 300 14.36 14.32 -33.77
N THR B 301 15.58 14.86 -33.84
CA THR B 301 16.39 14.89 -35.06
C THR B 301 17.73 14.20 -34.77
N ALA B 302 18.31 13.59 -35.79
CA ALA B 302 19.68 13.11 -35.72
C ALA B 302 20.59 14.29 -35.43
N ILE B 303 21.61 14.05 -34.60
CA ILE B 303 22.62 15.07 -34.43
C ILE B 303 23.29 15.29 -35.79
N SER B 304 23.28 16.55 -36.23
CA SER B 304 23.85 16.89 -37.53
C SER B 304 24.96 17.93 -37.38
N LYS B 305 25.08 18.59 -36.21
CA LYS B 305 26.31 19.27 -35.83
C LYS B 305 26.66 18.80 -34.43
N GLU B 306 27.79 18.12 -34.31
CA GLU B 306 28.31 17.69 -33.03
C GLU B 306 29.39 18.69 -32.61
N PRO B 307 29.14 19.51 -31.56
CA PRO B 307 30.10 20.53 -31.15
C PRO B 307 31.30 19.89 -30.46
N SER B 308 32.46 20.51 -30.64
CA SER B 308 33.68 20.06 -30.00
C SER B 308 33.63 20.34 -28.50
N VAL B 309 33.07 21.50 -28.13
CA VAL B 309 33.01 21.94 -26.73
C VAL B 309 31.56 22.08 -26.29
N LYS B 310 31.24 21.45 -25.16
CA LYS B 310 29.87 21.32 -24.68
C LYS B 310 29.74 21.77 -23.24
N MET B 311 28.49 22.05 -22.84
CA MET B 311 28.16 22.17 -21.42
C MET B 311 26.92 21.32 -21.17
N TYR B 312 26.70 20.97 -19.90
CA TYR B 312 25.67 20.00 -19.58
C TYR B 312 24.93 20.49 -18.33
N HIS B 313 23.62 20.28 -18.30
CA HIS B 313 22.89 20.59 -17.08
C HIS B 313 21.73 19.62 -16.86
N LYS B 314 21.13 19.68 -15.65
CA LYS B 314 19.92 18.93 -15.36
C LYS B 314 19.19 19.62 -14.20
N THR B 315 17.86 19.83 -14.38
CA THR B 315 17.02 20.30 -13.30
C THR B 315 16.46 19.08 -12.57
N GLY B 316 16.02 19.32 -11.33
CA GLY B 316 15.25 18.27 -10.64
C GLY B 316 14.26 18.92 -9.68
N SER B 317 13.08 18.33 -9.57
CA SER B 317 12.10 18.81 -8.59
C SER B 317 11.38 17.63 -7.96
N THR B 318 11.09 17.78 -6.67
CA THR B 318 10.06 16.99 -6.01
C THR B 318 9.05 17.97 -5.45
N SER B 319 7.97 17.46 -4.81
CA SER B 319 6.95 18.36 -4.30
C SER B 319 7.58 19.47 -3.46
N GLY B 320 8.59 19.11 -2.65
CA GLY B 320 9.16 20.06 -1.70
C GLY B 320 10.61 20.49 -1.94
N PHE B 321 11.21 20.17 -3.10
CA PHE B 321 12.63 20.43 -3.29
C PHE B 321 12.92 20.76 -4.76
N GLY B 322 13.84 21.72 -4.94
CA GLY B 322 14.39 22.12 -6.25
C GLY B 322 15.89 21.83 -6.31
N THR B 323 16.33 21.31 -7.46
CA THR B 323 17.73 20.99 -7.75
C THR B 323 18.10 21.59 -9.10
N TYR B 324 19.38 21.98 -9.23
CA TYR B 324 19.96 22.27 -10.52
C TYR B 324 21.47 21.99 -10.46
N VAL B 325 21.99 21.34 -11.51
CA VAL B 325 23.40 20.99 -11.60
C VAL B 325 23.83 21.31 -13.03
N VAL B 326 25.02 21.90 -13.15
CA VAL B 326 25.53 22.33 -14.46
C VAL B 326 27.06 22.24 -14.43
N PHE B 327 27.68 21.85 -15.57
CA PHE B 327 29.13 21.84 -15.62
C PHE B 327 29.60 22.15 -17.04
N ILE B 328 30.82 22.71 -17.10
CA ILE B 328 31.42 23.16 -18.36
C ILE B 328 32.86 22.64 -18.43
N PRO B 329 33.13 21.51 -19.10
CA PRO B 329 34.47 20.91 -19.04
C PRO B 329 35.59 21.86 -19.46
N LYS B 330 35.31 22.70 -20.46
CA LYS B 330 36.27 23.62 -21.07
C LYS B 330 36.83 24.58 -20.02
N GLU B 331 35.95 25.08 -19.11
CA GLU B 331 36.35 26.04 -18.09
C GLU B 331 36.65 25.36 -16.75
N ASN B 332 36.56 24.03 -16.72
CA ASN B 332 36.78 23.22 -15.51
C ASN B 332 35.93 23.73 -14.34
N ILE B 333 34.63 23.98 -14.57
CA ILE B 333 33.83 24.66 -13.58
C ILE B 333 32.42 24.06 -13.60
N GLY B 334 31.79 24.00 -12.42
CA GLY B 334 30.42 23.50 -12.32
C GLY B 334 29.73 24.09 -11.10
N LEU B 335 28.40 23.96 -11.07
CA LEU B 335 27.66 24.54 -9.95
C LEU B 335 26.53 23.56 -9.58
N VAL B 336 26.21 23.51 -8.28
CA VAL B 336 25.06 22.78 -7.80
C VAL B 336 24.23 23.73 -6.96
N MET B 337 22.91 23.67 -7.15
CA MET B 337 21.96 24.36 -6.28
C MET B 337 20.93 23.37 -5.76
N LEU B 338 20.75 23.37 -4.44
CA LEU B 338 19.74 22.56 -3.77
C LEU B 338 18.89 23.50 -2.93
N THR B 339 17.56 23.34 -3.02
CA THR B 339 16.65 24.12 -2.20
C THR B 339 15.63 23.15 -1.63
N ASN B 340 15.08 23.52 -0.46
CA ASN B 340 13.97 22.75 0.07
C ASN B 340 12.66 23.49 -0.14
N LYS B 341 12.55 24.17 -1.29
CA LYS B 341 11.26 24.56 -1.87
C LYS B 341 11.49 24.79 -3.37
N ARG B 342 10.51 24.41 -4.19
CA ARG B 342 10.67 24.57 -5.63
C ARG B 342 10.57 26.04 -5.98
N ILE B 343 11.48 26.46 -6.86
CA ILE B 343 11.42 27.78 -7.47
C ILE B 343 11.44 27.53 -8.97
N PRO B 344 10.96 28.47 -9.81
CA PRO B 344 10.91 28.23 -11.25
C PRO B 344 12.28 27.81 -11.80
N ASN B 345 12.29 26.80 -12.67
CA ASN B 345 13.52 26.37 -13.35
C ASN B 345 14.27 27.58 -13.95
N GLU B 346 13.53 28.53 -14.58
CA GLU B 346 14.16 29.69 -15.21
C GLU B 346 15.09 30.43 -14.24
N GLU B 347 14.67 30.58 -12.97
CA GLU B 347 15.45 31.34 -11.97
C GLU B 347 16.71 30.58 -11.56
N ARG B 348 16.62 29.25 -11.53
CA ARG B 348 17.76 28.41 -11.17
C ARG B 348 18.83 28.57 -12.27
N ILE B 349 18.38 28.43 -13.51
CA ILE B 349 19.28 28.39 -14.66
C ILE B 349 19.92 29.76 -14.79
N LYS B 350 19.10 30.83 -14.74
CA LYS B 350 19.61 32.19 -14.87
C LYS B 350 20.63 32.53 -13.77
N ALA B 351 20.31 32.25 -12.50
CA ALA B 351 21.29 32.56 -11.44
C ALA B 351 22.62 31.82 -11.67
N ALA B 352 22.55 30.54 -12.01
CA ALA B 352 23.77 29.78 -12.25
C ALA B 352 24.57 30.36 -13.42
N TYR B 353 23.84 30.76 -14.47
CA TYR B 353 24.44 31.34 -15.67
C TYR B 353 25.28 32.57 -15.32
N VAL B 354 24.65 33.48 -14.57
CA VAL B 354 25.32 34.73 -14.26
C VAL B 354 26.57 34.46 -13.42
N VAL B 355 26.44 33.59 -12.41
CA VAL B 355 27.54 33.29 -11.51
C VAL B 355 28.68 32.65 -12.30
N LEU B 356 28.39 31.61 -13.10
CA LEU B 356 29.48 30.90 -13.73
C LEU B 356 30.19 31.76 -14.79
N ASN B 357 29.41 32.64 -15.45
CA ASN B 357 30.00 33.52 -16.44
C ASN B 357 30.88 34.59 -15.77
N ALA B 358 30.59 34.97 -14.51
CA ALA B 358 31.24 36.11 -13.90
C ALA B 358 32.50 35.67 -13.18
N ILE B 359 32.64 34.37 -12.92
CA ILE B 359 33.74 33.95 -12.03
C ILE B 359 35.06 34.00 -12.80
N LYS B 360 36.06 34.69 -12.22
CA LYS B 360 37.41 34.70 -12.77
C LYS B 360 38.01 33.29 -12.68
N PRO C 5 14.89 -5.27 5.81
CA PRO C 5 14.33 -4.78 7.06
C PRO C 5 12.80 -4.74 7.02
N LYS C 6 12.20 -5.03 8.18
CA LYS C 6 10.76 -5.12 8.38
C LYS C 6 10.15 -3.72 8.35
N ASP C 7 11.01 -2.70 8.54
CA ASP C 7 10.63 -1.30 8.54
C ASP C 7 9.87 -0.97 7.26
N GLN C 8 10.35 -1.54 6.13
CA GLN C 8 9.83 -1.21 4.82
C GLN C 8 8.46 -1.85 4.60
N GLU C 9 8.29 -3.11 5.03
CA GLU C 9 7.04 -3.84 4.88
C GLU C 9 5.90 -3.18 5.68
N ILE C 10 6.23 -2.76 6.92
CA ILE C 10 5.27 -2.11 7.81
C ILE C 10 4.89 -0.75 7.23
N LYS C 11 5.91 -0.01 6.80
CA LYS C 11 5.69 1.29 6.19
C LYS C 11 4.71 1.15 5.02
N LYS C 12 4.91 0.10 4.19
CA LYS C 12 4.16 -0.01 2.96
C LYS C 12 2.70 -0.33 3.29
N LEU C 13 2.50 -1.17 4.32
CA LEU C 13 1.16 -1.53 4.73
C LEU C 13 0.42 -0.33 5.31
N VAL C 14 1.14 0.51 6.06
CA VAL C 14 0.56 1.68 6.70
C VAL C 14 0.22 2.71 5.62
N ASP C 15 1.14 2.90 4.67
CA ASP C 15 0.92 3.76 3.51
C ASP C 15 -0.31 3.30 2.75
N GLN C 16 -0.55 1.98 2.73
CA GLN C 16 -1.56 1.45 1.84
C GLN C 16 -2.94 1.58 2.48
N ASN C 17 -3.00 1.46 3.81
CA ASN C 17 -4.26 1.33 4.51
C ASN C 17 -4.60 2.59 5.32
N PHE C 18 -3.58 3.33 5.76
CA PHE C 18 -3.82 4.49 6.62
C PHE C 18 -3.76 5.80 5.82
N LYS C 19 -2.67 6.00 5.07
CA LYS C 19 -2.42 7.20 4.29
C LYS C 19 -3.64 7.68 3.48
N PRO C 20 -4.36 6.81 2.73
CA PRO C 20 -5.51 7.26 1.96
C PRO C 20 -6.63 7.92 2.77
N LEU C 21 -6.67 7.71 4.09
CA LEU C 21 -7.71 8.27 4.95
C LEU C 21 -7.53 9.79 5.08
N LEU C 22 -6.28 10.26 4.90
CA LEU C 22 -5.94 11.67 5.01
C LEU C 22 -6.70 12.45 3.94
N GLU C 23 -6.53 12.01 2.68
CA GLU C 23 -7.21 12.62 1.56
C GLU C 23 -8.71 12.37 1.68
N LYS C 24 -9.09 11.14 2.09
CA LYS C 24 -10.50 10.75 2.09
C LYS C 24 -11.29 11.64 3.04
N TYR C 25 -10.68 11.97 4.21
CA TYR C 25 -11.41 12.69 5.25
C TYR C 25 -10.87 14.11 5.50
N ASP C 26 -9.94 14.58 4.63
CA ASP C 26 -9.27 15.88 4.74
C ASP C 26 -8.67 16.04 6.15
N VAL C 27 -7.91 15.02 6.58
CA VAL C 27 -7.22 15.00 7.87
C VAL C 27 -5.88 15.68 7.73
N PRO C 28 -5.58 16.74 8.53
CA PRO C 28 -4.30 17.43 8.42
C PRO C 28 -3.09 16.55 8.75
N GLY C 29 -3.19 15.79 9.84
CA GLY C 29 -2.01 15.11 10.39
C GLY C 29 -2.37 13.76 11.05
N MET C 30 -1.38 12.85 11.02
CA MET C 30 -1.62 11.52 11.52
C MET C 30 -0.28 10.93 11.96
N ALA C 31 -0.34 10.15 13.04
CA ALA C 31 0.82 9.37 13.44
C ALA C 31 0.33 7.95 13.65
N VAL C 32 1.01 6.99 12.99
CA VAL C 32 0.65 5.59 13.12
C VAL C 32 1.88 4.81 13.57
N GLY C 33 1.72 4.05 14.66
CA GLY C 33 2.80 3.24 15.16
C GLY C 33 2.39 1.77 15.22
N VAL C 34 3.37 0.89 14.97
CA VAL C 34 3.22 -0.54 15.16
C VAL C 34 4.34 -1.01 16.08
N ILE C 35 3.99 -1.89 17.04
CA ILE C 35 5.02 -2.57 17.79
C ILE C 35 4.84 -4.06 17.57
N GLN C 36 5.89 -4.74 17.08
CA GLN C 36 5.86 -6.19 16.97
C GLN C 36 7.19 -6.77 17.43
N ASN C 37 7.10 -7.83 18.25
CA ASN C 37 8.25 -8.45 18.90
C ASN C 37 9.21 -7.36 19.41
N ASN C 38 8.68 -6.37 20.14
CA ASN C 38 9.48 -5.45 20.93
C ASN C 38 10.28 -4.47 20.06
N LYS C 39 9.94 -4.39 18.77
CA LYS C 39 10.50 -3.38 17.88
C LYS C 39 9.41 -2.37 17.49
N LYS C 40 9.77 -1.09 17.50
CA LYS C 40 8.78 -0.05 17.26
C LYS C 40 8.96 0.54 15.86
N TYR C 41 7.85 0.79 15.15
CA TYR C 41 7.88 1.41 13.84
C TYR C 41 6.91 2.59 13.85
N GLU C 42 7.43 3.78 13.51
CA GLU C 42 6.64 5.02 13.62
C GLU C 42 6.52 5.68 12.24
N MET C 43 5.30 6.00 11.86
CA MET C 43 5.01 6.64 10.59
C MET C 43 4.27 7.95 10.86
N TYR C 44 4.77 9.06 10.30
CA TYR C 44 4.18 10.39 10.50
C TYR C 44 3.74 10.99 9.17
N TYR C 45 2.52 11.55 9.15
CA TYR C 45 1.95 12.14 7.95
C TYR C 45 1.43 13.54 8.25
N GLY C 46 1.66 14.46 7.31
CA GLY C 46 0.93 15.71 7.37
C GLY C 46 1.37 16.63 8.51
N LEU C 47 0.40 17.41 9.01
CA LEU C 47 0.68 18.60 9.80
C LEU C 47 0.02 18.49 11.18
N GLN C 48 0.78 18.89 12.16
CA GLN C 48 0.41 19.01 13.55
C GLN C 48 -0.37 20.33 13.72
N SER C 49 0.08 21.39 13.01
CA SER C 49 -0.57 22.70 13.03
C SER C 49 -0.59 23.26 11.61
N VAL C 50 -1.77 23.54 11.06
CA VAL C 50 -1.88 24.10 9.72
C VAL C 50 -1.43 25.56 9.76
N GLN C 51 -1.90 26.30 10.77
CA GLN C 51 -1.53 27.73 10.93
C GLN C 51 -0.03 27.94 11.08
N ASP C 52 0.62 27.07 11.86
CA ASP C 52 2.03 27.23 12.17
C ASP C 52 2.90 26.39 11.21
N LYS C 53 2.27 25.67 10.26
CA LYS C 53 2.97 24.89 9.23
C LYS C 53 3.98 23.93 9.87
N LYS C 54 3.55 23.26 10.97
CA LYS C 54 4.39 22.30 11.67
C LYS C 54 4.01 20.90 11.21
N ALA C 55 5.03 20.10 10.87
CA ALA C 55 4.86 18.71 10.49
C ALA C 55 4.62 17.85 11.73
N VAL C 56 3.79 16.83 11.57
CA VAL C 56 3.66 15.78 12.61
C VAL C 56 5.01 15.07 12.74
N ASN C 57 5.43 14.84 13.98
CA ASN C 57 6.73 14.21 14.21
C ASN C 57 6.65 13.43 15.53
N SER C 58 7.77 12.84 15.95
CA SER C 58 7.81 12.05 17.17
C SER C 58 7.54 12.87 18.44
N ASN C 59 7.64 14.20 18.39
CA ASN C 59 7.37 15.04 19.54
C ASN C 59 5.92 15.54 19.58
N THR C 60 5.16 15.27 18.51
CA THR C 60 3.81 15.82 18.42
C THR C 60 2.93 15.20 19.53
N ILE C 61 2.25 16.05 20.27
CA ILE C 61 1.32 15.67 21.33
C ILE C 61 -0.11 15.72 20.78
N PHE C 62 -0.83 14.59 20.90
CA PHE C 62 -2.22 14.48 20.45
C PHE C 62 -3.16 14.31 21.67
N GLU C 63 -4.42 14.76 21.56
CA GLU C 63 -5.46 14.45 22.54
C GLU C 63 -5.94 13.01 22.32
N LEU C 64 -5.92 12.20 23.39
CA LEU C 64 -6.27 10.78 23.31
C LEU C 64 -7.77 10.55 23.44
N GLY C 65 -8.51 11.57 23.91
CA GLY C 65 -9.94 11.40 24.20
C GLY C 65 -10.19 10.20 25.13
N SER C 66 -11.13 9.32 24.77
CA SER C 66 -11.52 8.21 25.65
C SER C 66 -10.41 7.22 25.90
N VAL C 67 -9.36 7.21 25.07
CA VAL C 67 -8.22 6.36 25.34
C VAL C 67 -7.58 6.73 26.69
N SER C 68 -7.84 7.97 27.17
CA SER C 68 -7.48 8.43 28.51
C SER C 68 -8.01 7.46 29.58
N LYS C 69 -9.17 6.83 29.30
CA LYS C 69 -9.79 5.94 30.29
C LYS C 69 -8.88 4.76 30.63
N LEU C 70 -7.99 4.39 29.70
CA LEU C 70 -7.04 3.30 29.93
C LEU C 70 -6.03 3.65 31.04
N PHE C 71 -5.64 4.94 31.12
CA PHE C 71 -4.72 5.41 32.13
C PHE C 71 -5.40 5.49 33.48
N THR C 72 -6.67 5.95 33.48
CA THR C 72 -7.50 5.98 34.67
C THR C 72 -7.66 4.58 35.25
N ALA C 73 -7.89 3.61 34.36
CA ALA C 73 -7.96 2.20 34.70
C ALA C 73 -6.64 1.72 35.32
N THR C 74 -5.51 2.03 34.68
CA THR C 74 -4.19 1.65 35.19
C THR C 74 -3.97 2.26 36.58
N ALA C 75 -4.37 3.52 36.75
CA ALA C 75 -4.21 4.20 38.03
C ALA C 75 -5.02 3.45 39.09
N GLY C 76 -6.26 3.08 38.72
CA GLY C 76 -7.13 2.26 39.53
C GLY C 76 -6.45 0.97 39.97
N GLY C 77 -5.95 0.18 39.02
CA GLY C 77 -5.24 -1.05 39.27
C GLY C 77 -3.97 -0.90 40.13
N TYR C 78 -3.26 0.22 39.97
CA TYR C 78 -2.09 0.53 40.79
C TYR C 78 -2.52 0.76 42.24
N ALA C 79 -3.55 1.60 42.43
CA ALA C 79 -4.05 1.93 43.76
C ALA C 79 -4.60 0.70 44.47
N LYS C 80 -5.24 -0.20 43.71
CA LYS C 80 -5.81 -1.42 44.26
C LYS C 80 -4.69 -2.31 44.80
N ASN C 81 -3.70 -2.60 43.95
CA ASN C 81 -2.66 -3.56 44.27
C ASN C 81 -1.68 -3.02 45.30
N LYS C 82 -1.74 -1.70 45.57
CA LYS C 82 -0.98 -1.10 46.65
C LYS C 82 -1.83 -1.08 47.92
N GLY C 83 -3.11 -1.44 47.77
CA GLY C 83 -4.05 -1.56 48.88
C GLY C 83 -4.66 -0.22 49.29
N LYS C 84 -4.51 0.81 48.44
CA LYS C 84 -5.01 2.14 48.77
C LYS C 84 -6.53 2.21 48.56
N ILE C 85 -7.06 1.30 47.74
CA ILE C 85 -8.49 1.12 47.55
C ILE C 85 -8.78 -0.37 47.34
N SER C 86 -10.07 -0.68 47.49
CA SER C 86 -10.70 -1.94 47.16
C SER C 86 -11.82 -1.62 46.18
N PHE C 87 -12.02 -2.52 45.20
CA PHE C 87 -13.00 -2.34 44.16
C PHE C 87 -14.41 -2.43 44.73
N ASP C 88 -14.52 -2.93 45.96
CA ASP C 88 -15.79 -3.12 46.62
C ASP C 88 -16.17 -1.89 47.44
N ASP C 89 -15.20 -0.99 47.65
CA ASP C 89 -15.43 0.28 48.33
C ASP C 89 -16.43 1.14 47.55
N THR C 90 -17.04 2.07 48.27
CA THR C 90 -17.93 3.05 47.67
C THR C 90 -17.22 4.39 47.77
N PRO C 91 -17.62 5.39 46.94
CA PRO C 91 -16.94 6.69 46.88
C PRO C 91 -16.85 7.47 48.19
N GLY C 92 -17.92 7.38 49.00
CA GLY C 92 -18.04 8.12 50.25
C GLY C 92 -16.95 7.76 51.26
N LYS C 93 -16.30 6.60 51.06
CA LYS C 93 -15.21 6.15 51.91
C LYS C 93 -14.00 7.06 51.74
N TYR C 94 -13.98 7.78 50.59
CA TYR C 94 -12.83 8.54 50.18
C TYR C 94 -13.20 10.00 50.00
N TRP C 95 -14.37 10.24 49.38
CA TRP C 95 -14.93 11.58 49.27
C TRP C 95 -15.98 11.71 50.36
N LYS C 96 -15.54 12.25 51.50
CA LYS C 96 -16.29 12.24 52.76
C LYS C 96 -17.64 12.96 52.59
N GLU C 97 -17.69 13.94 51.67
CA GLU C 97 -18.89 14.73 51.46
C GLU C 97 -19.92 13.93 50.68
N LEU C 98 -19.57 12.71 50.27
CA LEU C 98 -20.48 11.86 49.51
C LEU C 98 -21.03 10.72 50.40
N LYS C 99 -20.42 10.54 51.60
CA LYS C 99 -20.89 9.59 52.60
C LYS C 99 -22.38 9.84 52.89
N ASN C 100 -23.16 8.75 52.86
CA ASN C 100 -24.57 8.73 53.24
C ASN C 100 -25.43 9.42 52.17
N THR C 101 -24.88 9.51 50.94
CA THR C 101 -25.58 9.90 49.73
C THR C 101 -25.90 8.62 48.95
N PRO C 102 -27.01 8.55 48.17
CA PRO C 102 -27.36 7.38 47.36
C PRO C 102 -26.25 6.80 46.47
N ILE C 103 -25.37 7.66 45.92
CA ILE C 103 -24.31 7.16 45.05
C ILE C 103 -23.28 6.44 45.92
N ASP C 104 -23.46 6.52 47.25
CA ASP C 104 -22.55 5.83 48.16
C ASP C 104 -22.91 4.33 48.18
N GLN C 105 -23.97 3.98 47.44
CA GLN C 105 -24.44 2.61 47.27
C GLN C 105 -23.75 1.93 46.10
N VAL C 106 -23.03 2.71 45.28
CA VAL C 106 -22.36 2.19 44.08
C VAL C 106 -20.89 1.94 44.38
N ASN C 107 -20.34 0.79 43.93
CA ASN C 107 -18.96 0.54 44.30
C ASN C 107 -17.99 1.07 43.23
N LEU C 108 -16.68 1.03 43.52
CA LEU C 108 -15.67 1.58 42.62
C LEU C 108 -15.64 0.84 41.28
N LEU C 109 -15.76 -0.50 41.28
CA LEU C 109 -15.72 -1.27 40.04
C LEU C 109 -16.92 -0.92 39.18
N GLN C 110 -18.06 -0.71 39.83
CA GLN C 110 -19.27 -0.38 39.08
C GLN C 110 -19.12 0.99 38.40
N LEU C 111 -18.52 1.95 39.12
CA LEU C 111 -18.29 3.27 38.54
C LEU C 111 -17.34 3.15 37.35
N ALA C 112 -16.26 2.37 37.54
CA ALA C 112 -15.20 2.21 36.53
C ALA C 112 -15.74 1.52 35.28
N THR C 113 -16.75 0.66 35.44
CA THR C 113 -17.22 -0.14 34.31
C THR C 113 -18.64 0.28 33.90
N TYR C 114 -19.09 1.44 34.41
CA TYR C 114 -20.23 2.17 33.87
C TYR C 114 -21.59 1.56 34.28
N THR C 115 -21.67 0.85 35.40
CA THR C 115 -22.92 0.12 35.68
C THR C 115 -23.69 0.74 36.84
N SER C 116 -23.56 2.06 37.05
CA SER C 116 -24.21 2.72 38.19
C SER C 116 -25.73 2.63 38.09
N GLY C 117 -26.21 2.50 36.84
CA GLY C 117 -27.62 2.43 36.50
C GLY C 117 -28.27 3.79 36.25
N ASN C 118 -27.54 4.89 36.51
CA ASN C 118 -28.10 6.21 36.23
C ASN C 118 -27.02 7.26 35.97
N LEU C 119 -26.20 7.05 34.93
CA LEU C 119 -25.22 8.04 34.47
C LEU C 119 -25.04 7.89 32.97
N ALA C 120 -25.35 8.96 32.21
CA ALA C 120 -25.23 9.00 30.76
C ALA C 120 -23.80 9.35 30.31
N LEU C 121 -23.63 9.55 28.98
CA LEU C 121 -22.34 9.81 28.33
C LEU C 121 -21.67 11.04 28.95
N GLN C 122 -22.41 12.14 29.06
CA GLN C 122 -21.87 13.38 29.59
C GLN C 122 -22.60 13.73 30.88
N PHE C 123 -21.96 14.55 31.73
CA PHE C 123 -22.72 15.33 32.71
C PHE C 123 -23.67 16.25 31.95
N PRO C 124 -24.77 16.74 32.57
CA PRO C 124 -25.62 17.74 31.93
C PRO C 124 -24.86 19.06 31.81
N ASP C 125 -25.27 19.85 30.82
CA ASP C 125 -24.59 21.07 30.41
C ASP C 125 -24.24 21.95 31.61
N GLU C 126 -25.20 22.10 32.55
CA GLU C 126 -25.12 23.08 33.64
C GLU C 126 -23.98 22.75 34.61
N VAL C 127 -23.52 21.49 34.61
CA VAL C 127 -22.47 21.01 35.49
C VAL C 127 -21.10 21.38 34.94
N GLN C 128 -20.40 22.26 35.66
CA GLN C 128 -19.16 22.85 35.18
C GLN C 128 -18.14 22.91 36.32
N THR C 129 -18.51 23.58 37.41
CA THR C 129 -17.58 23.85 38.51
C THR C 129 -17.43 22.64 39.42
N ASP C 130 -16.38 22.65 40.27
CA ASP C 130 -16.12 21.58 41.24
C ASP C 130 -17.32 21.44 42.19
N GLN C 131 -17.89 22.59 42.58
CA GLN C 131 -19.06 22.67 43.45
C GLN C 131 -20.25 21.97 42.80
N GLN C 132 -20.52 22.29 41.52
CA GLN C 132 -21.61 21.71 40.75
C GLN C 132 -21.39 20.20 40.54
N VAL C 133 -20.12 19.77 40.48
CA VAL C 133 -19.80 18.35 40.35
C VAL C 133 -20.17 17.60 41.63
N LEU C 134 -19.69 18.10 42.77
CA LEU C 134 -20.07 17.57 44.07
C LEU C 134 -21.59 17.56 44.21
N THR C 135 -22.24 18.67 43.81
CA THR C 135 -23.68 18.84 43.95
C THR C 135 -24.42 17.78 43.14
N PHE C 136 -24.00 17.62 41.87
CA PHE C 136 -24.61 16.67 40.94
C PHE C 136 -24.59 15.25 41.51
N PHE C 137 -23.58 14.94 42.36
CA PHE C 137 -23.36 13.58 42.78
C PHE C 137 -24.06 13.29 44.12
N LYS C 138 -24.11 14.29 44.99
CA LYS C 138 -24.87 14.09 46.22
C LYS C 138 -26.39 14.16 45.96
N ASP C 139 -26.81 14.78 44.85
CA ASP C 139 -28.22 14.84 44.45
C ASP C 139 -28.56 13.69 43.51
N TRP C 140 -27.55 12.86 43.19
CA TRP C 140 -27.80 11.72 42.33
C TRP C 140 -28.66 10.71 43.09
N LYS C 141 -29.66 10.19 42.39
CA LYS C 141 -30.47 9.07 42.87
C LYS C 141 -30.37 7.89 41.89
N PRO C 142 -30.56 6.64 42.38
CA PRO C 142 -30.53 5.48 41.48
C PRO C 142 -31.71 5.47 40.50
N LYS C 143 -31.57 4.67 39.44
CA LYS C 143 -32.69 4.42 38.55
C LYS C 143 -32.79 2.91 38.26
N ASN C 144 -31.87 2.37 37.46
CA ASN C 144 -31.86 0.94 37.17
C ASN C 144 -31.12 0.21 38.30
N PRO C 145 -31.27 -1.13 38.38
CA PRO C 145 -30.53 -1.87 39.41
C PRO C 145 -29.02 -1.63 39.30
N ILE C 146 -28.43 -1.13 40.38
CA ILE C 146 -26.99 -0.91 40.44
C ILE C 146 -26.30 -2.23 40.08
N GLY C 147 -25.47 -2.19 39.04
CA GLY C 147 -24.64 -3.33 38.69
C GLY C 147 -25.11 -4.08 37.44
N GLU C 148 -26.35 -3.82 37.02
CA GLU C 148 -27.01 -4.68 36.05
C GLU C 148 -26.83 -4.14 34.62
N TYR C 149 -26.81 -2.80 34.46
CA TYR C 149 -26.86 -2.19 33.14
C TYR C 149 -25.59 -1.39 32.85
N ARG C 150 -24.97 -1.64 31.68
CA ARG C 150 -23.83 -0.85 31.23
C ARG C 150 -24.29 0.35 30.38
N GLN C 151 -24.01 1.57 30.86
CA GLN C 151 -24.17 2.76 30.03
C GLN C 151 -22.86 3.55 30.01
N TYR C 152 -22.18 3.52 28.85
CA TYR C 152 -20.91 4.23 28.66
C TYR C 152 -21.02 5.67 29.20
N SER C 153 -20.10 6.04 30.09
CA SER C 153 -20.34 7.26 30.83
C SER C 153 -19.05 7.92 31.29
N ASN C 154 -18.86 9.18 30.88
CA ASN C 154 -17.74 9.99 31.33
C ASN C 154 -17.85 10.33 32.82
N PRO C 155 -19.00 10.86 33.31
CA PRO C 155 -19.18 11.08 34.75
C PRO C 155 -18.85 9.84 35.59
N SER C 156 -19.17 8.66 35.06
CA SER C 156 -18.97 7.45 35.83
C SER C 156 -17.50 7.22 36.11
N ILE C 157 -16.71 7.05 35.03
CA ILE C 157 -15.31 6.74 35.23
C ILE C 157 -14.60 7.99 35.75
N GLY C 158 -15.21 9.17 35.54
CA GLY C 158 -14.76 10.40 36.16
C GLY C 158 -14.72 10.30 37.69
N LEU C 159 -15.83 9.88 38.29
CA LEU C 159 -15.90 9.78 39.74
C LEU C 159 -14.90 8.74 40.23
N PHE C 160 -14.84 7.59 39.53
CA PHE C 160 -13.87 6.56 39.81
C PHE C 160 -12.48 7.18 39.94
N GLY C 161 -12.07 7.91 38.89
CA GLY C 161 -10.77 8.53 38.89
C GLY C 161 -10.58 9.46 40.08
N LYS C 162 -11.61 10.27 40.37
CA LYS C 162 -11.60 11.24 41.46
C LYS C 162 -11.29 10.50 42.77
N VAL C 163 -11.90 9.33 42.94
CA VAL C 163 -11.76 8.55 44.16
C VAL C 163 -10.32 8.06 44.25
N VAL C 164 -9.86 7.45 43.15
CA VAL C 164 -8.52 6.87 43.08
C VAL C 164 -7.54 7.94 43.54
N ALA C 165 -7.71 9.18 43.02
CA ALA C 165 -6.83 10.30 43.35
C ALA C 165 -6.84 10.58 44.86
N LEU C 166 -8.04 10.67 45.45
CA LEU C 166 -8.21 10.86 46.89
C LEU C 166 -7.45 9.80 47.68
N SER C 167 -7.58 8.53 47.26
CA SER C 167 -6.95 7.39 47.92
C SER C 167 -5.42 7.48 47.92
N MET C 168 -4.85 8.33 47.03
CA MET C 168 -3.41 8.44 46.90
C MET C 168 -2.97 9.81 47.40
N ASN C 169 -3.96 10.62 47.81
CA ASN C 169 -3.75 11.91 48.48
C ASN C 169 -3.06 12.88 47.53
N LYS C 170 -3.48 12.86 46.26
CA LYS C 170 -2.93 13.74 45.24
C LYS C 170 -4.06 14.04 44.25
N PRO C 171 -4.13 15.23 43.62
CA PRO C 171 -5.13 15.46 42.58
C PRO C 171 -4.93 14.46 41.43
N PHE C 172 -5.97 14.25 40.62
CA PHE C 172 -5.92 13.25 39.56
C PHE C 172 -4.74 13.49 38.62
N ASP C 173 -4.50 14.76 38.27
CA ASP C 173 -3.47 15.10 37.31
C ASP C 173 -2.10 14.63 37.82
N GLN C 174 -1.89 14.74 39.15
CA GLN C 174 -0.63 14.39 39.79
C GLN C 174 -0.47 12.87 39.85
N VAL C 175 -1.57 12.16 40.07
CA VAL C 175 -1.56 10.70 40.07
C VAL C 175 -0.94 10.20 38.76
N LEU C 176 -1.40 10.77 37.64
CA LEU C 176 -0.87 10.34 36.35
C LEU C 176 0.54 10.90 36.14
N GLU C 177 0.73 12.20 36.33
CA GLU C 177 1.98 12.85 35.95
C GLU C 177 3.12 12.47 36.90
N LYS C 178 2.81 12.19 38.16
CA LYS C 178 3.85 11.97 39.16
C LYS C 178 4.06 10.49 39.44
N THR C 179 3.02 9.65 39.22
CA THR C 179 3.09 8.26 39.63
C THR C 179 3.01 7.30 38.45
N ILE C 180 1.92 7.40 37.68
CA ILE C 180 1.58 6.40 36.67
C ILE C 180 2.44 6.52 35.41
N PHE C 181 2.52 7.74 34.83
CA PHE C 181 3.33 7.95 33.66
C PHE C 181 4.79 7.60 33.95
N PRO C 182 5.40 8.08 35.05
CA PRO C 182 6.81 7.74 35.34
C PRO C 182 7.02 6.24 35.52
N ALA C 183 6.05 5.57 36.17
CA ALA C 183 6.13 4.13 36.38
C ALA C 183 6.11 3.37 35.05
N LEU C 184 5.40 3.93 34.06
CA LEU C 184 5.36 3.33 32.74
C LEU C 184 6.53 3.82 31.87
N GLY C 185 7.30 4.80 32.36
CA GLY C 185 8.46 5.33 31.63
C GLY C 185 8.07 6.28 30.50
N LEU C 186 6.90 6.94 30.66
CA LEU C 186 6.34 7.85 29.66
C LEU C 186 6.80 9.27 29.98
N LYS C 187 7.52 9.88 29.03
CA LYS C 187 8.20 11.15 29.25
C LYS C 187 7.39 12.32 28.68
N HIS C 188 6.52 12.06 27.70
CA HIS C 188 5.81 13.15 27.04
C HIS C 188 4.30 12.90 27.02
N SER C 189 3.76 12.44 28.16
CA SER C 189 2.33 12.25 28.35
C SER C 189 1.87 13.17 29.48
N TYR C 190 0.71 13.82 29.31
CA TYR C 190 0.24 14.90 30.14
C TYR C 190 -1.27 14.82 30.36
N VAL C 191 -1.69 15.33 31.52
CA VAL C 191 -3.05 15.80 31.72
C VAL C 191 -3.10 17.29 31.39
N ASN C 192 -2.08 18.03 31.86
CA ASN C 192 -1.91 19.42 31.52
C ASN C 192 -0.61 19.56 30.73
N VAL C 193 -0.69 20.04 29.49
CA VAL C 193 0.55 20.18 28.73
C VAL C 193 1.25 21.44 29.25
N PRO C 194 2.54 21.35 29.66
CA PRO C 194 3.24 22.51 30.21
C PRO C 194 3.63 23.49 29.12
N LYS C 195 3.97 24.74 29.49
CA LYS C 195 4.33 25.76 28.52
C LYS C 195 5.47 25.27 27.64
N THR C 196 6.43 24.59 28.24
CA THR C 196 7.62 24.11 27.57
C THR C 196 7.28 23.13 26.43
N GLN C 197 6.05 22.62 26.40
CA GLN C 197 5.66 21.62 25.41
C GLN C 197 4.52 22.14 24.53
N MET C 198 4.08 23.39 24.76
CA MET C 198 2.97 23.89 23.97
C MET C 198 3.27 23.89 22.47
N GLN C 199 4.56 24.07 22.08
CA GLN C 199 4.96 24.13 20.68
C GLN C 199 4.84 22.75 20.02
N ASN C 200 4.73 21.70 20.83
CA ASN C 200 4.59 20.34 20.32
C ASN C 200 3.14 19.85 20.34
N TYR C 201 2.23 20.63 20.94
CA TYR C 201 0.84 20.22 21.13
C TYR C 201 0.10 20.51 19.82
N ALA C 202 -0.30 19.44 19.12
CA ALA C 202 -1.10 19.57 17.90
C ALA C 202 -2.35 20.40 18.19
N PHE C 203 -2.81 21.13 17.16
CA PHE C 203 -4.22 21.50 17.15
C PHE C 203 -5.04 20.35 16.62
N GLY C 204 -6.27 20.24 17.16
CA GLY C 204 -7.27 19.38 16.53
C GLY C 204 -7.98 20.19 15.45
N TYR C 205 -8.68 19.50 14.55
CA TYR C 205 -9.44 20.13 13.47
C TYR C 205 -10.83 19.56 13.46
N ASN C 206 -11.83 20.47 13.44
CA ASN C 206 -13.22 20.08 13.41
C ASN C 206 -13.64 19.77 11.97
N GLN C 207 -14.95 19.57 11.77
CA GLN C 207 -15.44 19.07 10.50
C GLN C 207 -15.40 20.20 9.48
N GLU C 208 -15.10 21.42 9.91
CA GLU C 208 -14.87 22.50 8.95
C GLU C 208 -13.38 22.75 8.76
N ASN C 209 -12.51 21.80 9.17
CA ASN C 209 -11.07 21.93 9.14
C ASN C 209 -10.58 23.23 9.80
N GLN C 210 -11.19 23.60 10.94
CA GLN C 210 -10.77 24.74 11.74
C GLN C 210 -10.20 24.25 13.08
N PRO C 211 -9.18 24.95 13.63
CA PRO C 211 -8.46 24.44 14.78
C PRO C 211 -9.29 24.44 16.05
N ILE C 212 -9.15 23.38 16.84
CA ILE C 212 -9.90 23.28 18.09
C ILE C 212 -9.11 22.42 19.06
N ARG C 213 -9.16 22.78 20.35
CA ARG C 213 -8.55 21.95 21.38
C ARG C 213 -9.62 21.65 22.44
N VAL C 214 -9.40 20.58 23.19
CA VAL C 214 -10.41 20.16 24.14
C VAL C 214 -10.55 21.22 25.23
N ASN C 215 -11.82 21.50 25.59
CA ASN C 215 -12.15 22.51 26.59
C ASN C 215 -12.09 21.88 27.98
N PRO C 216 -11.74 22.65 29.04
CA PRO C 216 -11.85 22.12 30.40
C PRO C 216 -13.31 21.74 30.63
N GLY C 217 -13.50 20.66 31.38
CA GLY C 217 -14.86 20.28 31.74
C GLY C 217 -14.87 19.54 33.06
N PRO C 218 -16.07 19.23 33.61
CA PRO C 218 -16.18 18.48 34.87
C PRO C 218 -15.61 17.06 34.78
N LEU C 219 -14.62 16.77 35.64
CA LEU C 219 -13.94 15.48 35.72
C LEU C 219 -13.44 15.04 34.34
N ASP C 220 -12.88 15.99 33.60
CA ASP C 220 -12.40 15.74 32.25
C ASP C 220 -11.23 14.74 32.27
N ALA C 221 -10.27 14.98 33.17
CA ALA C 221 -8.98 14.30 33.09
C ALA C 221 -9.18 12.80 33.02
N PRO C 222 -9.90 12.17 33.99
CA PRO C 222 -10.07 10.72 33.97
C PRO C 222 -10.85 10.11 32.81
N ALA C 223 -11.73 10.91 32.20
CA ALA C 223 -12.60 10.44 31.14
C ALA C 223 -11.97 10.61 29.75
N TYR C 224 -11.34 11.76 29.47
CA TYR C 224 -10.94 12.02 28.10
C TYR C 224 -9.82 13.05 28.02
N GLY C 225 -9.06 13.25 29.10
CA GLY C 225 -8.25 14.46 29.21
C GLY C 225 -6.73 14.27 29.10
N VAL C 226 -6.26 13.07 28.69
CA VAL C 226 -4.83 12.83 28.56
C VAL C 226 -4.41 13.17 27.12
N LYS C 227 -3.18 13.63 27.03
CA LYS C 227 -2.50 13.92 25.77
C LYS C 227 -1.17 13.21 25.78
N SER C 228 -0.76 12.72 24.59
CA SER C 228 0.47 11.94 24.53
C SER C 228 1.08 11.97 23.14
N THR C 229 2.31 11.44 22.99
CA THR C 229 2.98 11.33 21.71
C THR C 229 2.86 9.88 21.20
N LEU C 230 3.17 9.65 19.92
CA LEU C 230 3.18 8.30 19.38
C LEU C 230 4.21 7.42 20.10
N PRO C 231 5.47 7.87 20.32
CA PRO C 231 6.44 7.04 21.05
C PRO C 231 5.95 6.61 22.43
N ASP C 232 5.30 7.53 23.15
CA ASP C 232 4.80 7.21 24.49
C ASP C 232 3.66 6.20 24.41
N MET C 233 2.78 6.35 23.42
CA MET C 233 1.69 5.41 23.28
C MET C 233 2.16 4.02 22.87
N LEU C 234 3.21 3.94 22.04
CA LEU C 234 3.81 2.66 21.70
C LEU C 234 4.46 2.02 22.93
N SER C 235 5.09 2.82 23.79
CA SER C 235 5.63 2.32 25.05
C SER C 235 4.52 1.81 25.95
N PHE C 236 3.38 2.52 25.99
CA PHE C 236 2.24 2.07 26.75
C PHE C 236 1.71 0.73 26.20
N ILE C 237 1.66 0.60 24.87
CA ILE C 237 1.27 -0.67 24.28
C ILE C 237 2.29 -1.76 24.64
N HIS C 238 3.58 -1.45 24.50
CA HIS C 238 4.65 -2.34 24.94
C HIS C 238 4.40 -2.85 26.36
N ALA C 239 4.08 -1.95 27.31
CA ALA C 239 3.83 -2.32 28.70
C ALA C 239 2.68 -3.34 28.83
N ASN C 240 1.60 -3.07 28.10
CA ASN C 240 0.42 -3.93 28.05
C ASN C 240 0.73 -5.30 27.47
N LEU C 241 1.65 -5.37 26.51
CA LEU C 241 2.03 -6.62 25.87
C LEU C 241 3.04 -7.41 26.72
N ASN C 242 3.83 -6.71 27.54
CA ASN C 242 4.95 -7.33 28.22
C ASN C 242 5.06 -6.82 29.65
N PRO C 243 4.01 -6.95 30.49
CA PRO C 243 4.03 -6.35 31.82
C PRO C 243 5.12 -6.94 32.71
N GLN C 244 5.52 -8.19 32.43
CA GLN C 244 6.46 -8.90 33.27
C GLN C 244 7.79 -8.16 33.31
N LYS C 245 8.02 -7.27 32.33
CA LYS C 245 9.27 -6.56 32.24
C LYS C 245 9.25 -5.28 33.11
N TYR C 246 8.17 -5.04 33.88
CA TYR C 246 8.04 -3.78 34.61
C TYR C 246 8.06 -4.08 36.09
N PRO C 247 8.43 -3.11 36.97
CA PRO C 247 8.42 -3.34 38.41
C PRO C 247 7.01 -3.76 38.82
N THR C 248 6.94 -4.42 39.97
CA THR C 248 5.82 -5.21 40.42
C THR C 248 4.52 -4.41 40.47
N ASP C 249 4.58 -3.20 41.03
CA ASP C 249 3.40 -2.40 41.32
C ASP C 249 2.69 -1.99 40.02
N ILE C 250 3.46 -1.65 38.98
CA ILE C 250 2.87 -1.24 37.71
C ILE C 250 2.52 -2.46 36.87
N GLN C 251 3.32 -3.52 36.99
CA GLN C 251 3.02 -4.80 36.38
C GLN C 251 1.65 -5.29 36.84
N ARG C 252 1.37 -5.21 38.16
CA ARG C 252 0.10 -5.67 38.69
C ARG C 252 -1.03 -4.74 38.23
N ALA C 253 -0.73 -3.42 38.16
CA ALA C 253 -1.66 -2.40 37.69
C ALA C 253 -2.18 -2.75 36.29
N ILE C 254 -1.23 -3.03 35.38
CA ILE C 254 -1.49 -3.36 33.98
C ILE C 254 -2.35 -4.62 33.91
N ASN C 255 -1.95 -5.67 34.66
CA ASN C 255 -2.65 -6.94 34.62
C ASN C 255 -4.09 -6.74 35.06
N GLU C 256 -4.30 -5.89 36.07
CA GLU C 256 -5.63 -5.59 36.59
C GLU C 256 -6.54 -5.07 35.48
N THR C 257 -5.99 -4.28 34.52
CA THR C 257 -6.84 -3.69 33.48
C THR C 257 -7.22 -4.73 32.42
N HIS C 258 -6.58 -5.89 32.43
CA HIS C 258 -6.86 -6.90 31.41
C HIS C 258 -7.94 -7.90 31.87
N GLN C 259 -8.38 -7.80 33.12
CA GLN C 259 -9.39 -8.72 33.64
C GLN C 259 -10.79 -8.30 33.20
N GLY C 260 -11.43 -9.15 32.38
CA GLY C 260 -12.84 -9.04 32.02
C GLY C 260 -13.73 -9.09 33.26
N ARG C 261 -14.68 -8.15 33.34
CA ARG C 261 -15.51 -7.95 34.51
C ARG C 261 -16.93 -8.46 34.21
N TYR C 262 -17.34 -8.34 32.95
CA TYR C 262 -18.65 -8.80 32.49
C TYR C 262 -18.69 -8.81 30.97
N GLN C 263 -19.82 -9.27 30.42
CA GLN C 263 -19.93 -9.42 28.98
C GLN C 263 -21.16 -8.67 28.48
N VAL C 264 -21.04 -8.17 27.25
CA VAL C 264 -22.14 -7.66 26.44
C VAL C 264 -21.91 -8.16 25.02
N ASN C 265 -22.73 -9.14 24.62
CA ASN C 265 -22.58 -9.77 23.32
C ASN C 265 -21.18 -10.32 23.19
N THR C 266 -20.50 -9.97 22.08
CA THR C 266 -19.16 -10.48 21.80
C THR C 266 -18.06 -9.62 22.44
N MET C 267 -18.43 -8.64 23.27
CA MET C 267 -17.46 -7.76 23.92
C MET C 267 -17.43 -8.08 25.42
N TYR C 268 -16.21 -8.16 25.97
CA TYR C 268 -15.98 -8.22 27.41
C TYR C 268 -15.49 -6.86 27.92
N GLN C 269 -16.16 -6.32 28.94
CA GLN C 269 -15.70 -5.07 29.52
C GLN C 269 -14.59 -5.34 30.54
N ALA C 270 -13.34 -4.94 30.22
CA ALA C 270 -12.27 -4.90 31.19
C ALA C 270 -12.24 -3.51 31.82
N LEU C 271 -11.22 -3.24 32.64
CA LEU C 271 -11.03 -1.92 33.24
C LEU C 271 -10.45 -1.01 32.16
N GLY C 272 -11.27 -0.08 31.66
CA GLY C 272 -10.88 0.76 30.53
C GLY C 272 -10.96 0.05 29.17
N TRP C 273 -10.11 -0.98 29.01
CA TRP C 273 -10.01 -1.73 27.77
C TRP C 273 -11.30 -2.48 27.47
N GLU C 274 -11.59 -2.60 26.18
CA GLU C 274 -12.56 -3.57 25.68
C GLU C 274 -11.79 -4.80 25.30
N GLU C 275 -12.36 -5.99 25.61
CA GLU C 275 -11.70 -7.28 25.47
C GLU C 275 -12.55 -8.18 24.58
N PHE C 276 -11.89 -8.93 23.70
CA PHE C 276 -12.55 -9.85 22.80
C PHE C 276 -11.78 -11.17 22.80
N SER C 277 -12.52 -12.24 22.49
CA SER C 277 -11.89 -13.50 22.18
C SER C 277 -11.07 -13.35 20.90
N TYR C 278 -9.85 -13.92 20.89
CA TYR C 278 -8.96 -13.85 19.74
C TYR C 278 -8.82 -15.24 19.12
N PRO C 279 -8.87 -15.37 17.80
CA PRO C 279 -9.01 -14.26 16.85
C PRO C 279 -10.41 -13.66 16.84
N ALA C 280 -10.48 -12.34 16.61
CA ALA C 280 -11.74 -11.64 16.53
C ALA C 280 -11.98 -11.31 15.06
N THR C 281 -13.24 -11.39 14.63
CA THR C 281 -13.55 -10.98 13.27
C THR C 281 -13.54 -9.44 13.21
N LEU C 282 -13.28 -8.89 12.03
CA LEU C 282 -13.53 -7.47 11.81
C LEU C 282 -14.90 -7.06 12.36
N GLN C 283 -15.95 -7.83 12.06
CA GLN C 283 -17.32 -7.46 12.42
C GLN C 283 -17.52 -7.42 13.93
N THR C 284 -16.81 -8.30 14.65
CA THR C 284 -16.87 -8.34 16.10
C THR C 284 -16.34 -6.99 16.65
N LEU C 285 -15.27 -6.52 16.03
CA LEU C 285 -14.56 -5.34 16.50
C LEU C 285 -15.39 -4.08 16.20
N LEU C 286 -15.98 -4.04 14.99
CA LEU C 286 -16.87 -2.95 14.59
C LEU C 286 -18.09 -2.87 15.52
N ASP C 287 -18.68 -4.04 15.81
CA ASP C 287 -19.88 -4.12 16.64
C ASP C 287 -19.65 -3.50 18.01
N SER C 288 -18.41 -3.60 18.53
CA SER C 288 -18.09 -3.15 19.88
C SER C 288 -18.39 -1.66 20.02
N ASN C 289 -18.35 -0.95 18.89
CA ASN C 289 -18.47 0.51 18.88
C ASN C 289 -19.72 0.97 18.11
N SER C 290 -20.76 0.12 18.05
CA SER C 290 -22.06 0.46 17.48
C SER C 290 -22.77 1.49 18.37
N GLU C 291 -23.73 2.23 17.79
CA GLU C 291 -24.55 3.17 18.54
C GLU C 291 -25.21 2.50 19.75
N GLN C 292 -25.65 1.24 19.58
CA GLN C 292 -26.39 0.52 20.61
C GLN C 292 -25.49 0.34 21.84
N ILE C 293 -24.23 -0.03 21.62
CA ILE C 293 -23.26 -0.26 22.69
C ILE C 293 -22.85 1.08 23.34
N VAL C 294 -22.55 2.05 22.47
CA VAL C 294 -21.89 3.28 22.90
C VAL C 294 -22.92 4.19 23.60
N MET C 295 -24.14 4.27 23.03
CA MET C 295 -25.08 5.35 23.36
C MET C 295 -26.20 4.88 24.28
N LYS C 296 -26.51 3.57 24.29
CA LYS C 296 -27.69 3.06 24.98
C LYS C 296 -27.30 2.28 26.24
N PRO C 297 -28.25 2.03 27.18
CA PRO C 297 -28.01 1.10 28.28
C PRO C 297 -28.16 -0.35 27.79
N ASN C 298 -27.44 -1.28 28.43
CA ASN C 298 -27.44 -2.67 28.03
C ASN C 298 -27.25 -3.56 29.26
N LYS C 299 -28.14 -4.55 29.40
CA LYS C 299 -28.07 -5.49 30.51
C LYS C 299 -26.77 -6.30 30.37
N VAL C 300 -25.99 -6.35 31.46
CA VAL C 300 -24.70 -7.03 31.40
C VAL C 300 -24.92 -8.52 31.71
N THR C 301 -23.97 -9.37 31.28
CA THR C 301 -24.00 -10.81 31.54
C THR C 301 -22.75 -11.19 32.32
N ALA C 302 -22.89 -12.09 33.32
CA ALA C 302 -21.73 -12.71 33.95
C ALA C 302 -20.93 -13.48 32.90
N ILE C 303 -19.60 -13.51 33.07
CA ILE C 303 -18.68 -14.24 32.20
C ILE C 303 -18.86 -15.72 32.49
N SER C 304 -19.23 -16.46 31.45
CA SER C 304 -19.51 -17.89 31.54
C SER C 304 -18.18 -18.66 31.54
N LYS C 305 -17.43 -18.54 30.44
CA LYS C 305 -16.01 -18.85 30.40
C LYS C 305 -15.26 -17.53 30.18
N GLU C 306 -14.01 -17.46 30.64
CA GLU C 306 -13.09 -16.41 30.24
C GLU C 306 -12.34 -16.86 28.99
N PRO C 307 -12.32 -16.07 27.88
CA PRO C 307 -11.71 -16.52 26.63
C PRO C 307 -10.29 -16.99 26.85
N SER C 308 -9.92 -18.08 26.17
CA SER C 308 -8.60 -18.68 26.30
C SER C 308 -7.52 -17.71 25.85
N VAL C 309 -7.70 -17.12 24.67
CA VAL C 309 -6.81 -16.13 24.08
C VAL C 309 -7.62 -14.86 23.85
N LYS C 310 -7.03 -13.69 24.18
CA LYS C 310 -7.74 -12.42 24.17
C LYS C 310 -7.01 -11.38 23.32
N MET C 311 -7.78 -10.36 22.89
CA MET C 311 -7.20 -9.14 22.33
C MET C 311 -7.98 -7.96 22.90
N TYR C 312 -7.42 -6.75 22.77
CA TYR C 312 -8.06 -5.62 23.44
C TYR C 312 -7.96 -4.40 22.53
N HIS C 313 -8.95 -3.50 22.65
CA HIS C 313 -8.83 -2.22 21.94
C HIS C 313 -9.57 -1.12 22.70
N LYS C 314 -9.36 0.12 22.23
CA LYS C 314 -10.09 1.26 22.73
C LYS C 314 -10.02 2.33 21.63
N THR C 315 -11.19 2.92 21.35
CA THR C 315 -11.25 4.10 20.49
C THR C 315 -11.25 5.34 21.38
N GLY C 316 -10.92 6.48 20.79
CA GLY C 316 -10.96 7.72 21.54
C GLY C 316 -11.22 8.87 20.57
N SER C 317 -12.08 9.81 20.97
CA SER C 317 -12.33 10.99 20.19
C SER C 317 -12.44 12.20 21.10
N THR C 318 -11.92 13.33 20.60
CA THR C 318 -12.34 14.63 21.08
C THR C 318 -12.84 15.37 19.85
N SER C 319 -13.30 16.61 20.01
CA SER C 319 -13.92 17.28 18.89
C SER C 319 -12.96 17.31 17.70
N GLY C 320 -11.66 17.46 17.98
CA GLY C 320 -10.68 17.62 16.91
C GLY C 320 -9.70 16.45 16.71
N PHE C 321 -9.86 15.34 17.44
CA PHE C 321 -8.84 14.29 17.38
C PHE C 321 -9.50 12.90 17.42
N GLY C 322 -8.89 11.97 16.69
CA GLY C 322 -9.23 10.55 16.69
C GLY C 322 -8.05 9.70 17.12
N THR C 323 -8.36 8.66 17.91
CA THR C 323 -7.37 7.76 18.45
C THR C 323 -7.93 6.33 18.31
N TYR C 324 -7.02 5.40 18.09
CA TYR C 324 -7.33 3.99 18.25
C TYR C 324 -6.06 3.26 18.65
N VAL C 325 -6.24 2.36 19.63
CA VAL C 325 -5.18 1.52 20.15
C VAL C 325 -5.71 0.07 20.24
N VAL C 326 -4.85 -0.87 19.89
CA VAL C 326 -5.21 -2.28 19.82
C VAL C 326 -3.97 -3.10 20.13
N PHE C 327 -4.10 -4.15 20.97
CA PHE C 327 -2.99 -5.08 21.08
C PHE C 327 -3.50 -6.53 21.20
N ILE C 328 -2.64 -7.45 20.81
CA ILE C 328 -2.90 -8.90 20.81
C ILE C 328 -1.72 -9.61 21.47
N PRO C 329 -1.82 -9.94 22.78
CA PRO C 329 -0.70 -10.50 23.53
C PRO C 329 -0.09 -11.75 22.88
N LYS C 330 -0.96 -12.64 22.40
CA LYS C 330 -0.59 -13.90 21.75
C LYS C 330 0.39 -13.65 20.60
N GLU C 331 0.15 -12.59 19.80
CA GLU C 331 0.96 -12.33 18.62
C GLU C 331 2.10 -11.32 18.90
N ASN C 332 2.16 -10.82 20.14
CA ASN C 332 3.15 -9.83 20.57
C ASN C 332 3.12 -8.59 19.67
N ILE C 333 1.93 -8.07 19.38
CA ILE C 333 1.77 -7.00 18.41
C ILE C 333 0.71 -6.03 18.90
N GLY C 334 0.89 -4.74 18.54
CA GLY C 334 -0.11 -3.72 18.80
C GLY C 334 0.03 -2.56 17.82
N LEU C 335 -1.00 -1.68 17.79
CA LEU C 335 -0.96 -0.55 16.85
C LEU C 335 -1.62 0.64 17.53
N VAL C 336 -1.05 1.83 17.24
CA VAL C 336 -1.61 3.10 17.71
C VAL C 336 -1.82 4.00 16.48
N MET C 337 -3.02 4.58 16.41
CA MET C 337 -3.29 5.59 15.39
C MET C 337 -3.73 6.85 16.13
N LEU C 338 -3.07 7.98 15.79
CA LEU C 338 -3.43 9.30 16.30
C LEU C 338 -3.69 10.22 15.10
N THR C 339 -4.87 10.87 15.08
CA THR C 339 -5.13 11.88 14.06
C THR C 339 -5.57 13.18 14.73
N ASN C 340 -5.31 14.29 14.05
CA ASN C 340 -5.82 15.57 14.53
C ASN C 340 -7.04 15.99 13.72
N LYS C 341 -7.84 14.99 13.28
CA LYS C 341 -9.22 15.23 12.89
C LYS C 341 -9.95 13.91 13.10
N ARG C 342 -11.17 13.98 13.65
CA ARG C 342 -11.96 12.73 13.79
C ARG C 342 -12.24 12.09 12.43
N ILE C 343 -12.08 10.76 12.36
CA ILE C 343 -12.54 9.96 11.23
C ILE C 343 -13.41 8.85 11.82
N PRO C 344 -14.33 8.24 11.04
CA PRO C 344 -15.24 7.27 11.64
C PRO C 344 -14.49 6.13 12.34
N ASN C 345 -15.03 5.64 13.45
CA ASN C 345 -14.43 4.54 14.19
C ASN C 345 -14.19 3.33 13.29
N GLU C 346 -15.16 3.02 12.41
CA GLU C 346 -15.10 1.89 11.50
C GLU C 346 -13.82 1.95 10.67
N GLU C 347 -13.44 3.15 10.19
CA GLU C 347 -12.25 3.27 9.35
C GLU C 347 -10.97 2.99 10.12
N ARG C 348 -10.97 3.38 11.40
CA ARG C 348 -9.78 3.20 12.24
C ARG C 348 -9.59 1.71 12.48
N ILE C 349 -10.70 1.06 12.84
CA ILE C 349 -10.72 -0.34 13.24
C ILE C 349 -10.36 -1.18 12.02
N LYS C 350 -10.98 -0.87 10.87
CA LYS C 350 -10.71 -1.57 9.62
C LYS C 350 -9.25 -1.42 9.18
N ALA C 351 -8.71 -0.20 9.15
CA ALA C 351 -7.35 -0.05 8.64
C ALA C 351 -6.35 -0.78 9.55
N ALA C 352 -6.60 -0.74 10.88
CA ALA C 352 -5.76 -1.42 11.85
C ALA C 352 -5.88 -2.94 11.64
N TYR C 353 -7.13 -3.40 11.53
CA TYR C 353 -7.40 -4.81 11.34
C TYR C 353 -6.63 -5.34 10.13
N VAL C 354 -6.75 -4.65 8.98
CA VAL C 354 -6.03 -5.01 7.77
C VAL C 354 -4.54 -5.08 8.03
N VAL C 355 -3.96 -4.05 8.68
CA VAL C 355 -2.52 -3.96 8.80
C VAL C 355 -1.98 -5.09 9.67
N LEU C 356 -2.71 -5.41 10.76
CA LEU C 356 -2.18 -6.33 11.77
C LEU C 356 -2.28 -7.77 11.24
N ASN C 357 -3.31 -8.03 10.44
CA ASN C 357 -3.53 -9.33 9.81
C ASN C 357 -2.61 -9.56 8.62
N ALA C 358 -2.18 -8.48 7.94
CA ALA C 358 -1.40 -8.59 6.73
C ALA C 358 0.09 -8.67 7.04
N ILE C 359 0.49 -8.19 8.23
CA ILE C 359 1.89 -8.08 8.61
C ILE C 359 2.47 -9.49 8.70
N LYS C 360 3.63 -9.67 8.02
CA LYS C 360 4.37 -10.92 7.96
C LYS C 360 5.28 -11.03 9.20
N PRO D 5 -4.56 -44.31 -20.22
CA PRO D 5 -3.58 -45.01 -21.05
C PRO D 5 -2.14 -44.56 -20.81
N LYS D 6 -1.97 -43.50 -20.01
CA LYS D 6 -0.65 -42.97 -19.64
C LYS D 6 -0.05 -43.82 -18.50
N ASP D 7 -0.93 -44.55 -17.80
CA ASP D 7 -0.61 -45.47 -16.71
C ASP D 7 0.42 -46.50 -17.17
N GLN D 8 0.17 -47.11 -18.34
CA GLN D 8 1.01 -48.21 -18.81
C GLN D 8 2.36 -47.70 -19.32
N GLU D 9 2.40 -46.42 -19.77
CA GLU D 9 3.60 -45.81 -20.31
C GLU D 9 4.62 -45.57 -19.18
N ILE D 10 4.10 -45.02 -18.07
CA ILE D 10 4.87 -44.74 -16.87
C ILE D 10 5.37 -46.06 -16.29
N LYS D 11 4.47 -47.04 -16.23
CA LYS D 11 4.80 -48.35 -15.69
C LYS D 11 6.05 -48.88 -16.40
N LYS D 12 6.02 -48.85 -17.74
CA LYS D 12 7.08 -49.39 -18.57
C LYS D 12 8.41 -48.69 -18.26
N LEU D 13 8.34 -47.36 -18.07
CA LEU D 13 9.50 -46.53 -17.80
C LEU D 13 10.12 -46.95 -16.46
N VAL D 14 9.26 -47.05 -15.44
CA VAL D 14 9.67 -47.36 -14.08
C VAL D 14 10.22 -48.79 -14.05
N ASP D 15 9.53 -49.69 -14.75
CA ASP D 15 10.03 -51.05 -14.94
C ASP D 15 11.41 -51.03 -15.58
N GLN D 16 11.65 -50.13 -16.55
CA GLN D 16 12.91 -50.14 -17.27
C GLN D 16 14.06 -49.61 -16.42
N ASN D 17 13.78 -48.63 -15.54
CA ASN D 17 14.82 -47.86 -14.88
C ASN D 17 14.95 -48.17 -13.39
N PHE D 18 13.87 -48.63 -12.74
CA PHE D 18 13.91 -48.80 -11.28
C PHE D 18 13.98 -50.29 -10.91
N LYS D 19 13.15 -51.11 -11.58
CA LYS D 19 13.04 -52.53 -11.30
C LYS D 19 14.40 -53.24 -11.32
N PRO D 20 15.35 -52.94 -12.24
CA PRO D 20 16.60 -53.68 -12.29
C PRO D 20 17.43 -53.49 -11.02
N LEU D 21 17.16 -52.40 -10.30
CA LEU D 21 17.89 -52.04 -9.10
C LEU D 21 17.65 -53.04 -7.96
N LEU D 22 16.48 -53.72 -8.01
CA LEU D 22 16.11 -54.74 -7.03
C LEU D 22 17.07 -55.93 -7.11
N GLU D 23 17.25 -56.50 -8.31
CA GLU D 23 18.13 -57.65 -8.43
C GLU D 23 19.58 -57.22 -8.25
N LYS D 24 19.91 -56.01 -8.73
CA LYS D 24 21.28 -55.51 -8.74
C LYS D 24 21.76 -55.28 -7.31
N TYR D 25 20.86 -54.82 -6.44
CA TYR D 25 21.26 -54.48 -5.07
C TYR D 25 20.65 -55.46 -4.06
N ASP D 26 19.87 -56.44 -4.53
CA ASP D 26 19.25 -57.43 -3.67
C ASP D 26 18.33 -56.74 -2.67
N VAL D 27 17.48 -55.84 -3.19
CA VAL D 27 16.54 -55.05 -2.42
C VAL D 27 15.25 -55.83 -2.34
N PRO D 28 14.73 -56.17 -1.14
CA PRO D 28 13.46 -56.88 -1.01
C PRO D 28 12.26 -56.17 -1.61
N GLY D 29 12.10 -54.87 -1.34
CA GLY D 29 10.88 -54.18 -1.74
C GLY D 29 11.12 -52.71 -2.12
N MET D 30 10.21 -52.14 -2.94
CA MET D 30 10.33 -50.78 -3.46
C MET D 30 8.97 -50.25 -3.87
N ALA D 31 8.74 -48.97 -3.61
CA ALA D 31 7.55 -48.28 -4.07
C ALA D 31 8.05 -47.06 -4.85
N VAL D 32 7.58 -46.92 -6.09
CA VAL D 32 7.92 -45.74 -6.88
C VAL D 32 6.61 -45.12 -7.34
N GLY D 33 6.49 -43.82 -7.07
CA GLY D 33 5.32 -43.05 -7.46
C GLY D 33 5.74 -41.89 -8.35
N VAL D 34 4.88 -41.58 -9.34
CA VAL D 34 5.01 -40.37 -10.14
C VAL D 34 3.72 -39.59 -9.97
N ILE D 35 3.84 -38.28 -9.84
CA ILE D 35 2.70 -37.39 -9.94
C ILE D 35 2.92 -36.48 -11.13
N GLN D 36 1.90 -36.35 -12.00
CA GLN D 36 1.87 -35.41 -13.11
C GLN D 36 0.49 -34.76 -13.18
N ASN D 37 0.46 -33.44 -12.99
CA ASN D 37 -0.73 -32.61 -13.19
C ASN D 37 -1.92 -33.17 -12.41
N ASN D 38 -1.69 -33.51 -11.14
CA ASN D 38 -2.74 -33.96 -10.23
C ASN D 38 -3.17 -35.41 -10.46
N LYS D 39 -2.48 -36.15 -11.34
CA LYS D 39 -2.71 -37.58 -11.55
C LYS D 39 -1.56 -38.40 -10.94
N LYS D 40 -1.89 -39.36 -10.06
CA LYS D 40 -0.89 -40.12 -9.30
C LYS D 40 -0.75 -41.54 -9.85
N TYR D 41 0.49 -42.02 -9.94
CA TYR D 41 0.84 -43.31 -10.51
C TYR D 41 1.72 -44.06 -9.51
N GLU D 42 1.21 -45.19 -8.99
CA GLU D 42 1.90 -45.90 -7.92
C GLU D 42 2.33 -47.26 -8.44
N MET D 43 3.61 -47.59 -8.25
CA MET D 43 4.15 -48.87 -8.68
C MET D 43 4.90 -49.54 -7.53
N TYR D 44 4.56 -50.82 -7.28
CA TYR D 44 5.00 -51.55 -6.10
C TYR D 44 5.75 -52.81 -6.53
N TYR D 45 6.96 -53.01 -5.97
CA TYR D 45 7.74 -54.21 -6.24
C TYR D 45 8.14 -54.97 -4.97
N GLY D 46 8.07 -56.30 -5.02
CA GLY D 46 8.65 -57.15 -3.99
C GLY D 46 7.90 -57.01 -2.66
N LEU D 47 8.67 -57.15 -1.57
CA LEU D 47 8.16 -57.51 -0.25
C LEU D 47 8.50 -56.40 0.74
N GLN D 48 7.49 -56.01 1.55
CA GLN D 48 7.63 -55.13 2.69
C GLN D 48 8.27 -55.88 3.87
N SER D 49 8.06 -57.19 3.94
CA SER D 49 8.59 -58.07 4.97
C SER D 49 8.80 -59.45 4.38
N VAL D 50 10.06 -59.87 4.30
CA VAL D 50 10.37 -61.18 3.78
C VAL D 50 9.76 -62.25 4.70
N GLN D 51 10.01 -62.14 6.02
CA GLN D 51 9.59 -63.16 6.98
C GLN D 51 8.08 -63.34 6.97
N ASP D 52 7.37 -62.20 6.92
CA ASP D 52 5.91 -62.22 6.98
C ASP D 52 5.27 -62.47 5.61
N LYS D 53 6.08 -62.53 4.54
CA LYS D 53 5.56 -62.80 3.21
C LYS D 53 4.55 -61.72 2.82
N LYS D 54 4.86 -60.45 3.15
CA LYS D 54 3.97 -59.33 2.87
C LYS D 54 4.53 -58.53 1.69
N ALA D 55 3.68 -58.33 0.65
CA ALA D 55 4.01 -57.55 -0.53
C ALA D 55 3.94 -56.06 -0.20
N VAL D 56 4.84 -55.29 -0.81
CA VAL D 56 4.76 -53.85 -0.75
C VAL D 56 3.46 -53.44 -1.45
N ASN D 57 2.75 -52.48 -0.86
CA ASN D 57 1.46 -52.05 -1.38
C ASN D 57 1.25 -50.63 -0.89
N SER D 58 0.07 -50.06 -1.16
CA SER D 58 -0.22 -48.66 -0.85
C SER D 58 -0.31 -48.37 0.65
N ASN D 59 -0.39 -49.41 1.49
CA ASN D 59 -0.39 -49.17 2.94
C ASN D 59 1.00 -49.32 3.54
N THR D 60 1.98 -49.77 2.73
CA THR D 60 3.30 -50.03 3.29
C THR D 60 3.93 -48.74 3.82
N ILE D 61 4.37 -48.77 5.09
CA ILE D 61 5.02 -47.65 5.76
C ILE D 61 6.54 -47.87 5.71
N PHE D 62 7.26 -46.86 5.18
CA PHE D 62 8.71 -46.89 5.01
C PHE D 62 9.35 -45.76 5.82
N GLU D 63 10.59 -45.98 6.27
CA GLU D 63 11.33 -44.92 6.95
C GLU D 63 11.88 -43.95 5.91
N LEU D 64 11.67 -42.66 6.12
CA LEU D 64 12.06 -41.64 5.15
C LEU D 64 13.49 -41.16 5.38
N GLY D 65 14.06 -41.47 6.56
CA GLY D 65 15.38 -40.95 6.87
C GLY D 65 15.41 -39.43 6.73
N SER D 66 16.43 -38.88 6.02
CA SER D 66 16.62 -37.45 5.99
C SER D 66 15.51 -36.74 5.24
N VAL D 67 14.74 -37.45 4.41
CA VAL D 67 13.56 -36.79 3.88
C VAL D 67 12.66 -36.28 5.03
N SER D 68 12.78 -36.84 6.24
CA SER D 68 12.07 -36.34 7.41
C SER D 68 12.38 -34.84 7.59
N LYS D 69 13.56 -34.41 7.12
CA LYS D 69 13.94 -33.01 7.36
C LYS D 69 12.98 -32.07 6.63
N LEU D 70 12.31 -32.58 5.59
CA LEU D 70 11.38 -31.79 4.80
C LEU D 70 10.16 -31.44 5.64
N PHE D 71 9.75 -32.36 6.53
CA PHE D 71 8.63 -32.15 7.42
C PHE D 71 9.02 -31.18 8.53
N THR D 72 10.23 -31.32 9.07
CA THR D 72 10.73 -30.41 10.08
C THR D 72 10.79 -28.98 9.50
N ALA D 73 11.27 -28.87 8.25
CA ALA D 73 11.30 -27.57 7.60
C ALA D 73 9.88 -27.02 7.46
N THR D 74 8.95 -27.87 6.98
CA THR D 74 7.57 -27.42 6.82
C THR D 74 7.03 -26.96 8.18
N ALA D 75 7.37 -27.70 9.26
CA ALA D 75 6.85 -27.33 10.57
C ALA D 75 7.42 -26.00 11.02
N GLY D 76 8.70 -25.78 10.70
CA GLY D 76 9.37 -24.52 11.00
C GLY D 76 8.74 -23.38 10.19
N GLY D 77 8.40 -23.68 8.93
CA GLY D 77 7.74 -22.71 8.06
C GLY D 77 6.37 -22.32 8.62
N TYR D 78 5.66 -23.32 9.14
CA TYR D 78 4.33 -23.13 9.70
C TYR D 78 4.41 -22.25 10.95
N ALA D 79 5.35 -22.57 11.85
CA ALA D 79 5.51 -21.85 13.11
C ALA D 79 5.96 -20.41 12.88
N LYS D 80 6.78 -20.21 11.84
CA LYS D 80 7.26 -18.88 11.47
C LYS D 80 6.09 -18.02 10.99
N ASN D 81 5.28 -18.56 10.08
CA ASN D 81 4.25 -17.76 9.42
C ASN D 81 3.06 -17.53 10.35
N LYS D 82 2.97 -18.33 11.43
CA LYS D 82 2.02 -18.10 12.51
C LYS D 82 2.66 -17.21 13.57
N GLY D 83 3.95 -16.91 13.40
CA GLY D 83 4.66 -15.94 14.24
C GLY D 83 5.05 -16.52 15.60
N LYS D 84 5.07 -17.85 15.72
CA LYS D 84 5.47 -18.50 16.97
C LYS D 84 6.98 -18.39 17.15
N ILE D 85 7.68 -18.28 16.00
CA ILE D 85 9.13 -18.12 15.94
C ILE D 85 9.44 -17.07 14.90
N SER D 86 10.64 -16.47 15.05
CA SER D 86 11.33 -15.69 14.04
C SER D 86 12.61 -16.42 13.66
N PHE D 87 12.97 -16.42 12.36
CA PHE D 87 14.20 -17.03 11.90
C PHE D 87 15.42 -16.34 12.51
N ASP D 88 15.23 -15.11 12.99
CA ASP D 88 16.33 -14.36 13.57
C ASP D 88 16.51 -14.68 15.06
N ASP D 89 15.52 -15.36 15.66
CA ASP D 89 15.60 -15.76 17.06
C ASP D 89 16.76 -16.73 17.26
N THR D 90 17.24 -16.83 18.49
CA THR D 90 18.20 -17.84 18.89
C THR D 90 17.50 -18.91 19.75
N PRO D 91 18.10 -20.10 19.95
CA PRO D 91 17.44 -21.19 20.67
C PRO D 91 17.05 -20.89 22.11
N GLY D 92 17.90 -20.12 22.81
CA GLY D 92 17.72 -19.79 24.22
C GLY D 92 16.42 -19.04 24.52
N LYS D 93 15.84 -18.42 23.47
CA LYS D 93 14.58 -17.68 23.60
C LYS D 93 13.41 -18.65 23.81
N TYR D 94 13.66 -19.95 23.56
CA TYR D 94 12.64 -20.97 23.65
C TYR D 94 13.06 -22.10 24.60
N TRP D 95 14.30 -22.57 24.46
CA TRP D 95 14.87 -23.49 25.41
C TRP D 95 15.63 -22.69 26.47
N LYS D 96 14.94 -22.36 27.56
CA LYS D 96 15.44 -21.44 28.58
C LYS D 96 16.83 -21.85 29.07
N GLU D 97 17.10 -23.15 29.12
CA GLU D 97 18.35 -23.67 29.67
C GLU D 97 19.54 -23.34 28.76
N LEU D 98 19.26 -22.86 27.55
CA LEU D 98 20.29 -22.50 26.59
C LEU D 98 20.46 -20.98 26.50
N LYS D 99 19.65 -20.20 27.24
CA LYS D 99 19.83 -18.75 27.29
C LYS D 99 21.24 -18.41 27.76
N ASN D 100 21.89 -17.50 27.01
CA ASN D 100 23.18 -16.90 27.35
C ASN D 100 24.33 -17.91 27.28
N THR D 101 24.14 -19.00 26.52
CA THR D 101 25.21 -19.94 26.22
C THR D 101 25.75 -19.59 24.83
N PRO D 102 26.97 -20.05 24.45
CA PRO D 102 27.50 -19.83 23.10
C PRO D 102 26.54 -20.20 21.97
N ILE D 103 25.81 -21.32 22.11
CA ILE D 103 24.92 -21.78 21.05
C ILE D 103 23.79 -20.76 20.87
N ASP D 104 23.52 -19.99 21.93
CA ASP D 104 22.46 -18.98 21.90
C ASP D 104 22.85 -17.81 20.98
N GLN D 105 24.04 -17.88 20.36
CA GLN D 105 24.48 -16.85 19.43
C GLN D 105 24.16 -17.28 17.99
N VAL D 106 23.72 -18.54 17.81
CA VAL D 106 23.34 -19.02 16.48
C VAL D 106 21.83 -18.80 16.31
N ASN D 107 21.39 -18.39 15.12
CA ASN D 107 19.97 -18.14 14.94
C ASN D 107 19.27 -19.37 14.35
N LEU D 108 17.93 -19.35 14.29
CA LEU D 108 17.18 -20.56 13.96
C LEU D 108 17.42 -20.92 12.50
N LEU D 109 17.56 -19.91 11.63
CA LEU D 109 17.73 -20.20 10.21
C LEU D 109 19.06 -20.91 9.98
N GLN D 110 20.08 -20.44 10.70
CA GLN D 110 21.41 -21.02 10.65
C GLN D 110 21.37 -22.47 11.12
N LEU D 111 20.52 -22.76 12.13
CA LEU D 111 20.43 -24.13 12.64
C LEU D 111 19.76 -25.00 11.59
N ALA D 112 18.66 -24.46 10.99
CA ALA D 112 17.88 -25.15 9.99
C ALA D 112 18.74 -25.45 8.76
N THR D 113 19.70 -24.55 8.45
CA THR D 113 20.45 -24.63 7.20
C THR D 113 21.93 -24.96 7.42
N TYR D 114 22.26 -25.44 8.63
CA TYR D 114 23.49 -26.19 8.85
C TYR D 114 24.74 -25.29 8.96
N THR D 115 24.60 -24.03 9.38
CA THR D 115 25.72 -23.09 9.30
C THR D 115 26.20 -22.55 10.66
N SER D 116 25.95 -23.27 11.77
CA SER D 116 26.44 -22.90 13.09
C SER D 116 27.96 -22.78 13.13
N GLY D 117 28.64 -23.52 12.24
CA GLY D 117 30.10 -23.48 12.19
C GLY D 117 30.78 -24.49 13.11
N ASN D 118 30.00 -25.30 13.86
CA ASN D 118 30.62 -26.36 14.66
C ASN D 118 29.60 -27.44 15.04
N LEU D 119 28.90 -27.99 14.05
CA LEU D 119 28.04 -29.16 14.29
C LEU D 119 28.24 -30.14 13.14
N ALA D 120 28.60 -31.38 13.51
CA ALA D 120 28.89 -32.45 12.56
C ALA D 120 27.61 -33.18 12.12
N LEU D 121 27.77 -34.19 11.26
CA LEU D 121 26.65 -34.99 10.78
C LEU D 121 25.84 -35.59 11.95
N GLN D 122 26.54 -36.23 12.90
CA GLN D 122 25.86 -36.87 14.04
C GLN D 122 26.26 -36.21 15.35
N PHE D 123 25.43 -36.35 16.38
CA PHE D 123 25.90 -36.12 17.74
C PHE D 123 27.01 -37.11 18.04
N PRO D 124 27.88 -36.81 19.04
CA PRO D 124 28.82 -37.81 19.55
C PRO D 124 28.10 -39.02 20.16
N ASP D 125 28.73 -40.20 20.07
CA ASP D 125 28.11 -41.45 20.48
C ASP D 125 27.54 -41.35 21.90
N GLU D 126 28.24 -40.64 22.80
CA GLU D 126 27.91 -40.64 24.22
C GLU D 126 26.63 -39.85 24.48
N VAL D 127 26.18 -39.09 23.48
CA VAL D 127 24.95 -38.32 23.60
C VAL D 127 23.76 -39.20 23.22
N GLN D 128 22.89 -39.47 24.18
CA GLN D 128 21.77 -40.37 23.96
C GLN D 128 20.47 -39.81 24.54
N THR D 129 20.50 -39.43 25.83
CA THR D 129 19.28 -39.03 26.51
C THR D 129 19.02 -37.55 26.31
N ASP D 130 17.84 -37.08 26.72
CA ASP D 130 17.48 -35.68 26.59
C ASP D 130 18.41 -34.80 27.42
N GLN D 131 18.80 -35.31 28.59
CA GLN D 131 19.69 -34.58 29.48
C GLN D 131 21.07 -34.44 28.84
N GLN D 132 21.56 -35.51 28.21
CA GLN D 132 22.87 -35.47 27.58
C GLN D 132 22.86 -34.53 26.36
N VAL D 133 21.70 -34.44 25.69
CA VAL D 133 21.48 -33.54 24.55
C VAL D 133 21.62 -32.10 25.04
N LEU D 134 20.93 -31.78 26.15
CA LEU D 134 21.03 -30.46 26.74
C LEU D 134 22.46 -30.16 27.17
N THR D 135 23.12 -31.11 27.85
CA THR D 135 24.50 -30.92 28.27
C THR D 135 25.39 -30.62 27.07
N PHE D 136 25.21 -31.38 25.98
CA PHE D 136 25.98 -31.17 24.76
C PHE D 136 25.82 -29.74 24.24
N PHE D 137 24.59 -29.23 24.20
CA PHE D 137 24.38 -27.88 23.67
C PHE D 137 24.84 -26.80 24.65
N LYS D 138 24.77 -27.08 25.95
CA LYS D 138 25.22 -26.12 26.97
C LYS D 138 26.72 -25.93 26.89
N ASP D 139 27.43 -27.02 26.58
CA ASP D 139 28.90 -27.04 26.59
C ASP D 139 29.45 -26.69 25.21
N TRP D 140 28.55 -26.45 24.24
CA TRP D 140 28.95 -26.21 22.86
C TRP D 140 29.69 -24.87 22.79
N LYS D 141 30.78 -24.84 21.99
CA LYS D 141 31.43 -23.57 21.70
C LYS D 141 31.64 -23.46 20.19
N PRO D 142 31.71 -22.23 19.64
CA PRO D 142 31.87 -22.03 18.21
C PRO D 142 33.28 -22.39 17.73
N LYS D 143 33.40 -22.58 16.41
CA LYS D 143 34.64 -22.85 15.72
C LYS D 143 34.72 -21.93 14.49
N ASN D 144 34.03 -22.31 13.41
CA ASN D 144 33.98 -21.50 12.20
C ASN D 144 33.07 -20.28 12.41
N PRO D 145 33.30 -19.17 11.68
CA PRO D 145 32.43 -18.00 11.78
C PRO D 145 30.99 -18.42 11.51
N ILE D 146 30.10 -18.07 12.45
CA ILE D 146 28.71 -18.49 12.41
C ILE D 146 28.06 -17.91 11.17
N GLY D 147 27.45 -18.80 10.36
CA GLY D 147 26.66 -18.44 9.20
C GLY D 147 27.43 -18.61 7.89
N GLU D 148 28.74 -18.90 7.97
CA GLU D 148 29.63 -18.83 6.82
C GLU D 148 29.92 -20.21 6.23
N TYR D 149 29.78 -21.28 7.04
CA TYR D 149 30.12 -22.62 6.54
C TYR D 149 28.96 -23.60 6.73
N ARG D 150 28.57 -24.26 5.63
CA ARG D 150 27.55 -25.30 5.66
C ARG D 150 28.20 -26.64 6.00
N GLN D 151 27.78 -27.24 7.12
CA GLN D 151 28.11 -28.64 7.31
C GLN D 151 26.85 -29.44 7.65
N TYR D 152 26.49 -30.39 6.76
CA TYR D 152 25.20 -31.06 6.85
C TYR D 152 25.13 -31.77 8.21
N SER D 153 24.05 -31.52 8.98
CA SER D 153 24.11 -31.87 10.41
C SER D 153 22.75 -32.29 10.96
N ASN D 154 22.65 -33.51 11.47
CA ASN D 154 21.45 -33.94 12.19
C ASN D 154 21.24 -33.15 13.49
N PRO D 155 22.26 -32.96 14.38
CA PRO D 155 22.07 -32.14 15.58
C PRO D 155 21.57 -30.73 15.26
N SER D 156 22.05 -30.18 14.15
CA SER D 156 21.75 -28.80 13.81
C SER D 156 20.24 -28.63 13.60
N ILE D 157 19.69 -29.43 12.70
CA ILE D 157 18.29 -29.28 12.35
C ILE D 157 17.44 -29.96 13.43
N GLY D 158 18.03 -30.93 14.13
CA GLY D 158 17.42 -31.50 15.33
C GLY D 158 17.09 -30.41 16.36
N LEU D 159 18.09 -29.58 16.71
CA LEU D 159 17.87 -28.47 17.65
C LEU D 159 16.81 -27.53 17.08
N PHE D 160 16.90 -27.23 15.77
CA PHE D 160 15.89 -26.40 15.13
C PHE D 160 14.50 -26.99 15.40
N GLY D 161 14.32 -28.29 15.10
CA GLY D 161 13.01 -28.90 15.32
C GLY D 161 12.58 -28.85 16.79
N LYS D 162 13.52 -29.09 17.71
CA LYS D 162 13.23 -29.01 19.15
C LYS D 162 12.66 -27.63 19.50
N VAL D 163 13.26 -26.59 18.91
CA VAL D 163 12.86 -25.21 19.16
C VAL D 163 11.48 -24.93 18.57
N VAL D 164 11.21 -25.46 17.37
CA VAL D 164 9.90 -25.27 16.74
C VAL D 164 8.84 -25.88 17.66
N ALA D 165 9.16 -27.07 18.19
CA ALA D 165 8.28 -27.77 19.11
C ALA D 165 8.01 -26.94 20.37
N LEU D 166 9.05 -26.41 21.00
CA LEU D 166 8.86 -25.61 22.20
C LEU D 166 7.99 -24.38 21.91
N SER D 167 8.22 -23.71 20.78
CA SER D 167 7.41 -22.54 20.42
C SER D 167 5.93 -22.88 20.28
N MET D 168 5.59 -24.16 20.06
CA MET D 168 4.20 -24.52 19.83
C MET D 168 3.64 -25.27 21.04
N ASN D 169 4.42 -25.31 22.14
CA ASN D 169 4.05 -25.82 23.45
C ASN D 169 3.67 -27.30 23.42
N LYS D 170 4.30 -28.08 22.55
CA LYS D 170 4.02 -29.50 22.47
C LYS D 170 5.27 -30.24 21.97
N PRO D 171 5.47 -31.53 22.35
CA PRO D 171 6.63 -32.28 21.87
C PRO D 171 6.60 -32.36 20.35
N PHE D 172 7.79 -32.49 19.74
CA PHE D 172 7.92 -32.49 18.29
C PHE D 172 6.99 -33.53 17.62
N ASP D 173 6.88 -34.71 18.25
CA ASP D 173 6.12 -35.81 17.67
C ASP D 173 4.68 -35.37 17.48
N GLN D 174 4.18 -34.57 18.43
CA GLN D 174 2.83 -34.04 18.42
C GLN D 174 2.72 -32.91 17.39
N VAL D 175 3.80 -32.14 17.18
CA VAL D 175 3.75 -31.08 16.19
C VAL D 175 3.39 -31.65 14.83
N LEU D 176 4.05 -32.76 14.47
CA LEU D 176 3.83 -33.38 13.18
C LEU D 176 2.50 -34.14 13.19
N GLU D 177 2.25 -34.97 14.21
CA GLU D 177 1.14 -35.92 14.16
C GLU D 177 -0.22 -35.25 14.35
N LYS D 178 -0.23 -34.13 15.08
CA LYS D 178 -1.46 -33.45 15.48
C LYS D 178 -1.69 -32.20 14.64
N THR D 179 -0.64 -31.62 14.04
CA THR D 179 -0.82 -30.34 13.34
C THR D 179 -0.45 -30.48 11.87
N ILE D 180 0.82 -30.82 11.60
CA ILE D 180 1.39 -30.69 10.26
C ILE D 180 0.89 -31.79 9.34
N PHE D 181 0.88 -33.06 9.81
CA PHE D 181 0.39 -34.09 8.91
C PHE D 181 -1.09 -33.85 8.59
N PRO D 182 -1.97 -33.59 9.61
CA PRO D 182 -3.37 -33.22 9.34
C PRO D 182 -3.54 -32.08 8.32
N ALA D 183 -2.73 -31.02 8.44
CA ALA D 183 -2.85 -29.87 7.55
C ALA D 183 -2.50 -30.26 6.12
N LEU D 184 -1.61 -31.25 5.96
CA LEU D 184 -1.19 -31.69 4.64
C LEU D 184 -2.13 -32.80 4.17
N GLY D 185 -3.08 -33.19 5.03
CA GLY D 185 -4.04 -34.26 4.78
C GLY D 185 -3.36 -35.63 4.62
N LEU D 186 -2.30 -35.87 5.42
CA LEU D 186 -1.62 -37.15 5.43
C LEU D 186 -2.20 -37.97 6.58
N LYS D 187 -2.66 -39.18 6.25
CA LYS D 187 -3.35 -40.02 7.21
C LYS D 187 -2.47 -41.20 7.64
N HIS D 188 -1.38 -41.46 6.91
CA HIS D 188 -0.57 -42.62 7.23
C HIS D 188 0.91 -42.25 7.39
N SER D 189 1.17 -41.06 7.97
CA SER D 189 2.53 -40.59 8.27
C SER D 189 2.71 -40.43 9.78
N TYR D 190 3.87 -40.86 10.30
CA TYR D 190 4.09 -40.98 11.72
C TYR D 190 5.52 -40.63 12.11
N VAL D 191 5.67 -40.09 13.33
CA VAL D 191 6.93 -40.13 14.05
C VAL D 191 6.99 -41.45 14.80
N ASN D 192 5.87 -41.76 15.45
CA ASN D 192 5.77 -43.05 16.16
C ASN D 192 4.66 -43.86 15.49
N VAL D 193 5.01 -45.04 14.96
CA VAL D 193 4.02 -45.88 14.30
C VAL D 193 3.14 -46.53 15.37
N PRO D 194 1.81 -46.29 15.38
CA PRO D 194 0.94 -46.87 16.42
C PRO D 194 0.74 -48.37 16.26
N LYS D 195 0.31 -49.02 17.35
CA LYS D 195 0.16 -50.46 17.42
C LYS D 195 -0.71 -50.92 16.25
N THR D 196 -1.76 -50.15 15.95
CA THR D 196 -2.73 -50.45 14.92
C THR D 196 -2.11 -50.41 13.51
N GLN D 197 -0.92 -49.83 13.38
CA GLN D 197 -0.30 -49.71 12.07
C GLN D 197 1.01 -50.51 11.97
N MET D 198 1.39 -51.22 13.03
CA MET D 198 2.63 -51.98 12.99
C MET D 198 2.68 -53.01 11.86
N GLN D 199 1.53 -53.58 11.50
CA GLN D 199 1.51 -54.64 10.49
C GLN D 199 1.78 -54.07 9.10
N ASN D 200 1.65 -52.74 8.96
CA ASN D 200 1.94 -52.03 7.71
C ASN D 200 3.38 -51.51 7.65
N TYR D 201 4.11 -51.61 8.76
CA TYR D 201 5.44 -51.00 8.88
C TYR D 201 6.44 -51.98 8.31
N ALA D 202 7.08 -51.58 7.19
CA ALA D 202 8.03 -52.46 6.53
C ALA D 202 9.20 -52.72 7.46
N PHE D 203 9.85 -53.86 7.28
CA PHE D 203 11.20 -54.01 7.78
C PHE D 203 12.16 -53.37 6.78
N GLY D 204 13.18 -52.69 7.30
CA GLY D 204 14.33 -52.40 6.48
C GLY D 204 15.25 -53.62 6.42
N TYR D 205 16.20 -53.60 5.50
CA TYR D 205 17.14 -54.73 5.40
C TYR D 205 18.54 -54.16 5.27
N ASN D 206 19.48 -54.70 6.05
CA ASN D 206 20.86 -54.25 6.00
C ASN D 206 21.58 -54.96 4.85
N GLN D 207 22.90 -54.73 4.75
CA GLN D 207 23.66 -55.25 3.63
C GLN D 207 23.71 -56.78 3.65
N GLU D 208 23.36 -57.41 4.79
CA GLU D 208 23.33 -58.87 4.87
C GLU D 208 21.91 -59.40 4.73
N ASN D 209 20.99 -58.53 4.31
CA ASN D 209 19.55 -58.78 4.20
C ASN D 209 18.96 -59.34 5.49
N GLN D 210 19.41 -58.81 6.61
CA GLN D 210 18.76 -59.03 7.88
C GLN D 210 17.80 -57.87 8.10
N PRO D 211 16.61 -58.14 8.70
CA PRO D 211 15.68 -57.07 9.02
C PRO D 211 16.24 -56.10 10.06
N ILE D 212 15.92 -54.83 9.89
CA ILE D 212 16.39 -53.78 10.76
C ILE D 212 15.39 -52.64 10.67
N ARG D 213 15.32 -51.87 11.75
CA ARG D 213 14.54 -50.65 11.79
C ARG D 213 15.38 -49.61 12.53
N VAL D 214 14.96 -48.35 12.41
CA VAL D 214 15.75 -47.26 12.97
C VAL D 214 15.69 -47.36 14.51
N ASN D 215 16.84 -47.15 15.16
CA ASN D 215 16.95 -47.13 16.62
C ASN D 215 16.55 -45.75 17.14
N PRO D 216 15.94 -45.63 18.36
CA PRO D 216 15.73 -44.31 18.96
C PRO D 216 17.11 -43.66 19.14
N GLY D 217 17.13 -42.33 19.06
CA GLY D 217 18.39 -41.61 19.09
C GLY D 217 18.13 -40.15 19.44
N PRO D 218 19.17 -39.39 19.80
CA PRO D 218 18.99 -38.02 20.28
C PRO D 218 18.47 -37.12 19.16
N LEU D 219 17.38 -36.38 19.45
CA LEU D 219 16.63 -35.57 18.50
C LEU D 219 16.46 -36.27 17.16
N ASP D 220 16.12 -37.57 17.22
CA ASP D 220 15.96 -38.36 16.01
C ASP D 220 14.80 -37.85 15.14
N ALA D 221 13.66 -37.54 15.75
CA ALA D 221 12.43 -37.31 15.00
C ALA D 221 12.59 -36.20 13.94
N PRO D 222 13.05 -34.99 14.31
CA PRO D 222 13.21 -33.90 13.33
C PRO D 222 14.31 -34.12 12.29
N ALA D 223 15.27 -35.00 12.59
CA ALA D 223 16.39 -35.20 11.69
C ALA D 223 16.12 -36.36 10.71
N TYR D 224 15.53 -37.48 11.17
CA TYR D 224 15.45 -38.64 10.29
C TYR D 224 14.37 -39.62 10.75
N GLY D 225 13.37 -39.13 11.50
CA GLY D 225 12.54 -40.05 12.26
C GLY D 225 11.12 -40.23 11.74
N VAL D 226 10.84 -39.77 10.52
CA VAL D 226 9.47 -39.86 10.01
C VAL D 226 9.31 -41.11 9.17
N LYS D 227 8.12 -41.73 9.25
CA LYS D 227 7.75 -42.88 8.43
C LYS D 227 6.48 -42.54 7.66
N SER D 228 6.37 -43.07 6.42
CA SER D 228 5.26 -42.71 5.54
C SER D 228 4.94 -43.76 4.47
N THR D 229 3.79 -43.62 3.81
CA THR D 229 3.46 -44.50 2.69
C THR D 229 3.68 -43.77 1.37
N LEU D 230 3.67 -44.52 0.27
CA LEU D 230 3.85 -43.90 -1.05
C LEU D 230 2.67 -42.96 -1.33
N PRO D 231 1.40 -43.33 -1.07
CA PRO D 231 0.28 -42.40 -1.30
C PRO D 231 0.44 -41.10 -0.52
N ASP D 232 0.85 -41.16 0.75
CA ASP D 232 1.07 -39.95 1.53
C ASP D 232 2.23 -39.12 0.99
N MET D 233 3.27 -39.77 0.47
CA MET D 233 4.44 -39.04 -0.02
C MET D 233 4.10 -38.38 -1.36
N LEU D 234 3.25 -39.03 -2.17
CA LEU D 234 2.79 -38.40 -3.41
C LEU D 234 1.90 -37.20 -3.09
N SER D 235 1.11 -37.28 -2.00
CA SER D 235 0.27 -36.16 -1.58
C SER D 235 1.15 -35.01 -1.12
N PHE D 236 2.24 -35.35 -0.41
CA PHE D 236 3.21 -34.35 0.01
C PHE D 236 3.82 -33.64 -1.20
N ILE D 237 4.24 -34.38 -2.24
CA ILE D 237 4.83 -33.74 -3.42
C ILE D 237 3.78 -32.90 -4.15
N HIS D 238 2.52 -33.39 -4.16
CA HIS D 238 1.41 -32.65 -4.73
C HIS D 238 1.28 -31.28 -4.04
N ALA D 239 1.35 -31.30 -2.70
CA ALA D 239 1.30 -30.10 -1.88
C ALA D 239 2.45 -29.14 -2.22
N ASN D 240 3.65 -29.71 -2.51
CA ASN D 240 4.81 -28.90 -2.86
C ASN D 240 4.64 -28.33 -4.27
N LEU D 241 3.98 -29.09 -5.14
CA LEU D 241 3.79 -28.70 -6.54
C LEU D 241 2.70 -27.63 -6.67
N ASN D 242 1.72 -27.63 -5.76
CA ASN D 242 0.50 -26.83 -5.90
C ASN D 242 0.08 -26.30 -4.53
N PRO D 243 0.92 -25.46 -3.88
CA PRO D 243 0.66 -24.99 -2.52
C PRO D 243 -0.59 -24.14 -2.37
N GLN D 244 -0.99 -23.46 -3.46
CA GLN D 244 -2.16 -22.59 -3.45
C GLN D 244 -3.42 -23.39 -3.11
N LYS D 245 -3.45 -24.67 -3.50
CA LYS D 245 -4.63 -25.48 -3.29
C LYS D 245 -4.84 -25.78 -1.81
N TYR D 246 -3.92 -25.32 -0.94
CA TYR D 246 -3.95 -25.66 0.47
C TYR D 246 -4.40 -24.45 1.30
N PRO D 247 -4.99 -24.66 2.51
CA PRO D 247 -5.30 -23.56 3.42
C PRO D 247 -4.04 -22.74 3.68
N THR D 248 -4.24 -21.54 4.25
CA THR D 248 -3.25 -20.48 4.35
C THR D 248 -2.00 -20.95 5.09
N ASP D 249 -2.19 -21.41 6.34
CA ASP D 249 -1.12 -21.72 7.27
C ASP D 249 -0.15 -22.74 6.68
N ILE D 250 -0.69 -23.80 6.05
CA ILE D 250 0.10 -24.88 5.45
C ILE D 250 0.68 -24.44 4.10
N GLN D 251 -0.06 -23.60 3.37
CA GLN D 251 0.39 -23.03 2.10
C GLN D 251 1.62 -22.15 2.30
N ARG D 252 1.54 -21.23 3.27
CA ARG D 252 2.67 -20.38 3.62
C ARG D 252 3.89 -21.23 4.00
N ALA D 253 3.66 -22.26 4.83
CA ALA D 253 4.70 -23.14 5.32
C ALA D 253 5.43 -23.81 4.15
N ILE D 254 4.65 -24.34 3.18
CA ILE D 254 5.20 -25.03 2.03
C ILE D 254 6.11 -24.06 1.26
N ASN D 255 5.56 -22.88 0.95
CA ASN D 255 6.28 -21.83 0.23
C ASN D 255 7.60 -21.49 0.90
N GLU D 256 7.57 -21.37 2.24
CA GLU D 256 8.71 -21.02 3.06
C GLU D 256 9.88 -22.00 2.81
N THR D 257 9.56 -23.27 2.59
CA THR D 257 10.56 -24.31 2.35
C THR D 257 11.19 -24.20 0.95
N HIS D 258 10.59 -23.41 0.06
CA HIS D 258 11.06 -23.36 -1.31
C HIS D 258 12.04 -22.20 -1.56
N GLN D 259 12.12 -21.26 -0.62
CA GLN D 259 13.01 -20.11 -0.70
C GLN D 259 14.46 -20.55 -0.50
N GLY D 260 15.30 -20.36 -1.53
CA GLY D 260 16.74 -20.48 -1.35
C GLY D 260 17.26 -19.51 -0.27
N ARG D 261 18.17 -20.00 0.59
CA ARG D 261 18.74 -19.21 1.67
C ARG D 261 20.19 -18.81 1.36
N TYR D 262 20.90 -19.64 0.57
CA TYR D 262 22.29 -19.39 0.18
C TYR D 262 22.68 -20.37 -0.91
N GLN D 263 23.93 -20.25 -1.41
CA GLN D 263 24.35 -21.10 -2.50
C GLN D 263 25.65 -21.80 -2.13
N VAL D 264 25.78 -23.06 -2.58
CA VAL D 264 27.06 -23.74 -2.59
C VAL D 264 27.26 -24.31 -3.98
N ASN D 265 27.98 -23.55 -4.82
CA ASN D 265 28.21 -23.95 -6.19
C ASN D 265 26.87 -24.00 -6.93
N THR D 266 26.48 -25.17 -7.45
CA THR D 266 25.27 -25.26 -8.26
C THR D 266 24.03 -25.60 -7.42
N MET D 267 24.22 -25.78 -6.11
CA MET D 267 23.12 -26.16 -5.24
C MET D 267 22.72 -24.96 -4.40
N TYR D 268 21.42 -24.72 -4.32
CA TYR D 268 20.88 -23.71 -3.42
C TYR D 268 20.27 -24.42 -2.21
N GLN D 269 20.59 -23.93 -1.00
CA GLN D 269 20.06 -24.57 0.20
C GLN D 269 18.77 -23.87 0.58
N ALA D 270 17.65 -24.56 0.37
CA ALA D 270 16.36 -24.10 0.89
C ALA D 270 16.18 -24.72 2.28
N LEU D 271 15.00 -24.51 2.87
CA LEU D 271 14.68 -25.12 4.16
C LEU D 271 14.33 -26.58 3.88
N GLY D 272 15.21 -27.48 4.30
CA GLY D 272 15.09 -28.90 4.01
C GLY D 272 15.50 -29.26 2.59
N TRP D 273 14.73 -28.74 1.62
CA TRP D 273 14.91 -29.02 0.19
C TRP D 273 16.25 -28.48 -0.30
N GLU D 274 16.90 -29.26 -1.17
CA GLU D 274 17.96 -28.78 -2.04
C GLU D 274 17.29 -28.28 -3.33
N GLU D 275 17.82 -27.16 -3.84
CA GLU D 275 17.21 -26.41 -4.93
C GLU D 275 18.25 -26.20 -6.02
N PHE D 276 17.80 -26.27 -7.28
CA PHE D 276 18.66 -26.19 -8.44
C PHE D 276 17.97 -25.36 -9.51
N SER D 277 18.78 -24.74 -10.38
CA SER D 277 18.26 -24.16 -11.60
C SER D 277 17.79 -25.29 -12.52
N TYR D 278 16.54 -25.16 -12.99
CA TYR D 278 15.96 -26.06 -13.97
C TYR D 278 16.05 -25.39 -15.35
N PRO D 279 16.55 -26.12 -16.36
CA PRO D 279 16.84 -27.54 -16.27
C PRO D 279 18.18 -27.82 -15.57
N ALA D 280 18.22 -28.92 -14.80
CA ALA D 280 19.47 -29.33 -14.17
C ALA D 280 20.04 -30.51 -14.95
N THR D 281 21.37 -30.55 -15.12
CA THR D 281 21.97 -31.76 -15.67
C THR D 281 21.97 -32.88 -14.62
N LEU D 282 22.16 -34.13 -15.07
CA LEU D 282 22.27 -35.26 -14.15
C LEU D 282 23.48 -35.04 -13.26
N GLN D 283 24.59 -34.57 -13.85
CA GLN D 283 25.82 -34.36 -13.10
C GLN D 283 25.62 -33.34 -11.99
N THR D 284 24.87 -32.26 -12.26
CA THR D 284 24.58 -31.28 -11.20
C THR D 284 23.87 -31.98 -10.04
N LEU D 285 22.89 -32.81 -10.37
CA LEU D 285 22.10 -33.40 -9.32
C LEU D 285 22.95 -34.41 -8.52
N LEU D 286 23.81 -35.17 -9.22
CA LEU D 286 24.72 -36.07 -8.54
C LEU D 286 25.66 -35.30 -7.62
N ASP D 287 26.20 -34.18 -8.11
CA ASP D 287 27.18 -33.38 -7.37
C ASP D 287 26.62 -32.92 -6.02
N SER D 288 25.31 -32.66 -5.96
CA SER D 288 24.64 -32.19 -4.76
C SER D 288 24.87 -33.15 -3.58
N ASN D 289 25.11 -34.43 -3.88
CA ASN D 289 25.23 -35.45 -2.85
C ASN D 289 26.62 -36.10 -2.83
N SER D 290 27.64 -35.35 -3.28
CA SER D 290 29.03 -35.77 -3.21
C SER D 290 29.52 -35.80 -1.76
N GLU D 291 30.56 -36.60 -1.50
CA GLU D 291 31.23 -36.64 -0.22
C GLU D 291 31.55 -35.23 0.26
N GLN D 292 32.01 -34.36 -0.66
CA GLN D 292 32.44 -33.01 -0.31
C GLN D 292 31.29 -32.20 0.27
N ILE D 293 30.09 -32.32 -0.34
CA ILE D 293 28.95 -31.51 0.07
C ILE D 293 28.34 -32.08 1.34
N VAL D 294 28.28 -33.42 1.41
CA VAL D 294 27.53 -34.10 2.46
C VAL D 294 28.33 -34.14 3.77
N MET D 295 29.66 -34.28 3.66
CA MET D 295 30.47 -34.72 4.77
C MET D 295 31.42 -33.62 5.26
N LYS D 296 31.69 -32.62 4.42
CA LYS D 296 32.71 -31.62 4.73
C LYS D 296 32.07 -30.24 4.89
N PRO D 297 32.73 -29.30 5.61
CA PRO D 297 32.24 -27.93 5.65
C PRO D 297 32.51 -27.25 4.31
N ASN D 298 31.58 -26.39 3.86
CA ASN D 298 31.71 -25.67 2.60
C ASN D 298 31.26 -24.22 2.79
N LYS D 299 32.10 -23.28 2.35
CA LYS D 299 31.80 -21.87 2.54
C LYS D 299 30.57 -21.53 1.69
N VAL D 300 29.65 -20.76 2.25
CA VAL D 300 28.41 -20.46 1.57
C VAL D 300 28.53 -19.09 0.89
N THR D 301 27.74 -18.90 -0.18
CA THR D 301 27.64 -17.62 -0.86
C THR D 301 26.20 -17.12 -0.78
N ALA D 302 26.03 -15.87 -0.38
CA ALA D 302 24.74 -15.22 -0.35
C ALA D 302 24.08 -15.25 -1.74
N ILE D 303 22.75 -15.36 -1.74
CA ILE D 303 21.95 -15.39 -2.94
C ILE D 303 21.86 -13.94 -3.43
N SER D 304 22.28 -13.72 -4.69
CA SER D 304 22.15 -12.42 -5.32
C SER D 304 20.76 -12.29 -5.94
N LYS D 305 20.52 -13.05 -7.03
CA LYS D 305 19.19 -13.33 -7.52
C LYS D 305 18.95 -14.85 -7.36
N GLU D 306 17.68 -15.26 -7.33
CA GLU D 306 17.32 -16.68 -7.30
C GLU D 306 17.14 -17.17 -8.73
N PRO D 307 17.40 -18.46 -9.05
CA PRO D 307 17.00 -19.00 -10.36
C PRO D 307 15.54 -18.69 -10.66
N SER D 308 15.26 -18.44 -11.93
CA SER D 308 13.93 -18.13 -12.41
C SER D 308 13.08 -19.40 -12.38
N VAL D 309 13.65 -20.49 -12.91
CA VAL D 309 13.01 -21.79 -12.97
C VAL D 309 13.83 -22.75 -12.11
N LYS D 310 13.14 -23.44 -11.18
CA LYS D 310 13.80 -24.23 -10.15
C LYS D 310 13.28 -25.65 -10.13
N MET D 311 14.09 -26.56 -9.57
CA MET D 311 13.62 -27.89 -9.23
C MET D 311 14.26 -28.22 -7.90
N TYR D 312 13.72 -29.24 -7.21
CA TYR D 312 14.12 -29.51 -5.84
C TYR D 312 14.24 -31.00 -5.63
N HIS D 313 15.16 -31.42 -4.74
CA HIS D 313 15.17 -32.82 -4.38
C HIS D 313 15.63 -33.00 -2.93
N LYS D 314 15.55 -34.26 -2.47
CA LYS D 314 16.13 -34.64 -1.19
C LYS D 314 16.29 -36.17 -1.17
N THR D 315 17.47 -36.65 -0.74
CA THR D 315 17.69 -38.07 -0.55
C THR D 315 17.44 -38.33 0.95
N GLY D 316 17.24 -39.61 1.28
CA GLY D 316 17.09 -39.98 2.69
C GLY D 316 17.55 -41.41 2.86
N SER D 317 18.27 -41.68 3.96
CA SER D 317 18.65 -43.06 4.24
C SER D 317 18.52 -43.30 5.74
N THR D 318 18.14 -44.52 6.08
CA THR D 318 18.39 -45.08 7.41
C THR D 318 19.12 -46.40 7.18
N SER D 319 19.43 -47.11 8.27
CA SER D 319 20.25 -48.30 8.14
C SER D 319 19.61 -49.25 7.13
N GLY D 320 18.28 -49.28 7.08
CA GLY D 320 17.61 -50.29 6.26
C GLY D 320 16.72 -49.70 5.15
N PHE D 321 16.75 -48.37 4.94
CA PHE D 321 15.81 -47.80 3.99
C PHE D 321 16.44 -46.69 3.14
N GLY D 322 16.02 -46.62 1.88
CA GLY D 322 16.46 -45.57 0.97
C GLY D 322 15.26 -44.76 0.48
N THR D 323 15.43 -43.44 0.40
CA THR D 323 14.37 -42.57 -0.05
C THR D 323 14.98 -41.61 -1.08
N TYR D 324 14.16 -41.20 -2.07
CA TYR D 324 14.46 -40.04 -2.91
C TYR D 324 13.15 -39.40 -3.35
N VAL D 325 13.04 -38.08 -3.16
CA VAL D 325 11.92 -37.27 -3.61
C VAL D 325 12.44 -36.12 -4.48
N VAL D 326 11.69 -35.80 -5.55
CA VAL D 326 12.13 -34.78 -6.50
C VAL D 326 10.88 -34.16 -7.10
N PHE D 327 10.85 -32.84 -7.27
CA PHE D 327 9.78 -32.26 -8.06
C PHE D 327 10.29 -31.08 -8.91
N ILE D 328 9.52 -30.77 -9.96
CA ILE D 328 9.82 -29.70 -10.89
C ILE D 328 8.52 -28.95 -11.16
N PRO D 329 8.25 -27.79 -10.49
CA PRO D 329 6.99 -27.06 -10.67
C PRO D 329 6.61 -26.69 -12.10
N LYS D 330 7.62 -26.35 -12.92
CA LYS D 330 7.40 -25.93 -14.31
C LYS D 330 6.72 -27.04 -15.11
N GLU D 331 7.16 -28.29 -14.91
CA GLU D 331 6.62 -29.42 -15.66
C GLU D 331 5.46 -30.07 -14.90
N ASN D 332 5.11 -29.50 -13.75
CA ASN D 332 4.05 -29.99 -12.86
C ASN D 332 4.23 -31.50 -12.60
N ILE D 333 5.45 -31.91 -12.25
CA ILE D 333 5.76 -33.33 -12.16
C ILE D 333 6.63 -33.57 -10.92
N GLY D 334 6.58 -34.81 -10.40
CA GLY D 334 7.33 -35.21 -9.23
C GLY D 334 7.46 -36.72 -9.15
N LEU D 335 8.48 -37.21 -8.41
CA LEU D 335 8.71 -38.63 -8.24
C LEU D 335 9.12 -38.91 -6.80
N VAL D 336 8.66 -40.05 -6.28
CA VAL D 336 9.05 -40.57 -4.97
C VAL D 336 9.56 -42.01 -5.17
N MET D 337 10.72 -42.31 -4.56
CA MET D 337 11.23 -43.66 -4.51
C MET D 337 11.44 -44.04 -3.05
N LEU D 338 10.86 -45.18 -2.64
CA LEU D 338 11.02 -45.75 -1.30
C LEU D 338 11.48 -47.19 -1.45
N THR D 339 12.58 -47.54 -0.76
CA THR D 339 13.06 -48.90 -0.75
C THR D 339 13.31 -49.30 0.70
N ASN D 340 13.20 -50.61 0.96
CA ASN D 340 13.53 -51.13 2.27
C ASN D 340 14.88 -51.82 2.24
N LYS D 341 15.80 -51.28 1.42
CA LYS D 341 17.23 -51.47 1.52
C LYS D 341 17.87 -50.22 0.93
N ARG D 342 18.98 -49.75 1.53
CA ARG D 342 19.74 -48.65 0.98
C ARG D 342 20.33 -49.07 -0.37
N ILE D 343 20.24 -48.16 -1.35
CA ILE D 343 20.96 -48.29 -2.61
C ILE D 343 21.71 -46.98 -2.83
N PRO D 344 22.81 -46.96 -3.62
CA PRO D 344 23.61 -45.74 -3.75
C PRO D 344 22.72 -44.58 -4.20
N ASN D 345 22.97 -43.38 -3.65
CA ASN D 345 22.22 -42.20 -4.04
C ASN D 345 22.27 -41.96 -5.54
N GLU D 346 23.42 -42.28 -6.16
CA GLU D 346 23.63 -42.04 -7.59
C GLU D 346 22.58 -42.81 -8.40
N GLU D 347 22.28 -44.04 -7.97
CA GLU D 347 21.34 -44.92 -8.67
C GLU D 347 19.91 -44.38 -8.57
N ARG D 348 19.57 -43.78 -7.41
CA ARG D 348 18.26 -43.20 -7.18
C ARG D 348 18.07 -41.99 -8.11
N ILE D 349 19.06 -41.10 -8.10
CA ILE D 349 19.02 -39.83 -8.81
C ILE D 349 19.00 -40.11 -10.32
N LYS D 350 19.84 -41.04 -10.78
CA LYS D 350 19.94 -41.38 -12.19
C LYS D 350 18.64 -41.99 -12.71
N ALA D 351 18.07 -42.96 -11.97
CA ALA D 351 16.83 -43.61 -12.37
C ALA D 351 15.70 -42.59 -12.46
N ALA D 352 15.66 -41.65 -11.51
CA ALA D 352 14.57 -40.70 -11.51
C ALA D 352 14.70 -39.76 -12.71
N TYR D 353 15.95 -39.38 -12.99
CA TYR D 353 16.27 -38.46 -14.06
C TYR D 353 15.73 -39.03 -15.36
N VAL D 354 16.11 -40.27 -15.68
CA VAL D 354 15.71 -40.90 -16.93
C VAL D 354 14.20 -40.89 -17.02
N VAL D 355 13.52 -41.27 -15.92
CA VAL D 355 12.09 -41.46 -15.92
C VAL D 355 11.38 -40.14 -16.15
N LEU D 356 11.78 -39.13 -15.38
CA LEU D 356 11.10 -37.84 -15.41
C LEU D 356 11.36 -37.12 -16.74
N ASN D 357 12.51 -37.39 -17.36
CA ASN D 357 12.84 -36.73 -18.63
C ASN D 357 12.07 -37.37 -19.78
N ALA D 358 11.80 -38.68 -19.69
CA ALA D 358 11.15 -39.42 -20.76
C ALA D 358 9.63 -39.24 -20.74
N ILE D 359 9.07 -38.74 -19.62
CA ILE D 359 7.64 -38.68 -19.36
C ILE D 359 6.95 -37.65 -20.25
N LYS D 360 5.89 -38.08 -20.96
CA LYS D 360 5.09 -37.22 -21.82
C LYS D 360 4.13 -36.38 -20.95
C1 PKV E . -32.75 16.78 -19.67
C7 PKV E . -35.66 18.79 -19.06
C5 PKV E . -40.65 22.72 -15.35
C6 PKV E . -40.18 21.60 -14.66
O6 PKV E . -30.15 20.92 -20.17
C4 PKV E . -39.87 23.28 -16.40
O4 PKV E . -29.71 19.03 -21.61
C3 PKV E . -38.64 22.70 -16.74
O3 PKV E . -31.55 17.65 -17.58
C2 PKV E . -38.16 21.56 -16.06
O2 PKV E . -31.18 18.84 -19.33
P1 PKV E . -30.77 19.65 -20.68
O5 PKV E . -32.00 20.08 -21.51
B1 PKV E . -31.43 17.47 -19.08
N4 PKV E . -33.97 17.50 -19.41
N5 PKV E . -35.11 16.68 -19.53
N6 PKV E . -36.17 17.55 -19.28
C8 PKV E . -34.27 18.77 -19.15
C9 PKV E . -36.51 19.99 -18.76
N10 PKV E . -37.11 19.68 -17.46
S11 PKV E . -36.73 20.90 -16.48
O14 PKV E . -35.93 21.89 -17.16
O15 PKV E . -36.02 20.32 -15.39
C10 PKV E . -38.94 21.01 -15.03
C11 PKV E . -41.97 23.35 -14.98
N GLY F . -37.24 17.28 -13.35
CA GLY F . -36.96 16.01 -14.12
C GLY F . -36.51 16.29 -15.55
O GLY F . -37.34 16.40 -16.45
OXT GLY F . -35.31 16.41 -15.87
C1 PKV G . 10.70 14.68 -12.77
C7 PKV G . 7.58 16.10 -11.56
C5 PKV G . 2.96 19.93 -7.84
C6 PKV G . 3.67 20.58 -8.86
O6 PKV G . 12.99 19.02 -13.44
C4 PKV G . 3.54 18.82 -7.18
O4 PKV G . 11.05 18.09 -14.59
C3 PKV G . 4.83 18.36 -7.54
O3 PKV G . 12.17 15.69 -10.84
C2 PKV G . 5.55 19.03 -8.55
O2 PKV G . 12.05 16.87 -12.55
P1 PKV G . 12.36 17.69 -13.90
O5 PKV G . 13.30 17.08 -14.87
B1 PKV G . 12.03 15.46 -12.33
N4 PKV G . 9.43 15.15 -12.27
N5 PKV G . 8.44 14.15 -12.29
N6 PKV G . 7.28 14.80 -11.81
C8 PKV G . 8.94 16.32 -11.84
C9 PKV G . 6.60 17.11 -11.03
N10 PKV G . 6.72 17.06 -9.57
S11 PKV G . 7.00 18.53 -9.05
O14 PKV G . 8.05 18.54 -8.09
O15 PKV G . 7.41 19.39 -10.16
C10 PKV G . 4.94 20.12 -9.23
C11 PKV G . 1.58 20.45 -7.46
C1 PKV H . -15.84 9.36 24.69
C7 PKV H . -17.55 12.10 23.03
C5 PKV H . -19.00 16.72 17.59
C6 PKV H . -19.18 15.36 17.33
O6 PKV H . -16.70 7.26 22.28
C4 PKV H . -18.09 17.13 18.58
O4 PKV H . -15.08 5.98 23.72
C3 PKV H . -17.37 16.18 19.32
O3 PKV H . -13.51 10.14 23.85
C2 PKV H . -17.53 14.80 19.07
O2 PKV H . -14.34 8.30 22.95
P1 PKV H . -15.23 6.98 22.59
O5 PKV H . -14.57 6.42 21.33
B1 PKV H . -14.38 8.96 24.22
N4 PKV H . -16.48 10.54 24.13
N5 PKV H . -16.76 11.55 25.05
N6 PKV H . -17.43 12.53 24.32
C8 PKV H . -16.95 10.84 22.92
C9 PKV H . -18.17 12.87 21.88
N10 PKV H . -17.17 13.87 21.46
S11 PKV H . -16.70 13.70 19.92
O14 PKV H . -15.29 13.91 19.90
O15 PKV H . -16.93 12.38 19.36
C10 PKV H . -18.45 14.40 18.06
C11 PKV H . -19.78 17.76 16.81
N GLY I . -14.33 17.19 22.77
CA GLY I . -14.54 16.82 24.21
C GLY I . -15.36 15.55 24.39
O GLY I . -16.52 15.59 24.81
OXT GLY I . -14.88 14.43 24.20
C1 PKV J . 20.90 -38.20 7.09
C7 PKV J . 22.94 -41.05 7.91
C5 PKV J . 25.94 -47.70 7.56
C6 PKV J . 26.21 -46.67 6.63
O6 PKV J . 20.47 -36.58 3.75
C4 PKV J . 24.71 -47.70 8.24
O4 PKV J . 20.63 -38.77 2.34
C3 PKV J . 23.76 -46.70 7.99
O3 PKV J . 18.93 -39.75 6.47
C2 PKV J . 24.03 -45.66 7.07
O2 PKV J . 20.07 -38.93 4.74
P1 PKV J . 20.92 -38.02 3.66
O5 PKV J . 22.41 -38.08 3.95
B1 PKV J . 19.71 -38.50 6.07
N4 PKV J . 21.67 -39.33 7.58
N5 PKV J . 21.82 -39.39 8.96
N6 PKV J . 22.63 -40.52 9.13
C8 PKV J . 22.33 -40.29 6.93
C9 PKV J . 23.77 -42.27 7.66
N10 PKV J . 22.94 -43.43 7.99
S11 PKV J . 22.93 -44.50 6.79
O14 PKV J . 23.17 -43.89 5.52
O15 PKV J . 21.62 -45.05 6.81
C10 PKV J . 25.27 -45.67 6.39
C11 PKV J . 26.97 -48.79 7.82
N GLY K . 19.89 -45.19 10.63
CA GLY K . 19.54 -43.86 11.24
C GLY K . 20.41 -42.70 10.75
O GLY K . 20.12 -42.08 9.71
OXT GLY K . 21.39 -42.30 11.41
#